data_7Q7O
#
_entry.id   7Q7O
#
_cell.length_a   102.520
_cell.length_b   102.520
_cell.length_c   237.680
_cell.angle_alpha   90.000
_cell.angle_beta   90.000
_cell.angle_gamma   90.000
#
_symmetry.space_group_name_H-M   'P 42 21 2'
#
loop_
_entity.id
_entity.type
_entity.pdbx_description
1 polymer 'Reaction center protein H chain'
2 polymer 'Reaction center protein L chain'
3 polymer 'Reaction center protein M chain'
4 non-polymer 'LAURYL DIMETHYLAMINE-N-OXIDE'
5 non-polymer 'BACTERIOPHEOPHYTIN A'
6 non-polymer 'BACTERIOCHLOROPHYLL A'
7 non-polymer '(2R)-2,3-dihydroxypropyl (9Z)-octadec-9-enoate'
8 non-polymer UBIQUINONE-7
9 non-polymer 'FE (III) ION'
10 non-polymer 'PHOSPHATE ION'
11 non-polymer SPEROIDENONE
12 non-polymer 'CHLORIDE ION'
13 non-polymer 'CITRIC ACID'
14 water water
#
loop_
_entity_poly.entity_id
_entity_poly.type
_entity_poly.pdbx_seq_one_letter_code
_entity_poly.pdbx_strand_id
1 'polypeptide(L)'
;FDLASLAIYSFWIFLAGLIYYLQTENMREGYPLENEDGTPAANQGPFPLPKPKTFILPHGRGTLTVPGPESEDRPIALAR
TAVSEGFPHAPTGDPMKDGVGPASWVARRDLPELDGHGHNKIKPMKAAAGFHVSAGKNPIGLPVRGCDLEIAGKVVDIWV
DIPEQMARFLEVELKDGSTRLLPMQMVKVQSNRVHVNALSSDLFAGIPTIKSPTEVTLLEEDKICGYVAGGLMYAAPKRK
S
;
H
2 'polypeptide(L)'
;ALLSFERKYRVPGGTLVGGNLFDFWVGPFYVGFFGVATFFFAALGIILIAWSAVLQGTWNPQLISVYPPALEYGLGGAPL
AKGGLWQIITICATGAFVSWALREVEICRKLGIGYHIPFAFAFAILAYLTLVLFRPVMMGAWGYAFPYGIWTHLDWVSNT
GYTYGNFHYNPAHMIAITFFFTNALALALHGALVLSAANPEKGKEMRTPDHEDTFFRDLVGYSIGTLGIHRLGLLLSLSA
VFFSALCMIITGTIWFDQWVDWWQWWVKLPWWANIPGGING
;
L
3 'polypeptide(L)'
;AEYQNIFTQVQVRGPADLGMTEDVNLANRSGVGPFSTLLGWFGNAQLGPIYLGSLGVLSLFSGLMWFFTIGIWFWYQAGW
NPAVFLRDLFFFSLEPPAPEYGLSFAAPLKEGGLWLIASFFMFVAVWSWWGRTYLRAQALGMGKHTAWAFLSAIWLWMVL
GFIRPILMGSWSEAVPYGIFSHLDWTNNFSLVHGNLHYNPFHGLSIAFLYGSALLFAMHGATILAVSRFGGERELEQIAD
RGTAAERAALFWRWTMGFNATMEGIHRWAIWMAVLVTLTGGIGILLSGTVVDNWYVWGQNHG
;
M
#
loop_
_chem_comp.id
_chem_comp.type
_chem_comp.name
_chem_comp.formula
BCL non-polymer 'BACTERIOCHLOROPHYLL A' 'C55 H74 Mg N4 O6'
BPH non-polymer 'BACTERIOPHEOPHYTIN A' 'C55 H76 N4 O6'
CIT non-polymer 'CITRIC ACID' 'C6 H8 O7'
CL non-polymer 'CHLORIDE ION' 'Cl -1'
FE non-polymer 'FE (III) ION' 'Fe 3'
LDA non-polymer 'LAURYL DIMETHYLAMINE-N-OXIDE' 'C14 H31 N O'
OLC non-polymer '(2R)-2,3-dihydroxypropyl (9Z)-octadec-9-enoate' 'C21 H40 O4'
PO4 non-polymer 'PHOSPHATE ION' 'O4 P -3'
SPN non-polymer SPEROIDENONE 'C41 H70 O2'
UQ7 non-polymer UBIQUINONE-7 'C44 H66 O4'
#
# COMPACT_ATOMS: atom_id res chain seq x y z
N PHE A 1 -6.47 -38.80 2.08
CA PHE A 1 -7.04 -37.60 1.48
C PHE A 1 -8.10 -37.00 2.38
N ASP A 2 -7.66 -36.30 3.42
CA ASP A 2 -8.57 -35.74 4.41
C ASP A 2 -9.16 -34.41 3.93
N LEU A 3 -9.99 -33.81 4.78
CA LEU A 3 -10.67 -32.57 4.42
C LEU A 3 -9.68 -31.42 4.26
N ALA A 4 -8.61 -31.42 5.05
CA ALA A 4 -7.61 -30.35 4.93
C ALA A 4 -6.93 -30.38 3.57
N SER A 5 -6.51 -31.58 3.11
CA SER A 5 -5.90 -31.69 1.79
C SER A 5 -6.86 -31.22 0.71
N LEU A 6 -8.13 -31.62 0.79
CA LEU A 6 -9.12 -31.19 -0.19
C LEU A 6 -9.25 -29.67 -0.19
N ALA A 7 -9.17 -29.04 0.98
CA ALA A 7 -9.32 -27.60 1.07
C ALA A 7 -8.14 -26.88 0.42
N ILE A 8 -6.92 -27.28 0.75
CA ILE A 8 -5.75 -26.59 0.21
C ILE A 8 -5.63 -26.83 -1.29
N TYR A 9 -6.09 -27.97 -1.79
CA TYR A 9 -6.11 -28.20 -3.22
C TYR A 9 -7.16 -27.33 -3.89
N SER A 10 -8.37 -27.26 -3.31
CA SER A 10 -9.41 -26.40 -3.87
C SER A 10 -8.95 -24.95 -3.92
N PHE A 11 -8.26 -24.49 -2.87
CA PHE A 11 -7.86 -23.09 -2.83
C PHE A 11 -6.89 -22.76 -3.96
N TRP A 12 -5.90 -23.63 -4.19
CA TRP A 12 -4.94 -23.37 -5.26
C TRP A 12 -5.62 -23.33 -6.62
N ILE A 13 -6.66 -24.14 -6.81
CA ILE A 13 -7.44 -24.05 -8.03
C ILE A 13 -8.17 -22.70 -8.09
N PHE A 14 -8.79 -22.31 -6.97
CA PHE A 14 -9.46 -21.01 -6.92
C PHE A 14 -8.49 -19.88 -7.19
N LEU A 15 -7.28 -19.95 -6.64
CA LEU A 15 -6.31 -18.86 -6.79
C LEU A 15 -5.85 -18.73 -8.24
N ALA A 16 -5.70 -19.86 -8.95
CA ALA A 16 -5.29 -19.80 -10.35
C ALA A 16 -6.35 -19.10 -11.20
N GLY A 17 -7.62 -19.38 -10.93
CA GLY A 17 -8.69 -18.69 -11.64
C GLY A 17 -8.74 -17.21 -11.29
N LEU A 18 -8.48 -16.88 -10.02
CA LEU A 18 -8.46 -15.47 -9.61
C LEU A 18 -7.36 -14.71 -10.35
N ILE A 19 -6.17 -15.31 -10.45
CA ILE A 19 -5.06 -14.65 -11.14
C ILE A 19 -5.41 -14.45 -12.60
N TYR A 20 -5.94 -15.50 -13.25
CA TYR A 20 -6.37 -15.37 -14.63
C TYR A 20 -7.37 -14.22 -14.78
N TYR A 21 -8.29 -14.09 -13.83
CA TYR A 21 -9.29 -13.03 -13.89
C TYR A 21 -8.66 -11.67 -13.66
N LEU A 22 -7.81 -11.55 -12.64
CA LEU A 22 -7.18 -10.27 -12.34
C LEU A 22 -6.33 -9.78 -13.51
N GLN A 23 -5.62 -10.69 -14.16
CA GLN A 23 -4.71 -10.30 -15.24
C GLN A 23 -5.49 -9.84 -16.47
N THR A 24 -6.60 -10.51 -16.80
CA THR A 24 -7.41 -10.05 -17.91
C THR A 24 -8.04 -8.68 -17.61
N GLU A 25 -8.45 -8.45 -16.37
CA GLU A 25 -9.02 -7.16 -16.01
C GLU A 25 -8.01 -6.03 -16.20
N ASN A 26 -6.72 -6.35 -16.05
CA ASN A 26 -5.66 -5.36 -16.21
C ASN A 26 -5.18 -5.26 -17.65
N MET A 27 -5.96 -5.80 -18.60
CA MET A 27 -5.65 -5.72 -20.01
C MET A 27 -6.68 -4.90 -20.77
N ARG A 28 -7.46 -4.09 -20.07
CA ARG A 28 -8.48 -3.25 -20.69
C ARG A 28 -7.93 -1.95 -21.24
N GLU A 29 -6.64 -1.68 -21.08
CA GLU A 29 -6.00 -0.50 -21.64
C GLU A 29 -4.66 -0.91 -22.22
N GLY A 30 -4.31 -0.36 -23.38
CA GLY A 30 -3.02 -0.59 -23.98
C GLY A 30 -2.89 -1.86 -24.79
N TYR A 31 -3.90 -2.72 -24.79
CA TYR A 31 -3.89 -3.94 -25.57
C TYR A 31 -4.85 -3.80 -26.75
N PRO A 32 -4.68 -4.59 -27.81
CA PRO A 32 -3.63 -5.60 -28.03
C PRO A 32 -2.23 -4.99 -28.19
N LEU A 33 -1.21 -5.79 -27.90
CA LEU A 33 0.17 -5.35 -28.09
C LEU A 33 0.45 -5.11 -29.57
N GLU A 34 1.31 -4.13 -29.83
CA GLU A 34 1.64 -3.73 -31.19
C GLU A 34 3.13 -3.96 -31.44
N ASN A 35 3.47 -4.12 -32.73
CA ASN A 35 4.84 -4.02 -33.15
C ASN A 35 5.27 -2.56 -33.16
N GLU A 36 6.58 -2.33 -33.27
CA GLU A 36 7.10 -0.97 -33.23
C GLU A 36 6.66 -0.13 -34.43
N ASP A 37 6.01 -0.74 -35.42
CA ASP A 37 5.47 -0.02 -36.56
C ASP A 37 3.98 0.27 -36.44
N GLY A 38 3.35 -0.14 -35.34
CA GLY A 38 1.95 0.09 -35.10
C GLY A 38 1.05 -1.08 -35.42
N THR A 39 1.53 -2.07 -36.17
CA THR A 39 0.72 -3.23 -36.49
C THR A 39 0.56 -4.12 -35.27
N PRO A 40 -0.47 -4.96 -35.25
CA PRO A 40 -0.66 -5.88 -34.11
C PRO A 40 0.47 -6.89 -34.03
N ALA A 41 0.93 -7.13 -32.80
CA ALA A 41 1.98 -8.11 -32.57
C ALA A 41 1.42 -9.52 -32.71
N ALA A 42 2.23 -10.42 -33.25
CA ALA A 42 1.80 -11.81 -33.43
C ALA A 42 1.65 -12.51 -32.10
N ASN A 43 2.62 -12.36 -31.21
CA ASN A 43 2.58 -12.99 -29.88
C ASN A 43 1.88 -12.03 -28.93
N GLN A 44 0.63 -12.34 -28.60
CA GLN A 44 -0.18 -11.53 -27.70
C GLN A 44 -0.24 -12.08 -26.28
N GLY A 45 0.45 -13.19 -26.01
CA GLY A 45 0.46 -13.77 -24.68
C GLY A 45 -0.60 -14.84 -24.50
N PRO A 46 -0.55 -15.55 -23.37
CA PRO A 46 -1.50 -16.63 -23.12
C PRO A 46 -2.83 -16.15 -22.54
N PHE A 47 -2.95 -14.89 -22.18
CA PHE A 47 -4.18 -14.38 -21.60
C PHE A 47 -5.00 -13.68 -22.67
N PRO A 48 -6.27 -14.02 -22.84
CA PRO A 48 -7.09 -13.35 -23.86
C PRO A 48 -7.52 -11.96 -23.43
N LEU A 49 -7.95 -11.19 -24.41
CA LEU A 49 -8.46 -9.86 -24.13
C LEU A 49 -9.79 -9.96 -23.38
N PRO A 50 -10.05 -9.11 -22.39
CA PRO A 50 -11.32 -9.18 -21.68
C PRO A 50 -12.47 -8.69 -22.55
N LYS A 51 -13.67 -9.05 -22.14
CA LYS A 51 -14.84 -8.59 -22.87
C LYS A 51 -15.21 -7.18 -22.42
N PRO A 52 -15.76 -6.37 -23.32
CA PRO A 52 -15.94 -4.95 -23.01
C PRO A 52 -16.86 -4.74 -21.81
N LYS A 53 -16.51 -3.77 -20.98
CA LYS A 53 -17.38 -3.23 -19.94
C LYS A 53 -17.65 -1.77 -20.28
N THR A 54 -18.71 -1.23 -19.68
CA THR A 54 -19.14 0.14 -19.96
C THR A 54 -19.26 0.92 -18.66
N PHE A 55 -18.59 2.06 -18.60
CA PHE A 55 -18.83 3.05 -17.56
C PHE A 55 -19.74 4.14 -18.10
N ILE A 56 -20.72 4.53 -17.31
CA ILE A 56 -21.56 5.68 -17.63
C ILE A 56 -21.00 6.86 -16.85
N LEU A 57 -20.47 7.84 -17.57
CA LEU A 57 -19.81 8.98 -16.94
C LEU A 57 -20.86 9.99 -16.47
N PRO A 58 -20.66 10.61 -15.31
CA PRO A 58 -21.65 11.57 -14.81
C PRO A 58 -21.62 12.87 -15.59
N HIS A 59 -22.68 13.67 -15.38
CA HIS A 59 -22.80 15.00 -15.98
C HIS A 59 -22.96 14.93 -17.49
N GLY A 60 -23.60 13.88 -17.98
CA GLY A 60 -23.85 13.75 -19.41
C GLY A 60 -22.61 13.69 -20.26
N ARG A 61 -21.50 13.22 -19.70
CA ARG A 61 -20.23 13.19 -20.39
C ARG A 61 -20.07 11.95 -21.28
N GLY A 62 -21.11 11.14 -21.45
CA GLY A 62 -21.04 9.98 -22.31
C GLY A 62 -20.74 8.69 -21.56
N THR A 63 -20.31 7.70 -22.34
CA THR A 63 -19.95 6.39 -21.81
C THR A 63 -18.62 5.95 -22.38
N LEU A 64 -17.82 5.28 -21.56
CA LEU A 64 -16.55 4.71 -21.98
C LEU A 64 -16.67 3.19 -22.01
N THR A 65 -16.25 2.59 -23.11
CA THR A 65 -16.23 1.14 -23.25
C THR A 65 -14.79 0.69 -23.46
N VAL A 66 -14.29 -0.10 -22.51
CA VAL A 66 -12.95 -0.65 -22.58
C VAL A 66 -13.05 -2.17 -22.47
N PRO A 67 -12.30 -2.94 -23.28
CA PRO A 67 -11.36 -2.47 -24.30
C PRO A 67 -12.07 -1.94 -25.55
N GLY A 68 -11.38 -1.08 -26.28
CA GLY A 68 -11.87 -0.59 -27.54
C GLY A 68 -10.73 -0.16 -28.43
N PRO A 69 -11.01 0.10 -29.70
CA PRO A 69 -9.97 0.58 -30.61
C PRO A 69 -9.14 1.70 -29.99
N GLU A 70 -7.83 1.50 -29.92
CA GLU A 70 -6.91 2.45 -29.33
C GLU A 70 -6.42 3.43 -30.37
N SER A 71 -6.05 4.62 -29.92
CA SER A 71 -5.52 5.65 -30.82
C SER A 71 -4.83 6.72 -29.98
N GLU A 72 -3.64 7.13 -30.42
CA GLU A 72 -2.97 8.24 -29.75
C GLU A 72 -3.64 9.56 -30.07
N ASP A 73 -4.19 9.70 -31.27
CA ASP A 73 -4.86 10.92 -31.68
C ASP A 73 -3.93 12.12 -31.57
N ARG A 74 -2.68 11.93 -31.99
CA ARG A 74 -1.67 12.98 -32.00
C ARG A 74 -0.43 12.48 -32.72
N PRO A 75 0.32 13.37 -33.38
CA PRO A 75 1.56 12.94 -34.03
C PRO A 75 2.65 12.67 -32.99
N ILE A 76 3.52 11.72 -33.33
CA ILE A 76 4.65 11.33 -32.49
C ILE A 76 5.92 11.58 -33.28
N ALA A 77 6.71 12.56 -32.84
CA ALA A 77 7.91 12.98 -33.56
C ALA A 77 9.11 12.16 -33.10
N LEU A 78 9.06 10.86 -33.41
CA LEU A 78 10.13 9.94 -33.14
C LEU A 78 10.45 9.15 -34.40
N ALA A 79 11.64 8.54 -34.40
CA ALA A 79 12.08 7.73 -35.53
C ALA A 79 12.88 6.54 -35.02
N ARG A 80 12.78 5.42 -35.73
CA ARG A 80 13.53 4.22 -35.39
C ARG A 80 15.04 4.48 -35.45
N THR A 81 15.78 3.82 -34.56
CA THR A 81 17.23 3.86 -34.58
C THR A 81 17.84 2.50 -34.88
N ALA A 82 17.03 1.49 -35.19
CA ALA A 82 17.53 0.15 -35.42
C ALA A 82 16.49 -0.64 -36.19
N VAL A 83 16.97 -1.54 -37.05
CA VAL A 83 16.08 -2.41 -37.80
C VAL A 83 15.34 -3.35 -36.85
N SER A 84 16.08 -3.96 -35.92
CA SER A 84 15.50 -4.87 -34.95
C SER A 84 14.73 -4.10 -33.88
N GLU A 85 13.88 -4.83 -33.17
CA GLU A 85 13.07 -4.24 -32.12
C GLU A 85 13.83 -4.20 -30.80
N GLY A 86 13.42 -3.29 -29.93
CA GLY A 86 13.97 -3.20 -28.59
C GLY A 86 14.91 -2.02 -28.36
N PHE A 87 15.10 -1.16 -29.35
CA PHE A 87 16.00 -0.03 -29.20
C PHE A 87 15.24 1.29 -29.09
N PRO A 88 15.87 2.34 -28.57
CA PRO A 88 15.18 3.61 -28.41
C PRO A 88 14.75 4.18 -29.74
N HIS A 89 13.68 4.98 -29.69
CA HIS A 89 13.25 5.80 -30.82
C HIS A 89 13.66 7.24 -30.53
N ALA A 90 14.43 7.82 -31.44
CA ALA A 90 15.03 9.11 -31.16
C ALA A 90 14.10 10.24 -31.58
N PRO A 91 14.01 11.32 -30.79
CA PRO A 91 13.27 12.50 -31.22
C PRO A 91 13.82 13.04 -32.54
N THR A 92 12.90 13.45 -33.40
CA THR A 92 13.27 14.05 -34.68
C THR A 92 13.34 15.57 -34.61
N GLY A 93 12.73 16.17 -33.59
CA GLY A 93 12.76 17.61 -33.42
C GLY A 93 13.08 18.02 -32.00
N ASP A 94 12.29 18.94 -31.45
CA ASP A 94 12.46 19.39 -30.08
C ASP A 94 11.56 18.54 -29.20
N PRO A 95 12.08 17.64 -28.37
CA PRO A 95 11.18 16.73 -27.64
C PRO A 95 10.26 17.43 -26.66
N MET A 96 10.72 18.53 -26.04
CA MET A 96 9.85 19.28 -25.12
CA MET A 96 9.85 19.25 -25.12
C MET A 96 8.67 19.87 -25.86
N LYS A 97 8.90 20.46 -27.03
CA LYS A 97 7.82 21.05 -27.80
C LYS A 97 6.99 19.99 -28.49
N ASP A 98 7.61 18.89 -28.93
CA ASP A 98 6.89 17.81 -29.57
C ASP A 98 6.24 16.85 -28.59
N GLY A 99 6.46 17.04 -27.29
CA GLY A 99 5.81 16.24 -26.27
C GLY A 99 6.07 14.76 -26.41
N VAL A 100 7.34 14.37 -26.38
CA VAL A 100 7.74 12.97 -26.43
C VAL A 100 8.62 12.67 -25.22
N GLY A 101 8.83 11.38 -24.97
CA GLY A 101 9.65 10.94 -23.87
C GLY A 101 9.09 11.41 -22.54
N PRO A 102 9.96 11.86 -21.62
CA PRO A 102 9.47 12.39 -20.35
C PRO A 102 8.60 13.63 -20.51
N ALA A 103 8.60 14.26 -21.68
CA ALA A 103 7.73 15.38 -21.97
C ALA A 103 6.42 14.95 -22.63
N SER A 104 6.10 13.67 -22.57
CA SER A 104 4.90 13.16 -23.24
C SER A 104 3.64 13.65 -22.54
N TRP A 105 2.57 13.75 -23.33
CA TRP A 105 1.26 14.07 -22.83
C TRP A 105 0.24 13.25 -23.60
N VAL A 106 -0.84 12.91 -22.93
CA VAL A 106 -1.90 12.10 -23.54
C VAL A 106 -2.99 13.03 -24.05
N ALA A 107 -3.64 12.61 -25.13
CA ALA A 107 -4.73 13.37 -25.74
C ALA A 107 -6.03 13.11 -24.96
N ARG A 108 -6.07 13.65 -23.74
CA ARG A 108 -7.27 13.58 -22.93
C ARG A 108 -8.31 14.58 -23.45
N ARG A 109 -9.53 14.46 -22.94
N ARG A 109 -9.53 14.46 -22.93
CA ARG A 109 -10.60 15.34 -23.38
CA ARG A 109 -10.61 15.34 -23.34
C ARG A 109 -10.28 16.79 -23.03
C ARG A 109 -10.26 16.80 -23.03
N ASP A 110 -10.53 17.67 -24.00
CA ASP A 110 -10.29 19.10 -23.81
C ASP A 110 -11.39 19.71 -22.96
N LEU A 111 -11.60 19.15 -21.77
CA LEU A 111 -12.66 19.55 -20.86
C LEU A 111 -12.09 19.54 -19.45
N PRO A 112 -12.60 20.40 -18.57
CA PRO A 112 -12.15 20.36 -17.18
C PRO A 112 -12.79 19.20 -16.43
N GLU A 113 -12.04 18.68 -15.47
CA GLU A 113 -12.61 17.70 -14.54
C GLU A 113 -13.61 18.40 -13.64
N LEU A 114 -14.71 17.72 -13.34
CA LEU A 114 -15.79 18.29 -12.55
C LEU A 114 -15.86 17.57 -11.20
N ASP A 115 -16.47 18.26 -10.23
CA ASP A 115 -16.68 17.68 -8.91
C ASP A 115 -18.01 16.94 -8.92
N GLY A 116 -18.47 16.52 -7.73
CA GLY A 116 -19.72 15.77 -7.65
C GLY A 116 -20.95 16.56 -8.02
N HIS A 117 -20.87 17.89 -8.00
CA HIS A 117 -22.00 18.75 -8.30
C HIS A 117 -21.96 19.31 -9.71
N GLY A 118 -20.95 18.98 -10.49
CA GLY A 118 -20.85 19.45 -11.87
C GLY A 118 -20.09 20.74 -12.05
N HIS A 119 -19.43 21.24 -11.02
CA HIS A 119 -18.62 22.45 -11.09
C HIS A 119 -17.17 22.10 -11.31
N ASN A 120 -16.42 23.07 -11.83
CA ASN A 120 -15.00 22.87 -12.10
C ASN A 120 -14.28 22.44 -10.83
N LYS A 121 -13.57 21.32 -10.92
CA LYS A 121 -12.84 20.81 -9.76
C LYS A 121 -11.72 21.73 -9.36
N ILE A 122 -11.02 22.31 -10.34
CA ILE A 122 -9.85 23.15 -10.09
C ILE A 122 -10.18 24.58 -10.50
N LYS A 123 -9.84 25.54 -9.64
CA LYS A 123 -10.18 26.94 -9.85
C LYS A 123 -9.08 27.82 -9.28
N PRO A 124 -8.80 28.97 -9.90
CA PRO A 124 -7.87 29.91 -9.27
C PRO A 124 -8.46 30.44 -7.97
N MET A 125 -7.60 30.66 -6.97
CA MET A 125 -8.09 31.03 -5.65
C MET A 125 -8.84 32.36 -5.69
N LYS A 126 -8.41 33.30 -6.54
CA LYS A 126 -9.13 34.55 -6.70
C LYS A 126 -10.58 34.33 -7.11
N ALA A 127 -10.88 33.19 -7.72
CA ALA A 127 -12.25 32.86 -8.11
C ALA A 127 -12.89 31.83 -7.20
N ALA A 128 -12.25 31.48 -6.09
CA ALA A 128 -12.74 30.49 -5.15
C ALA A 128 -13.16 31.19 -3.87
N ALA A 129 -14.44 31.58 -3.80
CA ALA A 129 -14.95 32.32 -2.67
C ALA A 129 -14.67 31.58 -1.36
N GLY A 130 -13.88 32.19 -0.49
CA GLY A 130 -13.64 31.68 0.84
C GLY A 130 -12.31 30.98 1.04
N PHE A 131 -11.64 30.61 -0.05
CA PHE A 131 -10.40 29.85 0.06
C PHE A 131 -9.22 30.78 0.34
N HIS A 132 -8.27 30.28 1.13
CA HIS A 132 -7.12 31.06 1.54
C HIS A 132 -6.01 30.09 1.96
N VAL A 133 -4.85 30.66 2.25
CA VAL A 133 -3.72 29.89 2.77
C VAL A 133 -3.87 29.81 4.29
N SER A 134 -3.90 28.59 4.83
CA SER A 134 -4.14 28.37 6.24
C SER A 134 -2.89 27.93 7.01
N ALA A 135 -1.89 27.39 6.34
CA ALA A 135 -0.66 26.97 6.99
C ALA A 135 0.45 26.90 5.96
N GLY A 136 1.68 27.06 6.44
CA GLY A 136 2.83 27.10 5.57
C GLY A 136 3.10 28.50 5.05
N LYS A 137 4.04 28.57 4.11
CA LYS A 137 4.42 29.84 3.50
C LYS A 137 3.51 30.14 2.33
N ASN A 138 2.94 31.34 2.31
CA ASN A 138 2.12 31.78 1.19
C ASN A 138 3.03 32.17 0.03
N PRO A 139 2.99 31.47 -1.11
CA PRO A 139 3.92 31.80 -2.19
C PRO A 139 3.51 32.99 -3.04
N ILE A 140 2.28 33.48 -2.91
CA ILE A 140 1.84 34.59 -3.75
C ILE A 140 2.72 35.80 -3.49
N GLY A 141 3.26 36.37 -4.57
CA GLY A 141 4.17 37.48 -4.51
C GLY A 141 5.63 37.09 -4.60
N LEU A 142 5.96 35.86 -4.21
CA LEU A 142 7.34 35.43 -4.21
C LEU A 142 7.88 35.33 -5.64
N PRO A 143 9.17 35.61 -5.84
CA PRO A 143 9.77 35.38 -7.16
C PRO A 143 9.98 33.90 -7.43
N VAL A 144 9.81 33.52 -8.70
CA VAL A 144 9.98 32.14 -9.14
C VAL A 144 11.34 32.04 -9.82
N ARG A 145 12.16 31.09 -9.37
CA ARG A 145 13.53 30.95 -9.84
C ARG A 145 13.72 29.58 -10.49
N GLY A 146 14.41 29.59 -11.64
CA GLY A 146 14.67 28.37 -12.37
C GLY A 146 16.00 27.74 -12.01
N CYS A 147 16.27 26.59 -12.66
CA CYS A 147 17.47 25.83 -12.35
C CYS A 147 18.75 26.56 -12.76
N ASP A 148 18.64 27.60 -13.58
CA ASP A 148 19.77 28.46 -13.90
C ASP A 148 19.95 29.59 -12.89
N LEU A 149 19.19 29.57 -11.79
CA LEU A 149 19.28 30.57 -10.74
C LEU A 149 18.87 31.95 -11.22
N GLU A 150 18.13 32.02 -12.32
CA GLU A 150 17.53 33.26 -12.80
C GLU A 150 16.05 33.28 -12.43
N ILE A 151 15.50 34.49 -12.32
CA ILE A 151 14.10 34.66 -11.99
C ILE A 151 13.28 34.70 -13.28
N ALA A 152 12.21 33.90 -13.32
CA ALA A 152 11.33 33.84 -14.48
C ALA A 152 10.04 34.65 -14.30
N GLY A 153 9.67 34.96 -13.06
CA GLY A 153 8.43 35.65 -12.80
C GLY A 153 8.11 35.61 -11.33
N LYS A 154 6.88 35.97 -11.00
CA LYS A 154 6.42 35.94 -9.61
C LYS A 154 5.05 35.28 -9.53
N VAL A 155 4.81 34.60 -8.41
CA VAL A 155 3.55 33.91 -8.19
C VAL A 155 2.44 34.94 -7.99
N VAL A 156 1.35 34.79 -8.75
CA VAL A 156 0.23 35.72 -8.65
C VAL A 156 -1.04 35.06 -8.14
N ASP A 157 -1.15 33.74 -8.15
CA ASP A 157 -2.35 33.08 -7.66
C ASP A 157 -2.04 31.60 -7.46
N ILE A 158 -2.98 30.92 -6.82
CA ILE A 158 -2.90 29.48 -6.58
C ILE A 158 -4.17 28.85 -7.11
N TRP A 159 -4.03 27.78 -7.88
CA TRP A 159 -5.15 27.00 -8.36
C TRP A 159 -5.39 25.84 -7.40
N VAL A 160 -6.58 25.78 -6.82
CA VAL A 160 -6.88 24.88 -5.71
C VAL A 160 -7.86 23.81 -6.17
N ASP A 161 -7.64 22.60 -5.70
CA ASP A 161 -8.62 21.51 -5.82
C ASP A 161 -9.66 21.74 -4.74
N ILE A 162 -10.84 22.21 -5.13
CA ILE A 162 -11.82 22.66 -4.15
C ILE A 162 -12.36 21.48 -3.35
N PRO A 163 -12.86 20.41 -3.98
CA PRO A 163 -13.34 19.27 -3.18
C PRO A 163 -12.31 18.73 -2.20
N GLU A 164 -11.06 18.64 -2.61
CA GLU A 164 -9.99 18.12 -1.76
CA GLU A 164 -10.01 18.11 -1.74
C GLU A 164 -9.31 19.21 -0.93
N GLN A 165 -9.60 20.47 -1.20
CA GLN A 165 -8.98 21.60 -0.49
C GLN A 165 -7.46 21.46 -0.52
N MET A 166 -6.91 21.52 -1.72
CA MET A 166 -5.51 21.24 -1.96
C MET A 166 -5.01 22.16 -3.08
N ALA A 167 -3.79 22.65 -2.92
CA ALA A 167 -3.16 23.45 -3.96
C ALA A 167 -2.55 22.55 -5.02
N ARG A 168 -2.88 22.80 -6.28
CA ARG A 168 -2.42 21.96 -7.38
C ARG A 168 -1.51 22.67 -8.37
N PHE A 169 -1.71 23.97 -8.60
CA PHE A 169 -0.86 24.73 -9.50
C PHE A 169 -0.57 26.10 -8.90
N LEU A 170 0.60 26.62 -9.23
CA LEU A 170 0.92 28.02 -9.02
C LEU A 170 0.77 28.74 -10.36
N GLU A 171 0.02 29.84 -10.36
CA GLU A 171 -0.04 30.72 -11.53
C GLU A 171 1.11 31.70 -11.42
N VAL A 172 2.01 31.67 -12.40
CA VAL A 172 3.23 32.48 -12.40
C VAL A 172 3.15 33.51 -13.52
N GLU A 173 3.36 34.77 -13.17
CA GLU A 173 3.35 35.85 -14.16
C GLU A 173 4.75 36.00 -14.74
N LEU A 174 4.85 35.87 -16.07
CA LEU A 174 6.14 35.95 -16.74
C LEU A 174 6.53 37.41 -16.96
N LYS A 175 7.78 37.61 -17.37
CA LYS A 175 8.30 38.96 -17.58
C LYS A 175 7.50 39.72 -18.64
N ASP A 176 6.79 39.02 -19.53
CA ASP A 176 6.09 39.66 -20.63
C ASP A 176 4.62 39.93 -20.34
N GLY A 177 4.17 39.68 -19.11
CA GLY A 177 2.81 39.97 -18.71
C GLY A 177 1.89 38.76 -18.68
N SER A 178 2.16 37.75 -19.49
CA SER A 178 1.32 36.56 -19.50
C SER A 178 1.61 35.71 -18.26
N THR A 179 0.85 34.63 -18.11
CA THR A 179 1.01 33.73 -16.98
C THR A 179 1.08 32.29 -17.45
N ARG A 180 1.61 31.44 -16.58
CA ARG A 180 1.65 30.00 -16.81
C ARG A 180 1.31 29.29 -15.52
N LEU A 181 0.97 28.01 -15.63
CA LEU A 181 0.69 27.16 -14.48
C LEU A 181 1.86 26.24 -14.22
N LEU A 182 2.22 26.08 -12.95
CA LEU A 182 3.31 25.23 -12.53
C LEU A 182 2.77 24.16 -11.59
N PRO A 183 2.97 22.87 -11.87
CA PRO A 183 2.50 21.85 -10.95
C PRO A 183 3.02 22.10 -9.54
N MET A 184 2.15 21.92 -8.55
CA MET A 184 2.57 22.12 -7.17
C MET A 184 3.61 21.08 -6.76
N GLN A 185 3.59 19.91 -7.39
CA GLN A 185 4.49 18.83 -7.01
C GLN A 185 5.88 19.00 -7.59
N MET A 186 6.12 20.05 -8.37
CA MET A 186 7.40 20.27 -9.03
C MET A 186 8.06 21.57 -8.60
N VAL A 187 7.56 22.23 -7.54
CA VAL A 187 8.12 23.48 -7.06
C VAL A 187 8.57 23.30 -5.62
N LYS A 188 9.45 24.20 -5.19
CA LYS A 188 9.96 24.25 -3.83
C LYS A 188 9.63 25.63 -3.28
N VAL A 189 8.69 25.70 -2.34
CA VAL A 189 8.34 26.97 -1.71
C VAL A 189 9.34 27.21 -0.58
N GLN A 190 10.15 28.24 -0.73
CA GLN A 190 11.13 28.63 0.26
C GLN A 190 10.72 29.95 0.90
N SER A 191 11.52 30.42 1.86
CA SER A 191 11.15 31.60 2.63
C SER A 191 11.02 32.82 1.73
N ASN A 192 11.93 32.98 0.77
CA ASN A 192 12.01 34.19 -0.03
C ASN A 192 11.83 33.95 -1.53
N ARG A 193 11.56 32.72 -1.95
CA ARG A 193 11.42 32.45 -3.38
C ARG A 193 10.72 31.10 -3.56
N VAL A 194 10.30 30.86 -4.81
CA VAL A 194 9.87 29.55 -5.25
C VAL A 194 10.91 29.06 -6.26
N HIS A 195 11.49 27.90 -6.00
CA HIS A 195 12.53 27.34 -6.86
C HIS A 195 11.98 26.18 -7.66
N VAL A 196 12.18 26.23 -8.98
CA VAL A 196 11.76 25.18 -9.90
C VAL A 196 13.02 24.58 -10.51
N ASN A 197 13.39 23.39 -10.06
CA ASN A 197 14.59 22.74 -10.56
C ASN A 197 14.40 22.08 -11.92
N ALA A 198 13.15 21.88 -12.36
CA ALA A 198 12.90 21.17 -13.60
C ALA A 198 13.14 22.03 -14.83
N LEU A 199 12.99 23.34 -14.71
CA LEU A 199 13.07 24.24 -15.86
C LEU A 199 14.10 25.33 -15.58
N SER A 200 14.63 25.89 -16.67
CA SER A 200 15.40 27.11 -16.60
C SER A 200 14.49 28.30 -16.87
N SER A 201 14.88 29.46 -16.35
CA SER A 201 14.04 30.66 -16.43
C SER A 201 13.53 30.90 -17.85
N ASP A 202 14.37 30.65 -18.85
CA ASP A 202 13.99 30.90 -20.24
C ASP A 202 13.17 29.77 -20.86
N LEU A 203 12.79 28.76 -20.08
CA LEU A 203 11.92 27.70 -20.57
C LEU A 203 10.51 27.80 -19.99
N PHE A 204 10.24 28.77 -19.11
CA PHE A 204 8.90 28.94 -18.57
C PHE A 204 7.93 29.38 -19.66
N ALA A 205 8.36 30.28 -20.55
CA ALA A 205 7.48 30.77 -21.60
C ALA A 205 7.02 29.65 -22.53
N GLY A 206 7.76 28.55 -22.59
CA GLY A 206 7.39 27.42 -23.42
C GLY A 206 6.35 26.51 -22.81
N ILE A 207 6.05 26.69 -21.54
CA ILE A 207 4.97 25.89 -20.94
C ILE A 207 3.69 26.12 -21.72
N PRO A 208 2.93 25.08 -22.05
CA PRO A 208 1.68 25.29 -22.79
C PRO A 208 0.74 26.21 -22.03
N THR A 209 0.09 27.11 -22.77
CA THR A 209 -0.86 28.05 -22.19
C THR A 209 -2.26 27.44 -22.15
N ILE A 210 -3.08 27.95 -21.24
CA ILE A 210 -4.48 27.56 -21.15
C ILE A 210 -5.31 28.57 -21.91
N LYS A 211 -6.46 28.13 -22.42
CA LYS A 211 -7.27 28.98 -23.27
C LYS A 211 -8.34 29.76 -22.50
N SER A 212 -8.46 29.54 -21.19
CA SER A 212 -9.42 30.24 -20.35
C SER A 212 -8.73 30.61 -19.05
N PRO A 213 -8.82 31.86 -18.60
CA PRO A 213 -8.08 32.27 -17.39
C PRO A 213 -8.60 31.67 -16.10
N THR A 214 -9.81 31.09 -16.09
CA THR A 214 -10.43 30.61 -14.86
C THR A 214 -10.67 29.10 -14.85
N GLU A 215 -10.18 28.38 -15.85
CA GLU A 215 -10.33 26.93 -15.85
C GLU A 215 -9.20 26.30 -16.64
N VAL A 216 -8.94 25.03 -16.35
CA VAL A 216 -7.91 24.26 -17.03
C VAL A 216 -8.50 22.89 -17.38
N THR A 217 -8.30 22.46 -18.61
CA THR A 217 -8.86 21.20 -19.08
C THR A 217 -7.90 20.04 -18.80
N LEU A 218 -8.44 18.82 -18.89
CA LEU A 218 -7.61 17.63 -18.68
C LEU A 218 -6.47 17.57 -19.69
N LEU A 219 -6.75 17.93 -20.94
CA LEU A 219 -5.71 17.96 -21.96
C LEU A 219 -4.62 18.98 -21.61
N GLU A 220 -5.02 20.16 -21.16
CA GLU A 220 -4.04 21.18 -20.80
C GLU A 220 -3.20 20.74 -19.61
N GLU A 221 -3.82 20.09 -18.62
CA GLU A 221 -3.05 19.61 -17.48
C GLU A 221 -1.98 18.64 -17.91
N ASP A 222 -2.31 17.72 -18.83
CA ASP A 222 -1.33 16.74 -19.29
C ASP A 222 -0.19 17.42 -20.06
N LYS A 223 -0.51 18.41 -20.90
CA LYS A 223 0.53 19.11 -21.64
C LYS A 223 1.42 19.91 -20.69
N ILE A 224 0.82 20.60 -19.71
CA ILE A 224 1.59 21.41 -18.78
C ILE A 224 2.50 20.52 -17.94
N CYS A 225 1.95 19.47 -17.33
CA CYS A 225 2.73 18.61 -16.44
C CYS A 225 3.80 17.85 -17.21
N GLY A 226 3.46 17.33 -18.40
CA GLY A 226 4.47 16.65 -19.20
C GLY A 226 5.63 17.55 -19.55
N TYR A 227 5.35 18.79 -19.95
CA TYR A 227 6.40 19.71 -20.33
C TYR A 227 7.34 19.99 -19.16
N VAL A 228 6.78 20.18 -17.96
CA VAL A 228 7.61 20.48 -16.80
C VAL A 228 8.46 19.28 -16.44
N ALA A 229 7.84 18.09 -16.37
CA ALA A 229 8.61 16.89 -16.05
C ALA A 229 9.68 16.62 -17.10
N GLY A 230 9.38 16.91 -18.36
CA GLY A 230 10.37 16.72 -19.41
C GLY A 230 11.59 17.60 -19.26
N GLY A 231 11.48 18.68 -18.49
CA GLY A 231 12.63 19.55 -18.29
C GLY A 231 13.75 18.87 -17.51
N LEU A 232 13.42 17.88 -16.70
CA LEU A 232 14.46 17.21 -15.90
C LEU A 232 15.49 16.53 -16.79
N MET A 233 15.08 16.02 -17.94
CA MET A 233 16.00 15.38 -18.88
C MET A 233 16.50 16.34 -19.95
N TYR A 234 15.62 17.16 -20.51
CA TYR A 234 15.93 17.95 -21.70
C TYR A 234 16.38 19.38 -21.38
N ALA A 235 16.32 19.80 -20.12
CA ALA A 235 16.85 21.10 -19.70
C ALA A 235 18.06 20.95 -18.79
N ALA A 236 18.74 19.81 -18.84
CA ALA A 236 19.87 19.52 -17.96
C ALA A 236 21.09 20.38 -18.25
N PRO A 237 21.36 20.77 -19.50
CA PRO A 237 22.57 21.56 -19.76
C PRO A 237 22.64 22.85 -18.95
N LYS A 238 21.50 23.49 -18.72
CA LYS A 238 21.47 24.76 -18.00
C LYS A 238 21.21 24.61 -16.51
N ARG A 239 21.45 23.41 -15.96
CA ARG A 239 21.17 23.13 -14.56
C ARG A 239 22.47 23.30 -13.76
N LYS A 240 22.50 24.29 -12.88
CA LYS A 240 23.69 24.59 -12.10
C LYS A 240 23.64 23.89 -10.75
N ALA B 1 7.19 -6.52 -27.98
CA ALA B 1 5.91 -5.85 -28.34
C ALA B 1 5.65 -4.70 -27.38
N LEU B 2 4.86 -3.73 -27.83
CA LEU B 2 4.58 -2.53 -27.06
C LEU B 2 3.10 -2.45 -26.73
N LEU B 3 2.80 -1.72 -25.65
CA LEU B 3 1.44 -1.27 -25.43
C LEU B 3 1.09 -0.21 -26.47
N SER B 4 -0.21 -0.06 -26.72
CA SER B 4 -0.64 0.87 -27.76
C SER B 4 -0.06 2.26 -27.57
N PHE B 5 0.17 2.67 -26.32
CA PHE B 5 0.57 4.04 -26.01
C PHE B 5 2.05 4.14 -25.62
N GLU B 6 2.83 3.10 -25.85
CA GLU B 6 4.15 2.99 -25.22
C GLU B 6 5.27 3.62 -26.03
N ARG B 7 5.16 3.68 -27.35
CA ARG B 7 6.31 4.05 -28.20
C ARG B 7 6.83 5.44 -27.86
N LYS B 8 5.95 6.41 -27.62
CA LYS B 8 6.39 7.78 -27.41
C LYS B 8 7.27 7.92 -26.18
N TYR B 9 7.26 6.95 -25.27
CA TYR B 9 8.10 6.98 -24.09
C TYR B 9 9.43 6.27 -24.28
N ARG B 10 9.59 5.49 -25.35
CA ARG B 10 10.81 4.71 -25.54
C ARG B 10 11.86 5.56 -26.26
N VAL B 11 12.31 6.59 -25.55
CA VAL B 11 13.35 7.48 -26.04
C VAL B 11 14.69 7.09 -25.42
N PRO B 12 15.80 7.59 -25.93
CA PRO B 12 17.09 7.35 -25.27
C PRO B 12 17.34 8.34 -24.14
N GLY B 13 18.14 7.90 -23.19
CA GLY B 13 18.55 8.74 -22.08
C GLY B 13 18.03 8.21 -20.75
N GLY B 14 18.57 8.80 -19.69
CA GLY B 14 18.19 8.46 -18.33
C GLY B 14 19.15 7.54 -17.62
N THR B 15 20.07 6.89 -18.33
CA THR B 15 20.97 5.95 -17.69
C THR B 15 21.90 6.68 -16.71
N LEU B 16 22.48 5.89 -15.81
CA LEU B 16 23.50 6.39 -14.90
C LEU B 16 24.90 5.92 -15.24
N VAL B 17 25.02 4.80 -15.95
CA VAL B 17 26.31 4.20 -16.28
C VAL B 17 26.23 3.63 -17.69
N GLY B 18 27.31 3.77 -18.44
CA GLY B 18 27.41 3.19 -19.77
C GLY B 18 26.75 3.99 -20.88
N GLY B 19 26.19 5.16 -20.58
CA GLY B 19 25.56 5.95 -21.63
C GLY B 19 24.51 5.14 -22.35
N ASN B 20 24.67 5.01 -23.66
CA ASN B 20 23.69 4.34 -24.51
C ASN B 20 24.09 2.91 -24.85
N LEU B 21 25.09 2.36 -24.16
CA LEU B 21 25.54 1.00 -24.49
C LEU B 21 24.52 -0.05 -24.10
N PHE B 22 23.80 0.16 -22.99
CA PHE B 22 22.81 -0.81 -22.52
C PHE B 22 21.42 -0.19 -22.51
N ASP B 23 21.19 0.84 -23.33
CA ASP B 23 19.94 1.59 -23.34
C ASP B 23 19.02 0.96 -24.38
N PHE B 24 18.40 -0.16 -23.99
CA PHE B 24 17.51 -0.87 -24.89
C PHE B 24 16.65 -1.84 -24.08
N TRP B 25 15.70 -2.47 -24.77
CA TRP B 25 14.73 -3.36 -24.16
C TRP B 25 14.86 -4.76 -24.73
N VAL B 26 14.48 -5.74 -23.93
CA VAL B 26 14.31 -7.12 -24.37
C VAL B 26 12.84 -7.46 -24.13
N GLY B 27 12.04 -7.42 -25.17
CA GLY B 27 10.61 -7.52 -25.02
C GLY B 27 10.11 -6.35 -24.20
N PRO B 28 9.36 -6.62 -23.13
CA PRO B 28 8.93 -5.51 -22.25
C PRO B 28 10.01 -5.02 -21.31
N PHE B 29 11.03 -5.83 -21.02
CA PHE B 29 12.00 -5.50 -19.98
C PHE B 29 12.99 -4.44 -20.47
N TYR B 30 13.22 -3.42 -19.65
CA TYR B 30 14.32 -2.52 -19.88
C TYR B 30 15.59 -3.13 -19.28
N VAL B 31 16.70 -3.02 -20.01
CA VAL B 31 17.95 -3.59 -19.54
C VAL B 31 18.70 -2.53 -18.74
N GLY B 32 19.55 -1.76 -19.41
CA GLY B 32 20.44 -0.83 -18.72
C GLY B 32 21.59 -1.58 -18.10
N PHE B 33 22.62 -0.84 -17.65
CA PHE B 33 23.78 -1.48 -17.05
C PHE B 33 23.38 -2.37 -15.87
N PHE B 34 22.52 -1.84 -15.00
CA PHE B 34 22.17 -2.57 -13.78
C PHE B 34 21.24 -3.75 -14.07
N GLY B 35 20.57 -3.76 -15.21
CA GLY B 35 19.89 -4.97 -15.64
C GLY B 35 20.87 -6.07 -15.96
N VAL B 36 22.01 -5.71 -16.56
CA VAL B 36 23.07 -6.69 -16.81
C VAL B 36 23.67 -7.16 -15.49
N ALA B 37 23.95 -6.22 -14.59
CA ALA B 37 24.44 -6.60 -13.26
C ALA B 37 23.45 -7.53 -12.57
N THR B 38 22.18 -7.14 -12.52
CA THR B 38 21.15 -7.98 -11.91
C THR B 38 21.21 -9.40 -12.46
N PHE B 39 21.26 -9.51 -13.79
CA PHE B 39 21.30 -10.82 -14.42
C PHE B 39 22.57 -11.59 -14.02
N PHE B 40 23.70 -10.89 -13.92
CA PHE B 40 24.95 -11.54 -13.57
C PHE B 40 24.89 -12.12 -12.16
N PHE B 41 24.48 -11.33 -11.18
CA PHE B 41 24.39 -11.82 -9.81
C PHE B 41 23.36 -12.92 -9.69
N ALA B 42 22.18 -12.73 -10.30
CA ALA B 42 21.10 -13.70 -10.18
C ALA B 42 21.50 -15.04 -10.78
N ALA B 43 22.16 -15.02 -11.93
CA ALA B 43 22.59 -16.26 -12.56
C ALA B 43 23.68 -16.94 -11.74
N LEU B 44 24.64 -16.16 -11.25
CA LEU B 44 25.71 -16.72 -10.42
C LEU B 44 25.14 -17.32 -9.13
N GLY B 45 24.25 -16.59 -8.46
CA GLY B 45 23.67 -17.09 -7.22
C GLY B 45 22.82 -18.33 -7.41
N ILE B 46 22.12 -18.41 -8.54
CA ILE B 46 21.27 -19.57 -8.80
C ILE B 46 22.13 -20.79 -9.12
N ILE B 47 23.28 -20.59 -9.78
CA ILE B 47 24.19 -21.70 -10.05
C ILE B 47 24.71 -22.27 -8.74
N LEU B 48 25.01 -21.40 -7.78
CA LEU B 48 25.53 -21.85 -6.49
C LEU B 48 24.46 -22.61 -5.71
N ILE B 49 23.21 -22.16 -5.78
CA ILE B 49 22.12 -22.90 -5.16
C ILE B 49 22.01 -24.28 -5.76
N ALA B 50 22.10 -24.37 -7.10
CA ALA B 50 22.07 -25.67 -7.75
C ALA B 50 23.25 -26.52 -7.30
N TRP B 51 24.42 -25.91 -7.14
N TRP B 51 24.43 -25.92 -7.18
CA TRP B 51 25.58 -26.65 -6.68
CA TRP B 51 25.59 -26.64 -6.67
C TRP B 51 25.41 -27.11 -5.24
C TRP B 51 25.35 -27.12 -5.25
N SER B 52 24.92 -26.22 -4.37
CA SER B 52 24.66 -26.61 -2.99
C SER B 52 23.68 -27.79 -2.91
N ALA B 53 22.74 -27.86 -3.85
CA ALA B 53 21.80 -28.97 -3.88
C ALA B 53 22.51 -30.29 -4.21
N VAL B 54 23.52 -30.24 -5.09
CA VAL B 54 24.28 -31.44 -5.42
C VAL B 54 25.06 -31.93 -4.20
N LEU B 55 25.83 -31.02 -3.56
CA LEU B 55 26.51 -31.38 -2.33
C LEU B 55 25.55 -31.96 -1.30
N GLN B 56 24.28 -31.52 -1.33
CA GLN B 56 23.30 -32.00 -0.38
C GLN B 56 22.68 -33.33 -0.81
N GLY B 57 22.63 -33.60 -2.11
CA GLY B 57 22.15 -34.87 -2.61
C GLY B 57 20.65 -34.90 -2.84
N THR B 58 20.08 -33.82 -3.37
CA THR B 58 18.67 -33.79 -3.70
C THR B 58 18.40 -32.63 -4.65
N TRP B 59 17.40 -32.81 -5.50
CA TRP B 59 16.91 -31.75 -6.39
C TRP B 59 15.45 -31.42 -6.07
N ASN B 60 15.03 -31.68 -4.84
CA ASN B 60 13.67 -31.38 -4.39
C ASN B 60 13.67 -29.99 -3.79
N PRO B 61 12.99 -29.01 -4.40
CA PRO B 61 13.00 -27.65 -3.82
C PRO B 61 12.57 -27.59 -2.37
N GLN B 62 11.63 -28.46 -1.95
CA GLN B 62 11.17 -28.45 -0.56
C GLN B 62 12.25 -28.87 0.42
N LEU B 63 13.35 -29.47 -0.05
CA LEU B 63 14.40 -29.97 0.83
C LEU B 63 15.70 -29.19 0.75
N ILE B 64 15.98 -28.53 -0.38
CA ILE B 64 17.22 -27.79 -0.53
C ILE B 64 17.33 -26.74 0.56
N SER B 65 18.49 -26.68 1.21
CA SER B 65 18.72 -25.70 2.26
C SER B 65 20.21 -25.37 2.32
N VAL B 66 20.55 -24.10 2.14
CA VAL B 66 21.93 -23.63 2.21
C VAL B 66 22.12 -23.00 3.57
N TYR B 67 22.94 -23.66 4.43
CA TYR B 67 23.11 -23.16 5.79
C TYR B 67 24.32 -22.23 5.88
N PRO B 68 24.26 -21.25 6.77
CA PRO B 68 25.45 -20.40 7.00
C PRO B 68 26.49 -21.15 7.80
N PRO B 69 27.68 -20.57 8.00
CA PRO B 69 28.73 -21.26 8.76
C PRO B 69 28.32 -21.50 10.20
N ALA B 70 28.97 -22.49 10.81
CA ALA B 70 28.76 -22.77 12.22
C ALA B 70 29.27 -21.60 13.07
N LEU B 71 28.67 -21.46 14.26
CA LEU B 71 29.03 -20.34 15.14
C LEU B 71 30.53 -20.28 15.38
N GLU B 72 31.18 -21.44 15.49
CA GLU B 72 32.61 -21.46 15.80
C GLU B 72 33.42 -20.71 14.74
N TYR B 73 32.90 -20.62 13.52
CA TYR B 73 33.59 -19.87 12.46
C TYR B 73 33.56 -18.37 12.70
N GLY B 74 32.87 -17.90 13.74
CA GLY B 74 32.78 -16.46 13.95
C GLY B 74 32.37 -15.75 12.69
N LEU B 75 33.11 -14.70 12.33
CA LEU B 75 32.82 -13.89 11.16
C LEU B 75 33.77 -14.15 10.01
N GLY B 76 34.56 -15.23 10.08
CA GLY B 76 35.50 -15.53 9.03
C GLY B 76 34.87 -16.31 7.88
N GLY B 77 35.65 -16.45 6.81
CA GLY B 77 35.20 -17.26 5.69
C GLY B 77 35.22 -18.73 6.03
N ALA B 78 34.29 -19.47 5.41
CA ALA B 78 34.15 -20.90 5.63
C ALA B 78 34.26 -21.64 4.31
N PRO B 79 34.57 -22.94 4.35
CA PRO B 79 34.58 -23.73 3.11
C PRO B 79 33.19 -23.78 2.50
N LEU B 80 33.16 -23.88 1.16
CA LEU B 80 31.91 -23.84 0.41
C LEU B 80 30.83 -24.72 1.06
N ALA B 81 31.13 -26.00 1.27
CA ALA B 81 30.15 -26.91 1.82
C ALA B 81 29.81 -26.61 3.27
N LYS B 82 30.69 -25.92 4.00
CA LYS B 82 30.51 -25.66 5.42
C LYS B 82 30.11 -24.21 5.68
N GLY B 83 29.32 -23.63 4.79
CA GLY B 83 28.82 -22.27 4.93
C GLY B 83 29.33 -21.30 3.89
N GLY B 84 30.37 -21.67 3.14
CA GLY B 84 30.91 -20.75 2.14
C GLY B 84 29.91 -20.40 1.06
N LEU B 85 29.10 -21.38 0.64
CA LEU B 85 28.11 -21.12 -0.39
C LEU B 85 27.04 -20.15 0.10
N TRP B 86 26.61 -20.28 1.35
CA TRP B 86 25.70 -19.30 1.92
C TRP B 86 26.30 -17.90 1.87
N GLN B 87 27.61 -17.80 2.14
CA GLN B 87 28.27 -16.50 2.13
C GLN B 87 28.30 -15.91 0.72
N ILE B 88 28.68 -16.71 -0.27
CA ILE B 88 28.77 -16.20 -1.64
C ILE B 88 27.37 -15.90 -2.18
N ILE B 89 26.40 -16.76 -1.87
CA ILE B 89 25.03 -16.51 -2.30
C ILE B 89 24.50 -15.23 -1.67
N THR B 90 24.83 -14.99 -0.40
CA THR B 90 24.40 -13.76 0.25
C THR B 90 24.99 -12.54 -0.45
N ILE B 91 26.24 -12.64 -0.91
CA ILE B 91 26.84 -11.56 -1.67
C ILE B 91 26.10 -11.37 -2.98
N CYS B 92 25.77 -12.47 -3.67
CA CYS B 92 25.04 -12.37 -4.93
C CYS B 92 23.65 -11.80 -4.72
N ALA B 93 22.94 -12.28 -3.70
CA ALA B 93 21.60 -11.77 -3.42
C ALA B 93 21.62 -10.26 -3.17
N THR B 94 22.57 -9.81 -2.35
CA THR B 94 22.71 -8.37 -2.11
C THR B 94 22.98 -7.64 -3.43
N GLY B 95 23.91 -8.16 -4.23
CA GLY B 95 24.18 -7.54 -5.51
C GLY B 95 22.94 -7.42 -6.37
N ALA B 96 22.14 -8.49 -6.44
CA ALA B 96 20.94 -8.47 -7.26
C ALA B 96 19.92 -7.46 -6.73
N PHE B 97 19.70 -7.45 -5.41
CA PHE B 97 18.73 -6.52 -4.83
C PHE B 97 19.13 -5.07 -5.10
N VAL B 98 20.41 -4.74 -4.91
CA VAL B 98 20.87 -3.37 -5.11
C VAL B 98 20.83 -3.02 -6.59
N SER B 99 21.33 -3.90 -7.46
CA SER B 99 21.26 -3.64 -8.89
C SER B 99 19.82 -3.44 -9.34
N TRP B 100 18.88 -4.22 -8.77
CA TRP B 100 17.48 -4.06 -9.12
C TRP B 100 16.98 -2.66 -8.79
N ALA B 101 17.38 -2.12 -7.64
CA ALA B 101 16.94 -0.79 -7.25
C ALA B 101 17.51 0.28 -8.16
N LEU B 102 18.80 0.17 -8.50
CA LEU B 102 19.41 1.17 -9.38
C LEU B 102 18.85 1.07 -10.79
N ARG B 103 18.39 -0.11 -11.18
CA ARG B 103 17.69 -0.25 -12.45
C ARG B 103 16.37 0.50 -12.41
N GLU B 104 15.60 0.33 -11.34
CA GLU B 104 14.37 1.10 -11.17
C GLU B 104 14.65 2.60 -11.24
N VAL B 105 15.76 3.05 -10.66
CA VAL B 105 16.09 4.47 -10.69
C VAL B 105 16.30 4.93 -12.13
N GLU B 106 16.98 4.11 -12.95
CA GLU B 106 17.19 4.47 -14.34
C GLU B 106 15.86 4.57 -15.09
N ILE B 107 14.91 3.70 -14.73
CA ILE B 107 13.60 3.73 -15.39
C ILE B 107 12.81 4.95 -14.94
N CYS B 108 12.94 5.34 -13.67
CA CYS B 108 12.32 6.58 -13.21
C CYS B 108 12.80 7.77 -14.03
N ARG B 109 14.11 7.85 -14.28
CA ARG B 109 14.67 8.99 -14.98
C ARG B 109 14.19 9.05 -16.43
N LYS B 110 14.15 7.91 -17.11
CA LYS B 110 13.70 7.91 -18.50
C LYS B 110 12.22 8.29 -18.61
N LEU B 111 11.43 7.97 -17.58
CA LEU B 111 10.00 8.28 -17.57
C LEU B 111 9.68 9.60 -16.88
N GLY B 112 10.68 10.29 -16.34
CA GLY B 112 10.45 11.58 -15.72
C GLY B 112 9.54 11.55 -14.52
N ILE B 113 9.55 10.45 -13.76
CA ILE B 113 8.72 10.32 -12.58
C ILE B 113 9.60 10.36 -11.34
N GLY B 114 8.95 10.38 -10.18
CA GLY B 114 9.68 10.40 -8.92
C GLY B 114 10.35 9.08 -8.62
N TYR B 115 11.29 9.14 -7.66
CA TYR B 115 12.07 7.98 -7.26
C TYR B 115 11.49 7.26 -6.05
N HIS B 116 10.18 7.40 -5.82
CA HIS B 116 9.58 6.86 -4.60
C HIS B 116 9.65 5.35 -4.54
N ILE B 117 9.56 4.67 -5.69
CA ILE B 117 9.46 3.21 -5.73
C ILE B 117 10.77 2.59 -5.29
N PRO B 118 11.91 2.90 -5.91
CA PRO B 118 13.17 2.32 -5.43
C PRO B 118 13.51 2.72 -4.01
N PHE B 119 13.12 3.93 -3.59
CA PHE B 119 13.31 4.33 -2.21
C PHE B 119 12.57 3.41 -1.25
N ALA B 120 11.32 3.06 -1.57
CA ALA B 120 10.56 2.15 -0.72
C ALA B 120 11.14 0.74 -0.77
N PHE B 121 11.62 0.31 -1.94
CA PHE B 121 12.23 -1.01 -2.06
C PHE B 121 13.50 -1.12 -1.21
N ALA B 122 14.21 0.00 -1.01
CA ALA B 122 15.41 -0.03 -0.18
C ALA B 122 15.11 -0.42 1.26
N PHE B 123 13.88 -0.19 1.73
CA PHE B 123 13.51 -0.62 3.08
C PHE B 123 13.44 -2.14 3.18
N ALA B 124 12.94 -2.80 2.13
CA ALA B 124 12.91 -4.26 2.14
C ALA B 124 14.33 -4.81 2.12
N ILE B 125 15.23 -4.17 1.36
CA ILE B 125 16.62 -4.56 1.36
C ILE B 125 17.22 -4.40 2.76
N LEU B 126 16.94 -3.26 3.40
CA LEU B 126 17.46 -3.02 4.75
C LEU B 126 17.05 -4.13 5.71
N ALA B 127 15.80 -4.60 5.60
CA ALA B 127 15.34 -5.68 6.47
C ALA B 127 16.12 -6.96 6.20
N TYR B 128 16.41 -7.25 4.94
CA TYR B 128 17.17 -8.43 4.60
C TYR B 128 18.59 -8.35 5.14
N LEU B 129 19.25 -7.20 4.93
CA LEU B 129 20.61 -7.04 5.43
C LEU B 129 20.66 -7.03 6.95
N THR B 130 19.57 -6.58 7.60
CA THR B 130 19.53 -6.61 9.06
C THR B 130 19.65 -8.04 9.57
N LEU B 131 19.03 -8.99 8.87
CA LEU B 131 18.99 -10.37 9.36
C LEU B 131 20.23 -11.16 8.96
N VAL B 132 20.86 -10.84 7.83
CA VAL B 132 21.98 -11.62 7.33
C VAL B 132 23.32 -10.92 7.49
N LEU B 133 23.34 -9.64 7.86
CA LEU B 133 24.59 -8.90 7.93
C LEU B 133 24.73 -8.13 9.24
N PHE B 134 23.86 -7.14 9.45
CA PHE B 134 24.01 -6.26 10.61
C PHE B 134 23.89 -7.04 11.92
N ARG B 135 22.85 -7.86 12.06
CA ARG B 135 22.67 -8.59 13.31
C ARG B 135 23.74 -9.66 13.49
N PRO B 136 24.03 -10.52 12.51
CA PRO B 136 25.14 -11.48 12.69
C PRO B 136 26.45 -10.81 13.06
N VAL B 137 26.83 -9.72 12.38
CA VAL B 137 28.09 -9.07 12.66
C VAL B 137 28.12 -8.54 14.08
N MET B 138 27.03 -7.89 14.52
CA MET B 138 26.98 -7.36 15.88
C MET B 138 26.99 -8.49 16.92
N MET B 139 26.49 -9.67 16.57
CA MET B 139 26.57 -10.80 17.47
C MET B 139 27.85 -11.60 17.30
N GLY B 140 28.58 -11.39 16.21
CA GLY B 140 29.90 -11.97 16.05
C GLY B 140 29.98 -13.32 15.36
N ALA B 141 28.97 -13.68 14.56
CA ALA B 141 29.02 -14.95 13.86
C ALA B 141 28.00 -14.94 12.73
N TRP B 142 28.41 -15.41 11.55
CA TRP B 142 27.47 -15.55 10.44
C TRP B 142 26.41 -16.60 10.72
N GLY B 143 26.69 -17.55 11.61
CA GLY B 143 25.73 -18.58 11.93
C GLY B 143 24.43 -18.06 12.50
N TYR B 144 24.44 -16.86 13.08
CA TYR B 144 23.20 -16.26 13.59
C TYR B 144 22.26 -15.84 12.47
N ALA B 145 22.76 -15.74 11.23
CA ALA B 145 21.90 -15.47 10.09
C ALA B 145 20.97 -16.66 9.84
N PHE B 146 19.99 -16.45 8.91
CA PHE B 146 19.03 -17.53 8.67
C PHE B 146 19.41 -18.34 7.44
N PRO B 147 18.99 -19.61 7.40
CA PRO B 147 19.35 -20.46 6.26
C PRO B 147 18.45 -20.21 5.05
N TYR B 148 18.98 -20.51 3.87
CA TYR B 148 18.24 -20.34 2.63
C TYR B 148 17.56 -21.66 2.31
N GLY B 149 16.34 -21.82 2.81
CA GLY B 149 15.53 -22.98 2.56
C GLY B 149 14.08 -22.67 2.81
N ILE B 150 13.17 -23.24 2.00
CA ILE B 150 11.76 -22.90 2.10
C ILE B 150 11.24 -23.14 3.51
N TRP B 151 11.51 -24.33 4.06
CA TRP B 151 11.01 -24.69 5.38
C TRP B 151 12.03 -24.48 6.49
N THR B 152 13.32 -24.68 6.21
CA THR B 152 14.33 -24.48 7.24
C THR B 152 14.37 -23.03 7.71
N HIS B 153 14.07 -22.08 6.81
CA HIS B 153 14.11 -20.68 7.22
C HIS B 153 12.91 -20.31 8.08
N LEU B 154 11.85 -21.13 8.07
CA LEU B 154 10.77 -20.98 9.05
C LEU B 154 11.17 -21.53 10.41
N ASP B 155 11.88 -22.67 10.43
CA ASP B 155 12.39 -23.20 11.69
C ASP B 155 13.33 -22.21 12.37
N TRP B 156 14.12 -21.48 11.58
CA TRP B 156 14.99 -20.45 12.15
C TRP B 156 14.19 -19.39 12.88
N VAL B 157 13.11 -18.90 12.24
CA VAL B 157 12.25 -17.91 12.90
C VAL B 157 11.76 -18.44 14.24
N SER B 158 11.39 -19.73 14.28
CA SER B 158 10.84 -20.31 15.50
C SER B 158 11.92 -20.50 16.56
N ASN B 159 13.09 -21.04 16.15
CA ASN B 159 14.19 -21.21 17.10
C ASN B 159 14.64 -19.87 17.66
N THR B 160 14.83 -18.87 16.79
CA THR B 160 15.29 -17.57 17.24
C THR B 160 14.28 -16.94 18.19
N GLY B 161 13.01 -16.96 17.81
CA GLY B 161 11.99 -16.34 18.65
C GLY B 161 11.91 -16.98 20.03
N TYR B 162 11.85 -18.31 20.08
CA TYR B 162 11.69 -18.99 21.36
C TYR B 162 12.93 -18.96 22.23
N THR B 163 14.08 -18.54 21.69
CA THR B 163 15.23 -18.29 22.54
C THR B 163 14.95 -17.19 23.55
N TYR B 164 13.99 -16.31 23.27
CA TYR B 164 13.63 -15.19 24.14
C TYR B 164 12.20 -15.32 24.65
N GLY B 165 11.79 -16.55 24.96
CA GLY B 165 10.45 -16.77 25.47
C GLY B 165 9.42 -16.61 24.38
N ASN B 166 8.38 -15.83 24.64
CA ASN B 166 7.38 -15.49 23.64
C ASN B 166 7.79 -14.16 22.99
N PHE B 167 8.21 -14.22 21.72
CA PHE B 167 8.65 -13.02 21.03
C PHE B 167 7.54 -11.97 20.91
N HIS B 168 6.28 -12.35 21.13
CA HIS B 168 5.18 -11.39 21.14
C HIS B 168 5.48 -10.21 22.06
N TYR B 169 6.18 -10.45 23.16
CA TYR B 169 6.41 -9.41 24.17
C TYR B 169 7.50 -8.42 23.77
N ASN B 170 8.19 -8.65 22.66
CA ASN B 170 9.15 -7.69 22.13
C ASN B 170 8.39 -6.43 21.75
N PRO B 171 8.60 -5.31 22.46
CA PRO B 171 7.73 -4.14 22.23
C PRO B 171 7.85 -3.54 20.84
N ALA B 172 9.03 -3.61 20.22
CA ALA B 172 9.13 -3.21 18.83
C ALA B 172 8.40 -4.18 17.92
N HIS B 173 8.36 -5.46 18.29
CA HIS B 173 7.63 -6.45 17.52
C HIS B 173 6.13 -6.15 17.51
N MET B 174 5.60 -5.63 18.62
CA MET B 174 4.19 -5.25 18.67
C MET B 174 3.90 -4.11 17.70
N ILE B 175 4.75 -3.07 17.71
CA ILE B 175 4.54 -1.93 16.84
C ILE B 175 4.56 -2.35 15.37
N ALA B 176 5.54 -3.16 14.99
CA ALA B 176 5.62 -3.63 13.61
C ALA B 176 4.38 -4.41 13.22
N ILE B 177 3.88 -5.25 14.11
CA ILE B 177 2.66 -6.01 13.82
C ILE B 177 1.49 -5.06 13.64
N THR B 178 1.39 -4.05 14.51
CA THR B 178 0.30 -3.08 14.39
C THR B 178 0.31 -2.41 13.03
N PHE B 179 1.50 -2.13 12.49
CA PHE B 179 1.58 -1.50 11.18
C PHE B 179 1.23 -2.49 10.07
N PHE B 180 1.64 -3.75 10.20
CA PHE B 180 1.28 -4.75 9.20
C PHE B 180 -0.23 -4.95 9.13
N PHE B 181 -0.90 -5.06 10.28
CA PHE B 181 -2.35 -5.24 10.30
C PHE B 181 -3.06 -4.00 9.78
N THR B 182 -2.61 -2.81 10.21
CA THR B 182 -3.25 -1.58 9.76
C THR B 182 -3.05 -1.39 8.26
N ASN B 183 -1.90 -1.80 7.75
CA ASN B 183 -1.63 -1.66 6.32
C ASN B 183 -2.62 -2.49 5.50
N ALA B 184 -2.82 -3.74 5.89
CA ALA B 184 -3.76 -4.60 5.17
C ALA B 184 -5.18 -4.08 5.31
N LEU B 185 -5.52 -3.56 6.49
CA LEU B 185 -6.83 -2.93 6.69
C LEU B 185 -7.00 -1.74 5.75
N ALA B 186 -5.95 -0.95 5.57
CA ALA B 186 -6.03 0.24 4.72
C ALA B 186 -6.03 -0.15 3.24
N LEU B 187 -5.25 -1.16 2.86
CA LEU B 187 -5.24 -1.60 1.47
C LEU B 187 -6.60 -2.14 1.05
N ALA B 188 -7.24 -2.92 1.92
CA ALA B 188 -8.57 -3.45 1.61
C ALA B 188 -9.57 -2.32 1.43
N LEU B 189 -9.53 -1.32 2.32
CA LEU B 189 -10.49 -0.21 2.24
C LEU B 189 -10.23 0.64 1.01
N HIS B 190 -8.97 0.90 0.67
CA HIS B 190 -8.67 1.75 -0.47
C HIS B 190 -9.08 1.09 -1.78
N GLY B 191 -8.68 -0.17 -1.97
CA GLY B 191 -9.12 -0.91 -3.15
C GLY B 191 -10.63 -0.99 -3.26
N ALA B 192 -11.31 -1.23 -2.13
CA ALA B 192 -12.76 -1.34 -2.14
C ALA B 192 -13.42 -0.01 -2.45
N LEU B 193 -12.81 1.10 -2.02
CA LEU B 193 -13.45 2.39 -2.20
C LEU B 193 -13.40 2.85 -3.64
N VAL B 194 -12.25 2.68 -4.30
CA VAL B 194 -12.13 3.06 -5.70
C VAL B 194 -13.06 2.22 -6.56
N LEU B 195 -13.07 0.90 -6.34
CA LEU B 195 -13.92 0.02 -7.12
C LEU B 195 -15.40 0.34 -6.89
N SER B 196 -15.77 0.72 -5.66
CA SER B 196 -17.18 1.01 -5.38
C SER B 196 -17.62 2.28 -6.06
N ALA B 197 -16.70 3.23 -6.28
CA ALA B 197 -17.02 4.44 -7.03
C ALA B 197 -16.99 4.20 -8.53
N ALA B 198 -16.00 3.47 -9.04
CA ALA B 198 -15.90 3.20 -10.46
C ALA B 198 -16.89 2.15 -10.93
N ASN B 199 -17.46 1.37 -10.02
CA ASN B 199 -18.43 0.32 -10.33
C ASN B 199 -19.60 0.47 -9.36
N PRO B 200 -20.43 1.49 -9.57
CA PRO B 200 -21.56 1.74 -8.66
C PRO B 200 -22.67 0.72 -8.81
N GLU B 201 -23.79 0.94 -8.11
CA GLU B 201 -24.95 0.09 -8.28
C GLU B 201 -25.40 0.07 -9.74
N LYS B 202 -26.15 -0.98 -10.08
CA LYS B 202 -26.73 -1.06 -11.42
C LYS B 202 -27.69 0.11 -11.64
N GLY B 203 -27.74 0.57 -12.90
CA GLY B 203 -28.55 1.72 -13.24
C GLY B 203 -28.03 3.03 -12.71
N LYS B 204 -26.74 3.14 -12.42
CA LYS B 204 -26.15 4.34 -11.86
C LYS B 204 -24.94 4.78 -12.66
N GLU B 205 -24.70 6.09 -12.67
CA GLU B 205 -23.53 6.66 -13.31
C GLU B 205 -22.31 6.47 -12.43
N MET B 206 -21.14 6.43 -13.06
CA MET B 206 -19.89 6.41 -12.33
C MET B 206 -19.89 7.48 -11.23
N ARG B 207 -19.45 7.08 -10.04
CA ARG B 207 -19.36 8.02 -8.93
C ARG B 207 -18.14 8.91 -9.10
N THR B 208 -18.09 9.98 -8.32
CA THR B 208 -16.99 10.92 -8.30
C THR B 208 -16.15 10.74 -7.05
N PRO B 209 -14.96 11.33 -6.99
CA PRO B 209 -14.18 11.28 -5.74
C PRO B 209 -14.88 11.94 -4.56
N ASP B 210 -15.78 12.90 -4.81
CA ASP B 210 -16.56 13.47 -3.71
C ASP B 210 -17.38 12.39 -3.02
N HIS B 211 -17.95 11.45 -3.78
CA HIS B 211 -18.68 10.34 -3.18
C HIS B 211 -17.77 9.52 -2.27
N GLU B 212 -16.51 9.34 -2.65
CA GLU B 212 -15.57 8.62 -1.81
C GLU B 212 -15.37 9.34 -0.49
N ASP B 213 -15.11 10.65 -0.54
CA ASP B 213 -14.98 11.45 0.67
C ASP B 213 -16.25 11.38 1.51
N THR B 214 -17.41 11.58 0.88
CA THR B 214 -18.66 11.57 1.61
C THR B 214 -18.92 10.22 2.26
N PHE B 215 -18.54 9.13 1.59
CA PHE B 215 -18.77 7.81 2.16
C PHE B 215 -18.01 7.62 3.46
N PHE B 216 -16.75 8.06 3.50
CA PHE B 216 -15.95 7.82 4.69
C PHE B 216 -16.26 8.80 5.81
N ARG B 217 -16.63 10.04 5.48
CA ARG B 217 -17.13 10.93 6.50
C ARG B 217 -18.42 10.39 7.11
N ASP B 218 -19.32 9.88 6.27
CA ASP B 218 -20.53 9.24 6.77
C ASP B 218 -20.20 8.04 7.66
N LEU B 219 -19.12 7.34 7.35
CA LEU B 219 -18.82 6.09 8.05
C LEU B 219 -18.10 6.34 9.37
N VAL B 220 -17.02 7.12 9.34
CA VAL B 220 -16.18 7.30 10.52
C VAL B 220 -15.87 8.78 10.74
N GLY B 221 -16.56 9.66 10.02
CA GLY B 221 -16.46 11.07 10.29
C GLY B 221 -15.20 11.75 9.80
N TYR B 222 -14.37 11.05 9.02
CA TYR B 222 -13.17 11.67 8.49
C TYR B 222 -12.77 10.96 7.21
N SER B 223 -12.33 11.74 6.22
CA SER B 223 -11.76 11.23 4.98
C SER B 223 -10.36 11.80 4.83
N ILE B 224 -9.38 10.93 4.63
CA ILE B 224 -8.00 11.38 4.56
C ILE B 224 -7.68 12.02 3.21
N GLY B 225 -8.41 11.68 2.16
CA GLY B 225 -8.19 12.25 0.85
C GLY B 225 -7.53 11.27 -0.11
N THR B 226 -7.64 11.59 -1.40
CA THR B 226 -7.10 10.70 -2.42
C THR B 226 -5.58 10.66 -2.38
N LEU B 227 -4.94 11.79 -2.10
CA LEU B 227 -3.49 11.83 -2.00
C LEU B 227 -3.02 11.26 -0.66
N GLY B 228 -3.69 11.61 0.43
CA GLY B 228 -3.25 11.17 1.74
C GLY B 228 -3.27 9.66 1.91
N ILE B 229 -4.19 8.97 1.25
CA ILE B 229 -4.29 7.53 1.44
C ILE B 229 -3.12 6.83 0.77
N HIS B 230 -2.56 7.41 -0.29
CA HIS B 230 -1.38 6.82 -0.90
C HIS B 230 -0.13 7.17 -0.10
N ARG B 231 -0.07 8.38 0.45
CA ARG B 231 0.95 8.68 1.45
C ARG B 231 0.84 7.74 2.64
N LEU B 232 -0.38 7.50 3.11
CA LEU B 232 -0.58 6.64 4.27
C LEU B 232 -0.12 5.21 3.96
N GLY B 233 -0.56 4.67 2.83
CA GLY B 233 -0.17 3.31 2.49
C GLY B 233 1.33 3.13 2.41
N LEU B 234 2.01 4.08 1.76
CA LEU B 234 3.48 4.06 1.74
C LEU B 234 4.04 4.06 3.16
N LEU B 235 3.51 4.93 4.02
CA LEU B 235 4.05 5.07 5.36
C LEU B 235 3.79 3.84 6.21
N LEU B 236 2.61 3.23 6.05
CA LEU B 236 2.27 2.07 6.87
C LEU B 236 3.16 0.88 6.55
N SER B 237 3.37 0.60 5.26
CA SER B 237 4.16 -0.57 4.89
C SER B 237 5.63 -0.36 5.21
N LEU B 238 6.15 0.86 5.05
CA LEU B 238 7.56 1.11 5.35
C LEU B 238 7.81 1.11 6.85
N SER B 239 6.91 1.73 7.63
CA SER B 239 7.08 1.73 9.08
C SER B 239 7.02 0.31 9.62
N ALA B 240 6.16 -0.53 9.06
CA ALA B 240 6.09 -1.92 9.49
C ALA B 240 7.44 -2.61 9.32
N VAL B 241 8.04 -2.44 8.14
CA VAL B 241 9.33 -3.07 7.87
C VAL B 241 10.42 -2.41 8.69
N PHE B 242 10.31 -1.10 8.94
CA PHE B 242 11.31 -0.41 9.75
C PHE B 242 11.37 -0.96 11.17
N PHE B 243 10.21 -1.06 11.82
CA PHE B 243 10.17 -1.61 13.18
C PHE B 243 10.44 -3.10 13.21
N SER B 244 10.35 -3.78 12.06
CA SER B 244 10.75 -5.19 12.02
C SER B 244 12.27 -5.30 12.14
N ALA B 245 13.01 -4.56 11.32
CA ALA B 245 14.46 -4.55 11.44
C ALA B 245 14.89 -4.05 12.82
N LEU B 246 14.10 -3.14 13.40
CA LEU B 246 14.44 -2.59 14.70
C LEU B 246 14.23 -3.63 15.80
N CYS B 247 13.14 -4.39 15.74
CA CYS B 247 12.86 -5.38 16.78
C CYS B 247 13.83 -6.56 16.73
N MET B 248 14.60 -6.70 15.66
CA MET B 248 15.58 -7.79 15.55
C MET B 248 17.01 -7.31 15.78
N ILE B 249 17.35 -6.10 15.36
CA ILE B 249 18.70 -5.60 15.56
C ILE B 249 19.01 -5.43 17.05
N ILE B 250 17.97 -5.29 17.88
CA ILE B 250 18.15 -5.18 19.33
C ILE B 250 18.09 -6.52 20.04
N THR B 251 17.61 -7.57 19.36
CA THR B 251 17.50 -8.88 19.96
C THR B 251 18.84 -9.60 19.87
N GLY B 252 19.38 -10.02 21.02
CA GLY B 252 20.66 -10.68 21.07
C GLY B 252 21.86 -9.76 21.05
N THR B 253 21.66 -8.44 21.00
CA THR B 253 22.75 -7.48 20.94
C THR B 253 22.75 -6.54 22.14
N ILE B 254 21.61 -5.89 22.43
CA ILE B 254 21.45 -5.13 23.66
C ILE B 254 20.42 -5.74 24.60
N TRP B 255 19.71 -6.78 24.17
CA TRP B 255 18.74 -7.47 25.00
C TRP B 255 18.96 -8.97 24.86
N PHE B 256 19.06 -9.67 26.01
CA PHE B 256 19.37 -11.09 26.02
C PHE B 256 18.43 -11.93 26.86
N ASP B 257 17.55 -11.32 27.66
CA ASP B 257 16.63 -12.06 28.50
C ASP B 257 15.36 -12.36 27.71
N GLN B 258 14.36 -12.93 28.39
CA GLN B 258 13.06 -13.13 27.78
C GLN B 258 12.32 -11.81 27.71
N TRP B 259 11.66 -11.56 26.58
CA TRP B 259 11.08 -10.25 26.32
C TRP B 259 9.98 -9.89 27.31
N VAL B 260 9.33 -10.88 27.94
CA VAL B 260 8.34 -10.56 28.95
C VAL B 260 8.96 -9.82 30.11
N ASP B 261 10.24 -10.10 30.42
CA ASP B 261 10.91 -9.41 31.52
C ASP B 261 11.12 -7.94 31.23
N TRP B 262 11.12 -7.53 29.95
CA TRP B 262 11.26 -6.12 29.61
C TRP B 262 10.11 -5.29 30.17
N TRP B 263 8.97 -5.91 30.46
CA TRP B 263 7.79 -5.20 30.94
C TRP B 263 7.78 -5.07 32.47
N GLN B 264 8.86 -5.45 33.15
CA GLN B 264 8.89 -5.38 34.59
C GLN B 264 9.11 -3.96 35.11
N TRP B 265 9.75 -3.10 34.32
CA TRP B 265 9.95 -1.72 34.76
C TRP B 265 8.62 -1.07 35.11
N TRP B 266 7.58 -1.35 34.31
CA TRP B 266 6.26 -0.79 34.59
C TRP B 266 5.66 -1.43 35.84
N VAL B 267 5.78 -2.76 35.97
CA VAL B 267 5.12 -3.46 37.06
C VAL B 267 5.80 -3.16 38.39
N LYS B 268 7.14 -3.13 38.39
CA LYS B 268 7.92 -3.10 39.62
C LYS B 268 8.39 -1.69 39.98
N LEU B 269 7.66 -0.66 39.57
CA LEU B 269 7.97 0.68 40.03
C LEU B 269 7.81 0.74 41.55
N PRO B 270 8.85 1.18 42.29
CA PRO B 270 8.84 1.02 43.75
C PRO B 270 7.60 1.52 44.48
N TRP B 271 6.77 2.36 43.84
CA TRP B 271 5.61 2.91 44.55
C TRP B 271 4.48 1.88 44.61
N TRP B 272 3.90 1.54 43.46
CA TRP B 272 2.82 0.56 43.44
C TRP B 272 3.32 -0.88 43.32
N ALA B 273 4.65 -1.09 43.31
CA ALA B 273 5.18 -2.42 43.10
C ALA B 273 4.72 -3.40 44.17
N ASN B 274 4.50 -2.93 45.40
CA ASN B 274 4.18 -3.81 46.51
C ASN B 274 2.72 -3.77 46.92
N ILE B 275 1.91 -2.91 46.32
CA ILE B 275 0.50 -2.81 46.69
C ILE B 275 -0.13 -4.19 46.50
N PRO B 276 -0.69 -4.79 47.53
CA PRO B 276 -1.24 -6.14 47.37
C PRO B 276 -2.45 -6.15 46.45
N GLY B 277 -2.67 -7.30 45.82
CA GLY B 277 -3.81 -7.48 44.94
C GLY B 277 -3.44 -7.37 43.47
N GLY B 278 -4.45 -7.59 42.64
CA GLY B 278 -4.24 -7.59 41.20
C GLY B 278 -3.59 -8.88 40.74
N ILE B 279 -2.97 -8.80 39.57
CA ILE B 279 -2.31 -9.97 38.99
C ILE B 279 -0.92 -10.16 39.59
N ASN B 280 -0.17 -9.06 39.72
CA ASN B 280 1.21 -9.11 40.19
C ASN B 280 1.35 -8.97 41.70
N GLY B 281 0.23 -8.88 42.42
CA GLY B 281 0.28 -8.78 43.87
C GLY B 281 -0.20 -10.06 44.54
N GLU C 2 14.77 17.30 -4.61
CA GLU C 2 13.55 17.90 -5.12
C GLU C 2 12.37 17.61 -4.19
N TYR C 3 11.23 18.23 -4.47
CA TYR C 3 10.04 18.04 -3.64
C TYR C 3 9.51 16.63 -3.83
N GLN C 4 9.20 15.95 -2.71
CA GLN C 4 8.82 14.55 -2.73
C GLN C 4 7.33 14.30 -2.50
N ASN C 5 6.57 15.32 -2.09
CA ASN C 5 5.13 15.22 -1.98
C ASN C 5 4.70 14.23 -0.88
N ILE C 6 5.52 14.10 0.18
CA ILE C 6 5.11 13.31 1.33
C ILE C 6 4.27 14.16 2.28
N PHE C 7 4.59 15.44 2.40
CA PHE C 7 3.83 16.38 3.22
C PHE C 7 3.46 17.57 2.38
N THR C 8 2.25 18.08 2.59
CA THR C 8 1.81 19.28 1.90
C THR C 8 2.74 20.43 2.24
N GLN C 9 3.05 21.25 1.24
CA GLN C 9 3.87 22.44 1.47
C GLN C 9 3.02 23.60 1.96
N VAL C 10 1.94 23.90 1.24
CA VAL C 10 1.07 25.03 1.54
C VAL C 10 -0.34 24.49 1.68
N GLN C 11 -0.87 24.52 2.90
CA GLN C 11 -2.27 24.16 3.12
C GLN C 11 -3.19 25.28 2.67
N VAL C 12 -4.31 24.90 2.07
CA VAL C 12 -5.37 25.83 1.72
C VAL C 12 -6.66 25.35 2.37
N ARG C 13 -7.49 26.30 2.80
CA ARG C 13 -8.72 25.98 3.51
C ARG C 13 -9.85 26.83 2.94
N GLY C 14 -11.03 26.24 2.86
CA GLY C 14 -12.20 26.93 2.37
C GLY C 14 -13.44 26.50 3.12
N PRO C 15 -14.60 26.95 2.65
CA PRO C 15 -15.85 26.53 3.27
C PRO C 15 -15.93 25.01 3.40
N ALA C 16 -16.40 24.56 4.55
CA ALA C 16 -16.49 23.13 4.81
C ALA C 16 -17.31 22.44 3.73
N ASP C 17 -16.90 21.22 3.38
CA ASP C 17 -17.60 20.42 2.39
C ASP C 17 -18.62 19.54 3.11
N LEU C 18 -19.91 19.85 2.91
CA LEU C 18 -20.96 19.08 3.55
C LEU C 18 -21.23 17.76 2.83
N GLY C 19 -20.62 17.52 1.68
CA GLY C 19 -20.63 16.20 1.07
C GLY C 19 -21.77 16.00 0.09
N MET C 20 -21.67 14.91 -0.65
CA MET C 20 -22.73 14.51 -1.57
C MET C 20 -23.98 14.11 -0.80
N THR C 21 -25.14 14.32 -1.42
CA THR C 21 -26.42 14.04 -0.80
C THR C 21 -26.97 12.69 -1.24
N GLU C 22 -27.22 12.53 -2.53
CA GLU C 22 -27.77 11.28 -3.08
C GLU C 22 -29.02 10.97 -2.25
N ASP C 23 -29.19 9.73 -1.77
CA ASP C 23 -30.34 9.35 -0.96
C ASP C 23 -29.99 9.26 0.51
N VAL C 24 -28.96 9.97 0.95
CA VAL C 24 -28.63 10.00 2.37
C VAL C 24 -29.69 10.81 3.11
N ASN C 25 -30.11 10.30 4.26
CA ASN C 25 -31.06 11.00 5.13
C ASN C 25 -30.30 12.09 5.86
N LEU C 26 -30.42 13.33 5.38
CA LEU C 26 -29.64 14.43 5.93
C LEU C 26 -29.99 14.73 7.39
N ALA C 27 -31.07 14.16 7.92
CA ALA C 27 -31.40 14.38 9.32
C ALA C 27 -30.36 13.76 10.25
N ASN C 28 -29.69 12.68 9.82
CA ASN C 28 -28.78 11.95 10.68
C ASN C 28 -27.32 12.33 10.45
N ARG C 29 -27.05 13.46 9.81
CA ARG C 29 -25.70 13.97 9.66
C ARG C 29 -25.45 15.05 10.70
N SER C 30 -24.32 14.93 11.40
CA SER C 30 -23.94 15.94 12.37
C SER C 30 -23.55 17.23 11.66
N GLY C 31 -23.24 18.25 12.45
CA GLY C 31 -22.61 19.43 11.92
C GLY C 31 -21.16 19.17 11.58
N VAL C 32 -20.51 20.18 11.01
CA VAL C 32 -19.10 20.06 10.66
C VAL C 32 -18.26 20.29 11.90
N GLY C 33 -17.17 19.53 12.02
CA GLY C 33 -16.25 19.69 13.11
C GLY C 33 -15.13 20.64 12.75
N PRO C 34 -14.21 20.85 13.68
CA PRO C 34 -13.11 21.78 13.43
C PRO C 34 -12.12 21.24 12.42
N PHE C 35 -11.45 22.15 11.74
CA PHE C 35 -10.36 21.78 10.85
C PHE C 35 -9.09 21.53 11.65
N SER C 36 -8.25 20.63 11.15
CA SER C 36 -7.02 20.24 11.84
C SER C 36 -5.83 20.54 10.95
N THR C 37 -5.16 21.67 11.22
CA THR C 37 -3.91 21.98 10.54
C THR C 37 -2.92 20.82 10.63
N LEU C 38 -2.92 20.12 11.76
CA LEU C 38 -2.00 18.99 11.94
C LEU C 38 -2.22 17.94 10.87
N LEU C 39 -3.46 17.46 10.73
CA LEU C 39 -3.78 16.49 9.69
C LEU C 39 -3.61 17.07 8.29
N GLY C 40 -3.67 18.40 8.16
CA GLY C 40 -3.58 19.02 6.84
C GLY C 40 -2.23 18.82 6.18
N TRP C 41 -1.17 18.62 6.97
CA TRP C 41 0.14 18.36 6.38
C TRP C 41 0.18 17.04 5.62
N PHE C 42 -0.61 16.07 6.06
CA PHE C 42 -0.58 14.71 5.53
C PHE C 42 -1.79 14.37 4.68
N GLY C 43 -2.97 14.86 5.04
CA GLY C 43 -4.19 14.61 4.30
C GLY C 43 -5.13 15.79 4.40
N ASN C 44 -6.43 15.51 4.42
CA ASN C 44 -7.43 16.56 4.57
C ASN C 44 -7.51 17.01 6.01
N ALA C 45 -7.79 18.31 6.20
CA ALA C 45 -7.88 18.89 7.53
C ALA C 45 -9.29 18.90 8.09
N GLN C 46 -10.30 18.54 7.29
CA GLN C 46 -11.68 18.66 7.72
C GLN C 46 -12.11 17.45 8.54
N LEU C 47 -12.68 17.71 9.71
CA LEU C 47 -13.26 16.67 10.56
C LEU C 47 -14.78 16.77 10.50
N GLY C 48 -15.43 15.62 10.31
CA GLY C 48 -16.86 15.58 10.14
C GLY C 48 -17.27 16.10 8.78
N PRO C 49 -18.59 16.05 8.48
CA PRO C 49 -19.62 15.55 9.38
C PRO C 49 -19.66 14.04 9.41
N ILE C 50 -20.41 13.47 10.34
CA ILE C 50 -20.55 12.02 10.45
C ILE C 50 -22.02 11.66 10.43
N TYR C 51 -22.33 10.50 9.84
CA TYR C 51 -23.70 9.99 9.78
C TYR C 51 -23.97 9.10 10.97
N LEU C 52 -25.17 9.25 11.56
CA LEU C 52 -25.51 8.59 12.81
C LEU C 52 -26.97 8.14 12.77
N GLY C 53 -27.20 6.94 12.24
CA GLY C 53 -28.51 6.34 12.20
C GLY C 53 -28.75 5.39 13.35
N SER C 54 -29.72 4.50 13.17
CA SER C 54 -30.06 3.53 14.20
C SER C 54 -28.95 2.50 14.38
N LEU C 55 -28.38 2.03 13.27
CA LEU C 55 -27.29 1.06 13.36
C LEU C 55 -26.06 1.67 14.01
N GLY C 56 -25.68 2.88 13.60
CA GLY C 56 -24.54 3.53 14.22
C GLY C 56 -24.73 3.71 15.71
N VAL C 57 -25.91 4.15 16.12
CA VAL C 57 -26.21 4.30 17.55
C VAL C 57 -26.20 2.95 18.23
N LEU C 58 -26.81 1.95 17.61
CA LEU C 58 -26.81 0.60 18.17
C LEU C 58 -25.40 0.04 18.25
N SER C 59 -24.63 0.16 17.17
CA SER C 59 -23.26 -0.33 17.18
C SER C 59 -22.45 0.38 18.26
N LEU C 60 -22.52 1.71 18.29
CA LEU C 60 -21.75 2.49 19.26
C LEU C 60 -22.12 2.12 20.68
N PHE C 61 -23.42 2.14 20.99
CA PHE C 61 -23.86 1.76 22.34
C PHE C 61 -23.47 0.33 22.67
N SER C 62 -23.77 -0.60 21.77
CA SER C 62 -23.41 -2.00 22.00
C SER C 62 -21.91 -2.16 22.18
N GLY C 63 -21.11 -1.40 21.41
CA GLY C 63 -19.67 -1.48 21.54
C GLY C 63 -19.16 -0.94 22.86
N LEU C 64 -19.82 0.09 23.39
CA LEU C 64 -19.42 0.63 24.69
C LEU C 64 -19.77 -0.31 25.84
N MET C 65 -20.88 -1.05 25.71
CA MET C 65 -21.20 -2.06 26.72
C MET C 65 -20.12 -3.13 26.75
N TRP C 66 -19.68 -3.59 25.58
CA TRP C 66 -18.58 -4.55 25.51
C TRP C 66 -17.35 -3.98 26.20
N PHE C 67 -16.99 -2.74 25.88
CA PHE C 67 -15.84 -2.08 26.51
C PHE C 67 -16.05 -1.91 28.01
N PHE C 68 -17.26 -1.54 28.43
N PHE C 68 -17.28 -1.56 28.42
CA PHE C 68 -17.52 -1.36 29.86
CA PHE C 68 -17.56 -1.36 29.84
C PHE C 68 -17.53 -2.68 30.59
C PHE C 68 -17.56 -2.68 30.60
N THR C 69 -18.03 -3.75 29.96
CA THR C 69 -18.08 -5.05 30.64
C THR C 69 -16.68 -5.55 30.95
N ILE C 70 -15.77 -5.48 29.98
CA ILE C 70 -14.39 -5.85 30.24
C ILE C 70 -13.79 -4.95 31.31
N GLY C 71 -14.19 -3.69 31.33
CA GLY C 71 -13.65 -2.72 32.25
C GLY C 71 -13.94 -3.03 33.70
N ILE C 72 -15.22 -3.17 34.04
CA ILE C 72 -15.59 -3.44 35.43
C ILE C 72 -14.94 -4.72 35.92
N TRP C 73 -14.70 -5.67 35.01
CA TRP C 73 -13.98 -6.88 35.38
C TRP C 73 -12.54 -6.55 35.76
N PHE C 74 -11.86 -5.74 34.95
CA PHE C 74 -10.48 -5.36 35.28
C PHE C 74 -10.44 -4.61 36.60
N TRP C 75 -11.41 -3.73 36.84
CA TRP C 75 -11.47 -3.05 38.14
C TRP C 75 -11.70 -4.05 39.27
N TYR C 76 -12.47 -5.10 39.01
CA TYR C 76 -12.70 -6.13 40.02
C TYR C 76 -11.43 -6.94 40.28
N GLN C 77 -10.70 -7.29 39.22
CA GLN C 77 -9.44 -7.98 39.40
C GLN C 77 -8.41 -7.08 40.10
N ALA C 78 -8.50 -5.76 39.88
CA ALA C 78 -7.61 -4.82 40.53
C ALA C 78 -8.02 -4.51 41.97
N GLY C 79 -9.02 -5.21 42.50
CA GLY C 79 -9.51 -4.91 43.84
C GLY C 79 -10.01 -3.49 44.00
N TRP C 80 -10.41 -2.85 42.91
CA TRP C 80 -10.93 -1.49 42.92
C TRP C 80 -9.86 -0.46 43.30
N ASN C 81 -8.59 -0.85 43.25
CA ASN C 81 -7.50 0.07 43.54
C ASN C 81 -7.00 0.71 42.25
N PRO C 82 -7.05 2.03 42.11
CA PRO C 82 -6.58 2.64 40.85
C PRO C 82 -5.12 2.36 40.56
N ALA C 83 -4.27 2.31 41.59
CA ALA C 83 -2.85 2.05 41.37
C ALA C 83 -2.64 0.66 40.79
N VAL C 84 -3.25 -0.36 41.41
CA VAL C 84 -3.15 -1.73 40.89
C VAL C 84 -3.73 -1.80 39.49
N PHE C 85 -4.74 -0.98 39.20
CA PHE C 85 -5.36 -1.00 37.87
C PHE C 85 -4.34 -0.64 36.80
N LEU C 86 -3.69 0.52 36.94
CA LEU C 86 -2.71 0.96 35.95
C LEU C 86 -1.51 0.03 35.92
N ARG C 87 -1.11 -0.49 37.09
CA ARG C 87 0.05 -1.36 37.16
C ARG C 87 -0.17 -2.64 36.34
N ASP C 88 -1.26 -3.35 36.61
CA ASP C 88 -1.53 -4.64 35.98
C ASP C 88 -2.53 -4.55 34.83
N LEU C 89 -2.67 -3.36 34.22
CA LEU C 89 -3.68 -3.18 33.19
C LEU C 89 -3.54 -4.22 32.08
N PHE C 90 -2.32 -4.43 31.59
CA PHE C 90 -2.09 -5.35 30.49
C PHE C 90 -2.18 -6.81 30.91
N PHE C 91 -2.16 -7.10 32.20
CA PHE C 91 -2.22 -8.48 32.67
C PHE C 91 -3.63 -8.92 32.99
N PHE C 92 -4.56 -8.00 33.23
CA PHE C 92 -5.95 -8.37 33.46
C PHE C 92 -6.50 -9.12 32.24
N SER C 93 -7.44 -10.02 32.50
CA SER C 93 -8.00 -10.84 31.43
C SER C 93 -9.38 -11.30 31.81
N LEU C 94 -10.29 -11.30 30.85
CA LEU C 94 -11.65 -11.82 31.01
C LEU C 94 -11.70 -13.10 30.19
N GLU C 95 -11.68 -14.25 30.87
CA GLU C 95 -11.56 -15.55 30.23
C GLU C 95 -12.93 -16.15 29.97
N PRO C 96 -13.03 -17.02 28.96
CA PRO C 96 -14.30 -17.71 28.69
C PRO C 96 -14.59 -18.75 29.76
N PRO C 97 -15.79 -19.34 29.73
CA PRO C 97 -16.10 -20.41 30.69
C PRO C 97 -15.12 -21.56 30.58
N ALA C 98 -14.96 -22.27 31.69
CA ALA C 98 -14.10 -23.45 31.70
C ALA C 98 -14.66 -24.53 30.79
N PRO C 99 -13.83 -25.50 30.39
CA PRO C 99 -14.32 -26.55 29.49
C PRO C 99 -15.50 -27.33 30.06
N GLU C 100 -15.66 -27.38 31.38
CA GLU C 100 -16.70 -28.19 31.97
C GLU C 100 -18.10 -27.67 31.61
N TYR C 101 -18.24 -26.36 31.43
CA TYR C 101 -19.53 -25.80 31.05
C TYR C 101 -19.87 -26.04 29.59
N GLY C 102 -18.92 -26.49 28.77
CA GLY C 102 -19.21 -26.77 27.38
C GLY C 102 -19.73 -25.53 26.67
N LEU C 103 -20.86 -25.69 25.99
CA LEU C 103 -21.52 -24.59 25.28
C LEU C 103 -22.70 -24.03 26.07
N SER C 104 -22.69 -24.17 27.38
CA SER C 104 -23.77 -23.69 28.21
C SER C 104 -23.58 -22.21 28.54
N PHE C 105 -24.71 -21.50 28.63
CA PHE C 105 -24.72 -20.13 29.12
C PHE C 105 -25.00 -20.05 30.61
N ALA C 106 -24.89 -21.17 31.33
CA ALA C 106 -25.16 -21.23 32.75
C ALA C 106 -23.91 -21.06 33.60
N ALA C 107 -22.82 -20.56 33.02
CA ALA C 107 -21.62 -20.30 33.79
C ALA C 107 -21.82 -19.07 34.66
N PRO C 108 -21.45 -19.10 35.95
CA PRO C 108 -21.59 -17.90 36.77
C PRO C 108 -20.72 -16.77 36.24
N LEU C 109 -21.08 -15.55 36.63
CA LEU C 109 -20.46 -14.37 36.06
C LEU C 109 -18.94 -14.42 36.20
N LYS C 110 -18.44 -14.88 37.35
CA LYS C 110 -17.02 -14.87 37.63
C LYS C 110 -16.29 -16.09 37.10
N GLU C 111 -16.97 -16.93 36.31
CA GLU C 111 -16.34 -18.12 35.72
C GLU C 111 -16.79 -18.26 34.27
N GLY C 112 -16.76 -17.15 33.53
CA GLY C 112 -17.07 -17.13 32.12
C GLY C 112 -18.43 -16.54 31.79
N GLY C 113 -19.31 -16.39 32.78
CA GLY C 113 -20.58 -15.76 32.51
C GLY C 113 -20.42 -14.35 31.96
N LEU C 114 -19.50 -13.58 32.55
CA LEU C 114 -19.27 -12.21 32.08
C LEU C 114 -18.63 -12.19 30.71
N TRP C 115 -17.78 -13.18 30.40
CA TRP C 115 -17.21 -13.27 29.06
C TRP C 115 -18.29 -13.48 28.01
N LEU C 116 -19.36 -14.20 28.36
CA LEU C 116 -20.44 -14.43 27.41
C LEU C 116 -21.26 -13.18 27.18
N ILE C 117 -21.45 -12.37 28.23
CA ILE C 117 -22.18 -11.12 28.08
C ILE C 117 -21.40 -10.16 27.20
N ALA C 118 -20.09 -10.00 27.47
CA ALA C 118 -19.26 -9.14 26.63
C ALA C 118 -19.27 -9.61 25.18
N SER C 119 -19.13 -10.92 24.96
CA SER C 119 -19.11 -11.43 23.60
C SER C 119 -20.41 -11.12 22.87
N PHE C 120 -21.54 -11.14 23.59
CA PHE C 120 -22.82 -10.79 22.99
C PHE C 120 -22.82 -9.34 22.53
N PHE C 121 -22.33 -8.43 23.38
CA PHE C 121 -22.29 -7.02 23.00
C PHE C 121 -21.34 -6.79 21.83
N MET C 122 -20.17 -7.44 21.85
CA MET C 122 -19.26 -7.32 20.73
C MET C 122 -19.90 -7.85 19.45
N PHE C 123 -20.69 -8.93 19.57
CA PHE C 123 -21.32 -9.54 18.41
C PHE C 123 -22.31 -8.58 17.76
N VAL C 124 -23.11 -7.90 18.57
CA VAL C 124 -24.07 -6.93 18.04
C VAL C 124 -23.36 -5.72 17.48
N ALA C 125 -22.29 -5.27 18.15
CA ALA C 125 -21.60 -4.06 17.72
C ALA C 125 -21.02 -4.23 16.32
N VAL C 126 -20.38 -5.38 16.06
CA VAL C 126 -19.67 -5.58 14.80
C VAL C 126 -20.66 -5.77 13.66
N TRP C 127 -21.67 -6.63 13.86
CA TRP C 127 -22.60 -6.93 12.78
C TRP C 127 -23.48 -5.74 12.44
N SER C 128 -23.90 -4.97 13.45
CA SER C 128 -24.61 -3.73 13.18
C SER C 128 -23.71 -2.73 12.48
N TRP C 129 -22.41 -2.74 12.80
CA TRP C 129 -21.47 -1.89 12.07
C TRP C 129 -21.29 -2.37 10.63
N TRP C 130 -21.38 -3.68 10.40
CA TRP C 130 -21.31 -4.18 9.03
C TRP C 130 -22.48 -3.68 8.21
N GLY C 131 -23.70 -3.78 8.75
CA GLY C 131 -24.85 -3.23 8.06
C GLY C 131 -24.68 -1.75 7.78
N ARG C 132 -23.95 -1.06 8.65
CA ARG C 132 -23.68 0.37 8.44
C ARG C 132 -22.83 0.58 7.18
N THR C 133 -21.74 -0.20 7.02
CA THR C 133 -20.90 -0.03 5.84
C THR C 133 -21.67 -0.34 4.57
N TYR C 134 -22.69 -1.19 4.66
CA TYR C 134 -23.51 -1.51 3.50
C TYR C 134 -24.48 -0.37 3.17
N LEU C 135 -25.26 0.08 4.15
CA LEU C 135 -26.25 1.11 3.89
C LEU C 135 -25.63 2.46 3.54
N ARG C 136 -24.44 2.74 4.06
CA ARG C 136 -23.78 4.00 3.72
C ARG C 136 -23.37 4.03 2.25
N ALA C 137 -22.85 2.91 1.74
CA ALA C 137 -22.54 2.81 0.33
C ALA C 137 -23.81 2.83 -0.51
N GLN C 138 -24.85 2.15 -0.04
CA GLN C 138 -26.10 2.09 -0.79
C GLN C 138 -26.77 3.45 -0.88
N ALA C 139 -26.78 4.21 0.22
CA ALA C 139 -27.40 5.54 0.20
C ALA C 139 -26.76 6.45 -0.82
N LEU C 140 -25.48 6.24 -1.13
CA LEU C 140 -24.76 7.03 -2.11
C LEU C 140 -24.72 6.38 -3.49
N GLY C 141 -25.41 5.24 -3.67
CA GLY C 141 -25.41 4.58 -4.96
C GLY C 141 -24.10 3.93 -5.34
N MET C 142 -23.25 3.62 -4.37
CA MET C 142 -21.96 3.02 -4.63
C MET C 142 -22.07 1.50 -4.58
N GLY C 143 -21.06 0.84 -5.14
CA GLY C 143 -20.93 -0.60 -4.98
C GLY C 143 -20.69 -0.97 -3.53
N LYS C 144 -20.86 -2.26 -3.24
CA LYS C 144 -20.75 -2.77 -1.88
C LYS C 144 -19.40 -3.44 -1.62
N HIS C 145 -18.34 -3.01 -2.31
CA HIS C 145 -17.05 -3.64 -2.13
C HIS C 145 -16.58 -3.55 -0.68
N THR C 146 -16.82 -2.40 -0.04
CA THR C 146 -16.37 -2.24 1.34
C THR C 146 -17.03 -3.26 2.26
N ALA C 147 -18.35 -3.46 2.10
CA ALA C 147 -19.05 -4.42 2.94
C ALA C 147 -18.53 -5.83 2.73
N TRP C 148 -18.22 -6.19 1.48
N TRP C 148 -18.21 -6.19 1.48
CA TRP C 148 -17.73 -7.54 1.22
CA TRP C 148 -17.73 -7.54 1.20
C TRP C 148 -16.31 -7.71 1.73
C TRP C 148 -16.30 -7.73 1.69
N ALA C 149 -15.46 -6.70 1.57
CA ALA C 149 -14.11 -6.78 2.12
C ALA C 149 -14.16 -6.91 3.63
N PHE C 150 -15.10 -6.20 4.27
CA PHE C 150 -15.25 -6.29 5.72
C PHE C 150 -15.65 -7.70 6.15
N LEU C 151 -16.51 -8.37 5.37
CA LEU C 151 -16.90 -9.74 5.67
C LEU C 151 -15.69 -10.65 5.85
N SER C 152 -14.62 -10.42 5.10
CA SER C 152 -13.44 -11.28 5.23
C SER C 152 -12.80 -11.15 6.61
N ALA C 153 -12.72 -9.93 7.14
CA ALA C 153 -12.23 -9.74 8.50
C ALA C 153 -13.19 -10.35 9.52
N ILE C 154 -14.49 -10.12 9.35
CA ILE C 154 -15.49 -10.72 10.23
C ILE C 154 -15.39 -12.23 10.20
N TRP C 155 -15.05 -12.81 9.04
CA TRP C 155 -14.96 -14.26 8.91
C TRP C 155 -13.96 -14.83 9.90
N LEU C 156 -12.74 -14.29 9.93
CA LEU C 156 -11.73 -14.77 10.88
C LEU C 156 -12.16 -14.53 12.32
N TRP C 157 -12.69 -13.34 12.60
CA TRP C 157 -13.18 -13.03 13.94
C TRP C 157 -14.28 -14.01 14.36
N MET C 158 -15.16 -14.38 13.44
CA MET C 158 -16.22 -15.33 13.75
C MET C 158 -15.66 -16.72 14.03
N VAL C 159 -14.61 -17.12 13.29
CA VAL C 159 -14.03 -18.43 13.49
C VAL C 159 -13.34 -18.52 14.84
N LEU C 160 -12.62 -17.46 15.23
CA LEU C 160 -11.81 -17.52 16.44
C LEU C 160 -12.67 -17.66 17.69
N GLY C 161 -13.79 -16.94 17.76
CA GLY C 161 -14.50 -16.82 19.00
C GLY C 161 -15.91 -17.37 19.03
N PHE C 162 -16.39 -17.93 17.90
N PHE C 162 -16.39 -17.93 17.90
CA PHE C 162 -17.76 -18.39 17.82
CA PHE C 162 -17.76 -18.39 17.82
C PHE C 162 -17.87 -19.70 17.06
C PHE C 162 -17.88 -19.70 17.07
N ILE C 163 -17.49 -19.72 15.79
CA ILE C 163 -17.69 -20.91 14.97
C ILE C 163 -16.82 -22.06 15.46
N ARG C 164 -15.51 -21.84 15.54
CA ARG C 164 -14.63 -22.92 15.97
C ARG C 164 -14.95 -23.40 17.37
N PRO C 165 -15.10 -22.54 18.38
CA PRO C 165 -15.51 -23.03 19.71
C PRO C 165 -16.75 -23.90 19.67
N ILE C 166 -17.75 -23.54 18.87
CA ILE C 166 -18.97 -24.35 18.77
C ILE C 166 -18.63 -25.72 18.19
N LEU C 167 -17.84 -25.76 17.12
CA LEU C 167 -17.44 -27.03 16.53
C LEU C 167 -16.60 -27.86 17.50
N MET C 168 -15.84 -27.19 18.38
CA MET C 168 -15.08 -27.89 19.41
C MET C 168 -15.95 -28.26 20.60
N GLY C 169 -17.13 -27.67 20.73
CA GLY C 169 -18.05 -28.02 21.80
C GLY C 169 -17.73 -27.40 23.14
N SER C 170 -17.05 -26.25 23.16
CA SER C 170 -16.68 -25.63 24.42
C SER C 170 -16.31 -24.17 24.17
N TRP C 171 -16.93 -23.26 24.93
CA TRP C 171 -16.55 -21.85 24.89
C TRP C 171 -15.12 -21.62 25.36
N SER C 172 -14.56 -22.56 26.14
CA SER C 172 -13.20 -22.40 26.63
C SER C 172 -12.17 -22.31 25.51
N GLU C 173 -12.53 -22.72 24.30
CA GLU C 173 -11.64 -22.61 23.15
C GLU C 173 -11.62 -21.22 22.54
N ALA C 174 -12.47 -20.31 23.00
CA ALA C 174 -12.46 -18.95 22.48
C ALA C 174 -11.25 -18.19 23.04
N VAL C 175 -11.07 -16.97 22.55
CA VAL C 175 -9.93 -16.13 22.93
C VAL C 175 -10.33 -15.31 24.15
N PRO C 176 -9.42 -15.00 25.06
CA PRO C 176 -9.76 -14.14 26.20
C PRO C 176 -9.57 -12.65 25.88
N TYR C 177 -10.27 -11.83 26.65
CA TYR C 177 -10.19 -10.38 26.51
C TYR C 177 -9.08 -9.84 27.41
N GLY C 178 -7.91 -9.62 26.83
CA GLY C 178 -6.80 -9.07 27.57
C GLY C 178 -5.63 -8.80 26.65
N ILE C 179 -4.85 -7.75 26.93
CA ILE C 179 -3.71 -7.40 26.09
C ILE C 179 -2.76 -8.58 26.04
N PHE C 180 -2.10 -8.87 27.17
CA PHE C 180 -1.13 -9.96 27.20
C PHE C 180 -1.79 -11.33 27.13
N SER C 181 -3.00 -11.47 27.70
CA SER C 181 -3.62 -12.79 27.76
C SER C 181 -3.97 -13.32 26.37
N HIS C 182 -4.34 -12.43 25.44
CA HIS C 182 -4.69 -12.89 24.10
C HIS C 182 -3.46 -13.17 23.25
N LEU C 183 -2.32 -12.54 23.56
CA LEU C 183 -1.05 -12.94 22.98
C LEU C 183 -0.65 -14.34 23.44
N ASP C 184 -0.79 -14.61 24.74
CA ASP C 184 -0.48 -15.93 25.25
C ASP C 184 -1.37 -16.99 24.63
N TRP C 185 -2.66 -16.69 24.49
CA TRP C 185 -3.58 -17.60 23.82
C TRP C 185 -3.07 -17.96 22.43
N THR C 186 -2.60 -16.97 21.68
CA THR C 186 -2.11 -17.20 20.33
C THR C 186 -0.89 -18.12 20.33
N ASN C 187 -0.01 -17.94 21.31
CA ASN C 187 1.17 -18.80 21.41
C ASN C 187 0.78 -20.23 21.74
N ASN C 188 -0.09 -20.41 22.73
CA ASN C 188 -0.50 -21.76 23.11
C ASN C 188 -1.27 -22.44 22.00
N PHE C 189 -2.04 -21.68 21.21
CA PHE C 189 -2.78 -22.29 20.11
C PHE C 189 -1.86 -22.99 19.14
N SER C 190 -0.74 -22.35 18.78
CA SER C 190 0.20 -22.96 17.85
C SER C 190 0.87 -24.19 18.45
N LEU C 191 1.31 -24.10 19.71
CA LEU C 191 2.00 -25.23 20.34
C LEU C 191 1.08 -26.44 20.44
N VAL C 192 -0.19 -26.21 20.75
CA VAL C 192 -1.14 -27.31 20.92
C VAL C 192 -1.38 -28.02 19.60
N HIS C 193 -1.38 -27.30 18.49
CA HIS C 193 -1.71 -27.87 17.19
C HIS C 193 -0.49 -28.17 16.34
N GLY C 194 0.67 -28.36 16.97
CA GLY C 194 1.84 -28.83 16.27
C GLY C 194 2.48 -27.83 15.33
N ASN C 195 2.56 -26.56 15.74
CA ASN C 195 3.29 -25.55 14.97
C ASN C 195 2.49 -25.06 13.77
N LEU C 196 1.92 -23.86 13.86
CA LEU C 196 1.12 -23.33 12.76
C LEU C 196 1.96 -22.96 11.54
N HIS C 197 3.29 -22.88 11.68
CA HIS C 197 4.13 -22.66 10.51
C HIS C 197 3.87 -23.72 9.44
N TYR C 198 3.41 -24.91 9.84
CA TYR C 198 3.15 -26.00 8.92
C TYR C 198 1.68 -26.16 8.59
N ASN C 199 0.86 -25.17 8.96
CA ASN C 199 -0.50 -25.07 8.47
C ASN C 199 -0.45 -24.33 7.13
N PRO C 200 -0.73 -24.99 6.01
CA PRO C 200 -0.53 -24.31 4.72
C PRO C 200 -1.41 -23.08 4.55
N PHE C 201 -2.60 -23.07 5.14
CA PHE C 201 -3.44 -21.87 5.10
C PHE C 201 -2.86 -20.75 5.94
N HIS C 202 -2.09 -21.10 6.98
CA HIS C 202 -1.38 -20.07 7.74
C HIS C 202 -0.23 -19.49 6.92
N GLY C 203 0.46 -20.34 6.16
CA GLY C 203 1.52 -19.84 5.30
C GLY C 203 0.99 -18.97 4.18
N LEU C 204 -0.14 -19.37 3.58
CA LEU C 204 -0.79 -18.53 2.59
C LEU C 204 -1.18 -17.19 3.20
N SER C 205 -1.78 -17.22 4.39
CA SER C 205 -2.16 -15.99 5.07
C SER C 205 -0.95 -15.05 5.21
N ILE C 206 0.20 -15.59 5.59
CA ILE C 206 1.40 -14.78 5.73
C ILE C 206 1.82 -14.19 4.39
N ALA C 207 1.78 -15.01 3.33
CA ALA C 207 2.16 -14.52 2.00
C ALA C 207 1.31 -13.31 1.61
N PHE C 208 0.02 -13.32 1.93
CA PHE C 208 -0.86 -12.22 1.59
C PHE C 208 -0.69 -11.05 2.56
N LEU C 209 -0.34 -11.31 3.82
CA LEU C 209 -0.02 -10.22 4.73
C LEU C 209 1.24 -9.50 4.25
N TYR C 210 2.32 -10.23 4.01
CA TYR C 210 3.51 -9.65 3.41
C TYR C 210 3.18 -9.00 2.07
N GLY C 211 2.36 -9.67 1.25
CA GLY C 211 2.03 -9.13 -0.06
C GLY C 211 1.22 -7.85 0.00
N SER C 212 0.45 -7.66 1.07
CA SER C 212 -0.29 -6.41 1.23
C SER C 212 0.66 -5.24 1.47
N ALA C 213 1.70 -5.45 2.29
CA ALA C 213 2.69 -4.40 2.50
C ALA C 213 3.53 -4.17 1.26
N LEU C 214 3.84 -5.25 0.52
CA LEU C 214 4.53 -5.12 -0.75
C LEU C 214 3.71 -4.28 -1.72
N LEU C 215 2.43 -4.62 -1.87
CA LEU C 215 1.62 -4.00 -2.91
C LEU C 215 1.30 -2.56 -2.57
N PHE C 216 0.99 -2.26 -1.31
CA PHE C 216 0.64 -0.89 -0.95
C PHE C 216 1.87 0.02 -1.03
N ALA C 217 3.06 -0.52 -0.73
CA ALA C 217 4.28 0.24 -0.93
C ALA C 217 4.53 0.50 -2.42
N MET C 218 4.32 -0.51 -3.26
CA MET C 218 4.42 -0.31 -4.70
C MET C 218 3.41 0.73 -5.18
N HIS C 219 2.14 0.58 -4.78
CA HIS C 219 1.08 1.44 -5.27
C HIS C 219 1.19 2.85 -4.70
N GLY C 220 1.41 2.97 -3.39
CA GLY C 220 1.58 4.29 -2.81
C GLY C 220 2.76 5.04 -3.39
N ALA C 221 3.90 4.36 -3.52
CA ALA C 221 5.07 4.99 -4.12
C ALA C 221 4.81 5.34 -5.58
N THR C 222 4.09 4.48 -6.30
CA THR C 222 3.82 4.73 -7.71
C THR C 222 2.95 5.97 -7.90
N ILE C 223 1.89 6.10 -7.09
CA ILE C 223 1.00 7.24 -7.22
C ILE C 223 1.72 8.52 -6.85
N LEU C 224 2.55 8.49 -5.82
CA LEU C 224 3.31 9.69 -5.47
C LEU C 224 4.31 10.03 -6.56
N ALA C 225 4.90 9.03 -7.20
CA ALA C 225 5.86 9.28 -8.27
C ALA C 225 5.21 9.93 -9.48
N VAL C 226 3.91 9.72 -9.69
CA VAL C 226 3.20 10.30 -10.81
C VAL C 226 2.15 11.31 -10.34
N SER C 227 2.24 11.77 -9.09
CA SER C 227 1.36 12.84 -8.64
C SER C 227 1.69 14.16 -9.33
N ARG C 228 2.91 14.29 -9.85
CA ARG C 228 3.25 15.44 -10.68
C ARG C 228 2.42 15.48 -11.96
N PHE C 229 1.76 14.38 -12.32
CA PHE C 229 0.81 14.33 -13.43
C PHE C 229 -0.63 14.15 -12.94
N GLY C 230 -0.89 14.49 -11.68
CA GLY C 230 -2.23 14.33 -11.13
C GLY C 230 -2.68 12.88 -11.05
N GLY C 231 -1.75 11.97 -10.74
CA GLY C 231 -2.03 10.56 -10.78
C GLY C 231 -2.99 10.07 -9.71
N GLU C 232 -3.11 10.79 -8.59
CA GLU C 232 -3.99 10.32 -7.51
C GLU C 232 -5.46 10.50 -7.86
N ARG C 233 -5.78 11.31 -8.88
CA ARG C 233 -7.16 11.46 -9.34
C ARG C 233 -7.50 10.24 -10.19
N GLU C 234 -7.59 9.10 -9.50
CA GLU C 234 -7.61 7.80 -10.18
C GLU C 234 -8.94 7.54 -10.88
N LEU C 235 -10.05 8.05 -10.36
CA LEU C 235 -11.33 7.83 -11.02
C LEU C 235 -11.35 8.45 -12.41
N GLU C 236 -10.89 9.69 -12.54
CA GLU C 236 -10.83 10.33 -13.85
C GLU C 236 -9.76 9.71 -14.72
N GLN C 237 -8.69 9.17 -14.13
CA GLN C 237 -7.70 8.44 -14.90
C GLN C 237 -8.27 7.13 -15.43
N ILE C 238 -9.28 6.59 -14.76
CA ILE C 238 -9.98 5.40 -15.26
C ILE C 238 -10.86 5.74 -16.44
N ALA C 239 -11.60 6.85 -16.34
CA ALA C 239 -12.51 7.25 -17.40
C ALA C 239 -11.80 7.91 -18.58
N ASP C 240 -10.59 8.43 -18.39
CA ASP C 240 -9.87 9.15 -19.45
C ASP C 240 -8.38 9.04 -19.14
N ARG C 241 -7.79 7.93 -19.58
CA ARG C 241 -6.39 7.64 -19.30
C ARG C 241 -5.50 8.83 -19.65
N GLY C 242 -4.68 9.25 -18.69
CA GLY C 242 -3.73 10.32 -18.87
C GLY C 242 -2.30 9.80 -18.84
N THR C 243 -1.36 10.74 -18.93
CA THR C 243 0.04 10.34 -18.94
C THR C 243 0.46 9.75 -17.60
N ALA C 244 -0.20 10.16 -16.50
CA ALA C 244 0.08 9.58 -15.20
C ALA C 244 -0.10 8.06 -15.23
N ALA C 245 -1.25 7.60 -15.70
CA ALA C 245 -1.52 6.18 -15.77
C ALA C 245 -0.57 5.45 -16.71
N GLU C 246 -0.18 6.10 -17.81
CA GLU C 246 0.69 5.45 -18.77
C GLU C 246 2.10 5.29 -18.23
N ARG C 247 2.64 6.35 -17.61
CA ARG C 247 3.98 6.26 -17.03
C ARG C 247 4.03 5.25 -15.90
N ALA C 248 2.98 5.20 -15.08
CA ALA C 248 2.95 4.23 -13.99
C ALA C 248 2.96 2.81 -14.53
N ALA C 249 2.09 2.51 -15.49
CA ALA C 249 2.05 1.19 -16.09
C ALA C 249 3.39 0.84 -16.74
N LEU C 250 4.01 1.80 -17.43
CA LEU C 250 5.23 1.51 -18.16
C LEU C 250 6.42 1.29 -17.23
N PHE C 251 6.47 2.00 -16.09
CA PHE C 251 7.54 1.75 -15.14
C PHE C 251 7.57 0.29 -14.74
N TRP C 252 6.40 -0.28 -14.43
CA TRP C 252 6.35 -1.66 -13.93
C TRP C 252 6.51 -2.65 -15.06
N ARG C 253 5.97 -2.34 -16.24
CA ARG C 253 6.18 -3.22 -17.39
C ARG C 253 7.66 -3.34 -17.71
N TRP C 254 8.37 -2.21 -17.75
CA TRP C 254 9.80 -2.23 -18.02
C TRP C 254 10.57 -2.90 -16.90
N THR C 255 10.03 -2.87 -15.68
CA THR C 255 10.73 -3.42 -14.52
C THR C 255 10.54 -4.93 -14.41
N MET C 256 9.29 -5.39 -14.35
CA MET C 256 9.00 -6.79 -14.08
C MET C 256 8.22 -7.50 -15.18
N GLY C 257 8.02 -6.85 -16.34
CA GLY C 257 7.50 -7.52 -17.50
C GLY C 257 6.00 -7.43 -17.71
N PHE C 258 5.24 -7.01 -16.71
CA PHE C 258 3.81 -6.81 -16.88
C PHE C 258 3.38 -5.62 -16.05
N ASN C 259 2.10 -5.26 -16.16
CA ASN C 259 1.61 -4.02 -15.57
C ASN C 259 0.13 -4.15 -15.28
N ALA C 260 -0.40 -3.15 -14.59
CA ALA C 260 -1.81 -3.05 -14.27
C ALA C 260 -2.40 -1.81 -14.92
N THR C 261 -3.72 -1.69 -14.84
CA THR C 261 -4.41 -0.47 -15.21
C THR C 261 -4.76 0.31 -13.94
N MET C 262 -5.21 1.54 -14.14
CA MET C 262 -5.56 2.38 -12.99
C MET C 262 -6.71 1.76 -12.19
N GLU C 263 -7.64 1.08 -12.86
CA GLU C 263 -8.71 0.37 -12.15
C GLU C 263 -8.24 -1.01 -11.71
N GLY C 264 -7.51 -1.71 -12.58
CA GLY C 264 -7.16 -3.09 -12.29
C GLY C 264 -6.23 -3.25 -11.11
N ILE C 265 -5.45 -2.23 -10.78
CA ILE C 265 -4.53 -2.34 -9.65
C ILE C 265 -5.31 -2.41 -8.35
N HIS C 266 -6.52 -1.83 -8.32
CA HIS C 266 -7.31 -1.84 -7.10
C HIS C 266 -8.06 -3.16 -6.91
N ARG C 267 -8.18 -3.96 -7.96
CA ARG C 267 -8.67 -5.32 -7.79
C ARG C 267 -7.57 -6.23 -7.26
N TRP C 268 -6.32 -6.00 -7.70
CA TRP C 268 -5.18 -6.65 -7.07
C TRP C 268 -5.12 -6.34 -5.58
N ALA C 269 -5.35 -5.07 -5.23
CA ALA C 269 -5.21 -4.65 -3.84
C ALA C 269 -6.27 -5.28 -2.96
N ILE C 270 -7.55 -5.18 -3.37
CA ILE C 270 -8.62 -5.66 -2.51
C ILE C 270 -8.50 -7.16 -2.29
N TRP C 271 -8.06 -7.90 -3.31
CA TRP C 271 -7.93 -9.35 -3.17
C TRP C 271 -6.70 -9.72 -2.36
N MET C 272 -5.59 -9.02 -2.56
CA MET C 272 -4.41 -9.26 -1.74
C MET C 272 -4.75 -9.14 -0.26
N ALA C 273 -5.61 -8.17 0.08
CA ALA C 273 -5.88 -7.89 1.48
C ALA C 273 -6.92 -8.85 2.06
N VAL C 274 -8.02 -9.07 1.34
CA VAL C 274 -9.08 -9.93 1.88
C VAL C 274 -8.65 -11.39 1.96
N LEU C 275 -7.64 -11.80 1.18
CA LEU C 275 -7.17 -13.18 1.26
C LEU C 275 -6.38 -13.44 2.53
N VAL C 276 -5.93 -12.39 3.23
CA VAL C 276 -5.23 -12.57 4.50
C VAL C 276 -6.15 -13.26 5.51
N THR C 277 -7.31 -12.65 5.76
CA THR C 277 -8.25 -13.21 6.74
C THR C 277 -9.11 -14.32 6.15
N LEU C 278 -9.17 -14.42 4.82
CA LEU C 278 -9.94 -15.50 4.21
C LEU C 278 -9.25 -16.84 4.41
N THR C 279 -7.96 -16.91 4.09
CA THR C 279 -7.21 -18.13 4.30
C THR C 279 -6.94 -18.36 5.79
N GLY C 280 -6.71 -17.29 6.54
CA GLY C 280 -6.49 -17.43 7.96
C GLY C 280 -7.66 -18.09 8.67
N GLY C 281 -8.88 -17.62 8.37
CA GLY C 281 -10.06 -18.21 8.97
C GLY C 281 -10.22 -19.68 8.65
N ILE C 282 -9.84 -20.09 7.44
CA ILE C 282 -9.89 -21.50 7.06
C ILE C 282 -8.85 -22.29 7.86
N GLY C 283 -7.63 -21.76 7.96
CA GLY C 283 -6.59 -22.47 8.69
C GLY C 283 -6.95 -22.70 10.14
N ILE C 284 -7.50 -21.67 10.80
CA ILE C 284 -7.90 -21.81 12.20
C ILE C 284 -9.08 -22.77 12.32
N LEU C 285 -10.05 -22.67 11.41
CA LEU C 285 -11.24 -23.51 11.49
C LEU C 285 -10.91 -24.98 11.41
N LEU C 286 -9.83 -25.35 10.70
CA LEU C 286 -9.44 -26.73 10.56
C LEU C 286 -8.58 -27.23 11.72
N SER C 287 -7.97 -26.32 12.48
CA SER C 287 -7.11 -26.71 13.60
C SER C 287 -7.94 -27.27 14.74
N GLY C 288 -7.67 -28.52 15.11
CA GLY C 288 -8.38 -29.19 16.18
C GLY C 288 -9.68 -29.85 15.77
N THR C 289 -10.36 -29.34 14.74
CA THR C 289 -11.56 -29.98 14.23
C THR C 289 -11.22 -31.12 13.28
N VAL C 290 -10.26 -30.90 12.38
CA VAL C 290 -9.85 -31.90 11.41
C VAL C 290 -8.41 -32.33 11.61
N VAL C 291 -7.52 -31.40 11.99
CA VAL C 291 -6.10 -31.67 12.13
C VAL C 291 -5.68 -31.34 13.55
N ASP C 292 -5.08 -32.31 14.24
CA ASP C 292 -4.56 -32.09 15.58
C ASP C 292 -3.12 -31.60 15.61
N ASN C 293 -2.33 -31.98 14.61
CA ASN C 293 -0.90 -31.67 14.58
C ASN C 293 -0.53 -31.31 13.16
N TRP C 294 -0.25 -30.03 12.91
CA TRP C 294 0.01 -29.58 11.55
C TRP C 294 1.37 -30.08 11.05
N TYR C 295 2.37 -30.10 11.92
CA TYR C 295 3.67 -30.63 11.52
C TYR C 295 3.56 -32.08 11.08
N VAL C 296 2.89 -32.90 11.89
CA VAL C 296 2.73 -34.31 11.55
C VAL C 296 1.88 -34.46 10.29
N TRP C 297 0.76 -33.74 10.23
CA TRP C 297 -0.07 -33.76 9.03
C TRP C 297 0.76 -33.36 7.81
N GLY C 298 1.67 -32.41 7.97
CA GLY C 298 2.43 -31.90 6.84
C GLY C 298 3.42 -32.91 6.28
N GLN C 299 3.97 -33.77 7.14
CA GLN C 299 4.96 -34.74 6.68
C GLN C 299 4.34 -35.80 5.77
N ASN C 300 3.04 -36.03 5.85
CA ASN C 300 2.37 -37.01 5.01
C ASN C 300 1.98 -36.44 3.64
N HIS C 301 2.41 -35.24 3.31
CA HIS C 301 2.08 -34.62 2.03
C HIS C 301 3.31 -34.01 1.38
N1 LDA D . 1.82 -9.48 -21.50
O1 LDA D . 1.55 -8.12 -21.60
CM1 LDA D . 3.27 -9.69 -21.75
CM2 LDA D . 1.03 -10.21 -22.53
C1 LDA D . 1.43 -10.00 -20.12
C2 LDA D . 1.68 -11.48 -19.93
C3 LDA D . 2.21 -11.75 -18.53
C4 LDA D . 1.15 -11.71 -17.45
C5 LDA D . 1.68 -12.03 -16.07
C6 LDA D . 0.64 -12.67 -15.17
C7 LDA D . 1.23 -13.42 -13.99
C8 LDA D . 1.26 -12.64 -12.69
C9 LDA D . 1.41 -13.52 -11.48
C10 LDA D . 1.37 -12.78 -10.15
C11 LDA D . 2.19 -13.45 -9.06
C12 LDA D . 1.44 -13.59 -7.76
HM11 LDA D . 3.80 -8.76 -21.97
HM12 LDA D . 3.47 -10.35 -22.60
HM13 LDA D . 3.79 -10.14 -20.90
HM21 LDA D . -0.03 -10.22 -22.30
HM22 LDA D . 1.36 -11.24 -22.63
HM23 LDA D . 1.14 -9.74 -23.51
H11 LDA D . 0.39 -9.77 -19.96
H12 LDA D . 1.99 -9.42 -19.39
H21 LDA D . 2.39 -11.86 -20.66
H22 LDA D . 0.77 -12.06 -20.09
H31 LDA D . 2.99 -11.03 -18.28
H32 LDA D . 2.71 -12.72 -18.50
H41 LDA D . 0.35 -12.41 -17.71
H42 LDA D . 0.67 -10.74 -17.45
H51 LDA D . 2.05 -11.12 -15.61
H52 LDA D . 2.55 -12.68 -16.15
H61 LDA D . 0.02 -13.35 -15.75
H62 LDA D . -0.06 -11.91 -14.80
H71 LDA D . 2.23 -13.76 -14.24
H72 LDA D . 0.67 -14.34 -13.83
H81 LDA D . 0.37 -12.03 -12.60
H82 LDA D . 2.08 -11.91 -12.73
H91 LDA D . 2.34 -14.09 -11.54
H92 LDA D . 0.63 -14.28 -11.48
H101 LDA D . 0.34 -12.67 -9.82
H102 LDA D . 1.72 -11.76 -10.30
H111 LDA D . 3.11 -12.90 -8.89
H112 LDA D . 2.52 -14.43 -9.40
H121 LDA D . 1.19 -12.61 -7.33
H122 LDA D . 2.02 -14.12 -7.01
H123 LDA D . 0.50 -14.13 -7.89
N1 LDA E . -15.90 -12.05 -9.70
O1 LDA E . -16.51 -10.80 -9.74
CM1 LDA E . -16.67 -12.92 -8.76
CM2 LDA E . -15.98 -12.63 -11.07
C1 LDA E . -14.47 -11.92 -9.18
C2 LDA E . -13.49 -12.99 -9.63
C3 LDA E . -13.96 -14.43 -9.47
C4 LDA E . -12.82 -15.43 -9.40
C5 LDA E . -13.11 -16.72 -10.16
C6 LDA E . -12.56 -17.96 -9.50
C7 LDA E . -12.53 -19.16 -10.41
C8 LDA E . -12.32 -20.48 -9.67
C9 LDA E . -12.14 -21.68 -10.58
C10 LDA E . -10.95 -21.55 -11.54
C11 LDA E . -10.62 -22.83 -12.30
C12 LDA E . -9.87 -22.55 -13.59
HM11 LDA E . -16.17 -13.04 -7.81
HM12 LDA E . -16.83 -13.92 -9.15
HM13 LDA E . -17.65 -12.51 -8.54
HM21 LDA E . -16.75 -12.13 -11.67
HM22 LDA E . -15.04 -12.53 -11.61
HM23 LDA E . -16.22 -13.69 -11.06
H11 LDA E . -14.52 -11.92 -8.09
H12 LDA E . -14.10 -10.94 -9.47
H21 LDA E . -13.23 -12.84 -10.68
H22 LDA E . -12.54 -12.89 -9.10
H31 LDA E . -14.63 -14.69 -10.28
H32 LDA E . -14.57 -14.52 -8.58
H41 LDA E . -11.91 -14.98 -9.78
H42 LDA E . -12.60 -15.67 -8.37
H51 LDA E . -14.17 -16.82 -10.31
H52 LDA E . -12.70 -16.63 -11.17
H61 LDA E . -13.15 -18.18 -8.61
H62 LDA E . -11.56 -17.75 -9.11
H71 LDA E . -13.46 -19.21 -10.99
H72 LDA E . -11.75 -19.03 -11.15
H81 LDA E . -13.17 -20.66 -9.00
H82 LDA E . -11.47 -20.39 -9.01
H91 LDA E . -13.05 -21.85 -11.16
H92 LDA E . -12.03 -22.58 -9.98
H101 LDA E . -11.14 -20.74 -12.24
H102 LDA E . -10.07 -21.23 -10.98
H111 LDA E . -10.06 -23.51 -11.66
H112 LDA E . -11.55 -23.37 -12.52
H121 LDA E . -8.99 -21.93 -13.41
H122 LDA E . -9.52 -23.47 -14.06
H123 LDA E . -10.49 -22.04 -14.31
N1 LDA F . -15.36 -16.52 -2.09
O1 LDA F . -15.75 -16.05 -3.33
CM1 LDA F . -14.00 -15.98 -1.80
CM2 LDA F . -16.32 -15.99 -1.08
C1 LDA F . -15.42 -18.05 -2.07
C2 LDA F . -14.45 -18.73 -1.13
C3 LDA F . -13.12 -19.03 -1.82
C4 LDA F . -12.41 -20.29 -1.31
C5 LDA F . -13.12 -21.58 -1.70
C6 LDA F . -12.20 -22.78 -1.78
C7 LDA F . -11.64 -23.25 -0.43
C8 LDA F . -12.04 -24.67 -0.05
C9 LDA F . -13.13 -24.75 1.01
C10 LDA F . -13.42 -26.16 1.49
C11 LDA F . -14.11 -27.04 0.46
C12 LDA F . -14.16 -28.50 0.88
HM11 LDA F . -13.24 -16.37 -2.47
HM12 LDA F . -13.66 -16.22 -0.79
HM13 LDA F . -13.95 -14.90 -1.89
HM21 LDA F . -17.12 -15.42 -1.55
HM22 LDA F . -15.82 -15.33 -0.37
HM23 LDA F . -16.78 -16.79 -0.50
H11 LDA F . -15.26 -18.40 -3.08
H12 LDA F . -16.44 -18.32 -1.81
H21 LDA F . -14.86 -19.66 -0.73
H22 LDA F . -14.26 -18.13 -0.24
H31 LDA F . -12.45 -18.19 -1.71
H32 LDA F . -13.27 -19.12 -2.89
H41 LDA F . -12.31 -20.23 -0.23
H42 LDA F . -11.39 -20.31 -1.68
H51 LDA F . -13.62 -21.45 -2.65
H52 LDA F . -13.92 -21.78 -1.00
H61 LDA F . -11.38 -22.57 -2.45
H62 LDA F . -12.72 -23.62 -2.25
H71 LDA F . -11.97 -22.56 0.34
H72 LDA F . -10.56 -23.16 -0.44
H81 LDA F . -11.16 -25.21 0.29
H82 LDA F . -12.36 -25.22 -0.94
H91 LDA F . -14.05 -24.30 0.62
H92 LDA F . -12.86 -24.12 1.86
H101 LDA F . -14.03 -26.12 2.39
H102 LDA F . -12.48 -26.63 1.81
H111 LDA F . -13.61 -26.96 -0.50
H112 LDA F . -15.11 -26.68 0.27
H121 LDA F . -13.76 -28.65 1.89
H122 LDA F . -13.58 -29.14 0.21
H123 LDA F . -15.18 -28.88 0.88
O1D BPH G . 10.06 -5.07 -8.45
CGD BPH G . 9.70 -5.06 -7.31
O2D BPH G . 8.51 -5.51 -6.91
CED BPH G . 7.63 -6.00 -7.94
CBD BPH G . 10.52 -4.55 -6.13
CHA BPH G . 10.31 -5.47 -4.92
C4D BPH G . 9.80 -4.65 -3.90
C3D BPH G . 9.60 -3.33 -4.27
CAD BPH G . 10.07 -3.17 -5.62
OBD BPH G . 10.15 -2.15 -6.28
C2D BPH G . 9.01 -2.66 -3.15
CMD BPH G . 8.57 -1.23 -3.10
C1D BPH G . 8.91 -3.61 -2.12
ND BPH G . 9.41 -4.80 -2.60
CHD BPH G . 8.37 -3.42 -0.83
C4C BPH G . 8.21 -4.39 0.11
C3C BPH G . 7.60 -4.15 1.47
CAC BPH G . 7.96 -2.80 2.11
CBC BPH G . 9.45 -2.52 2.19
C2C BPH G . 8.05 -5.43 2.24
CMC BPH G . 6.99 -6.05 3.13
C1C BPH G . 8.46 -6.38 1.11
NC BPH G . 8.61 -5.71 -0.05
CHC BPH G . 8.64 -7.72 1.29
C4B BPH G . 8.99 -8.68 0.37
C3B BPH G . 9.04 -10.10 0.59
CAB BPH G . 8.68 -10.75 1.84
CBB BPH G . 9.22 -12.10 2.20
OBB BPH G . 7.90 -10.20 2.62
C2B BPH G . 9.46 -10.70 -0.59
CMB BPH G . 9.70 -12.15 -0.86
C1B BPH G . 9.65 -9.66 -1.56
NB BPH G . 9.35 -8.46 -0.93
CHB BPH G . 10.00 -9.81 -2.87
C4A BPH G . 10.20 -8.80 -3.83
C3A BPH G . 10.59 -9.13 -5.24
CMA BPH G . 9.35 -9.73 -5.90
C2A BPH G . 11.00 -7.78 -5.82
C1A BPH G . 10.49 -6.82 -4.77
NA BPH G . 10.11 -7.47 -3.62
CAA BPH G . 12.52 -7.69 -6.01
CBA BPH G . 13.09 -8.55 -7.13
CGA BPH G . 14.57 -8.45 -7.27
O1A BPH G . 15.30 -7.87 -6.52
O2A BPH G . 14.99 -9.10 -8.35
C1 BPH G . 16.43 -9.25 -8.52
C2 BPH G . 16.72 -10.61 -8.01
C3 BPH G . 16.49 -11.69 -8.74
C4 BPH G . 15.91 -11.65 -10.12
C5 BPH G . 16.82 -13.07 -8.23
C6 BPH G . 17.88 -13.11 -7.14
C7 BPH G . 18.33 -14.52 -6.82
C8 BPH G . 19.35 -14.64 -5.69
C9 BPH G . 20.73 -14.16 -6.11
C10 BPH G . 19.38 -16.07 -5.16
C11 BPH G . 18.39 -16.37 -4.04
C12 BPH G . 18.81 -15.74 -2.72
C13 BPH G . 17.77 -15.74 -1.62
C14 BPH G . 18.34 -15.10 -0.35
C15 BPH G . 17.26 -17.17 -1.40
C16 BPH G . 16.51 -17.44 -0.09
C17 BPH G . 15.08 -17.92 -0.31
C18 BPH G . 14.49 -18.72 0.84
C19 BPH G . 13.32 -19.57 0.39
C20 BPH G . 14.08 -17.82 1.99
HED1 BPH G . 8.13 -6.91 -8.29
HED2 BPH G . 6.69 -6.15 -7.42
HED3 BPH G . 7.63 -5.18 -8.67
HBD BPH G . 11.57 -4.48 -6.43
HMD1 BPH G . 7.49 -1.16 -3.13
HMD2 BPH G . 8.97 -0.68 -3.95
HMD3 BPH G . 8.92 -0.75 -2.19
HD BPH G . 9.47 -5.66 -2.07
HHD BPH G . 8.04 -2.40 -0.60
H3C BPH G . 6.51 -4.13 1.37
HAC1 BPH G . 7.46 -2.00 1.58
HAC2 BPH G . 7.53 -2.75 3.12
HBC1 BPH G . 9.90 -2.47 1.20
HBC2 BPH G . 9.67 -1.57 2.69
HBC3 BPH G . 9.98 -3.29 2.73
H2C BPH G . 8.93 -5.24 2.86
HMC1 BPH G . 6.17 -6.47 2.57
HMC2 BPH G . 7.39 -6.86 3.75
HMC3 BPH G . 6.56 -5.33 3.82
HHC BPH G . 8.47 -8.07 2.32
HBB1 BPH G . 10.20 -12.25 1.74
HBB2 BPH G . 9.33 -12.19 3.28
HBB3 BPH G . 8.55 -12.89 1.86
HMB1 BPH G . 10.71 -12.45 -0.58
HMB2 BPH G . 9.56 -12.38 -1.91
HMB3 BPH G . 9.00 -12.78 -0.29
HB BPH G . 9.40 -7.55 -1.37
HHB BPH G . 10.15 -10.84 -3.22
H3A BPH G . 11.42 -9.82 -5.26
HMA1 BPH G . 8.47 -9.09 -5.79
HMA2 BPH G . 9.08 -10.69 -5.46
HMA3 BPH G . 9.49 -9.89 -6.97
H2A BPH G . 10.50 -7.58 -6.77
HAA1 BPH G . 12.80 -6.65 -6.19
HAA2 BPH G . 13.02 -7.94 -5.07
HBA1 BPH G . 12.61 -8.29 -8.08
HBA2 BPH G . 12.82 -9.60 -6.97
H1C1 BPH G . 16.98 -8.50 -7.97
H1C2 BPH G . 16.72 -9.16 -9.56
H2 BPH G . 17.13 -10.66 -7.00
H4C1 BPH G . 15.61 -12.64 -10.46
H4C2 BPH G . 16.62 -11.26 -10.85
H4C3 BPH G . 15.02 -11.01 -10.17
H5C1 BPH G . 15.91 -13.55 -7.88
H5C2 BPH G . 17.13 -13.69 -9.07
H6C1 BPH G . 17.49 -12.62 -6.25
H6C2 BPH G . 18.72 -12.49 -7.43
H7C1 BPH G . 18.73 -14.96 -7.73
H7C2 BPH G . 17.45 -15.12 -6.58
H8 BPH G . 19.04 -13.99 -4.88
H9C1 BPH G . 21.09 -14.65 -7.02
H9C2 BPH G . 21.49 -14.35 -5.35
H9C3 BPH G . 20.76 -13.09 -6.31
H101 BPH G . 19.20 -16.77 -5.98
H102 BPH G . 20.38 -16.32 -4.81
H111 BPH G . 18.28 -17.45 -3.91
H112 BPH G . 17.40 -16.02 -4.33
H121 BPH G . 19.12 -14.71 -2.92
H122 BPH G . 19.72 -16.23 -2.38
H13 BPH G . 16.90 -15.15 -1.91
H141 BPH G . 18.84 -14.16 -0.57
H142 BPH G . 19.08 -15.73 0.13
H143 BPH G . 17.57 -14.90 0.39
H151 BPH G . 16.62 -17.46 -2.23
H152 BPH G . 18.10 -17.86 -1.45
H161 BPH G . 17.04 -18.17 0.50
H162 BPH G . 16.49 -16.54 0.52
H171 BPH G . 14.43 -17.06 -0.53
H172 BPH G . 15.03 -18.52 -1.22
H18 BPH G . 15.27 -19.38 1.21
H191 BPH G . 13.61 -20.30 -0.36
H192 BPH G . 12.88 -20.13 1.21
H193 BPH G . 12.52 -18.98 -0.05
H201 BPH G . 13.44 -17.00 1.67
H202 BPH G . 13.54 -18.36 2.76
H203 BPH G . 14.94 -17.36 2.47
MG BCL H . 10.15 -16.14 4.29
CHA BCL H . 7.01 -17.50 3.90
CHB BCL H . 10.49 -16.20 0.87
CHC BCL H . 12.84 -14.05 4.55
CHD BCL H . 9.39 -15.45 7.63
NA BCL H . 8.88 -16.74 2.63
C1A BCL H . 7.65 -17.39 2.70
C2A BCL H . 7.11 -17.64 1.33
C3A BCL H . 8.39 -17.58 0.47
C4A BCL H . 9.31 -16.77 1.32
CMA BCL H . 8.95 -18.96 0.18
CAA BCL H . 6.04 -16.62 0.90
CBA BCL H . 6.50 -15.16 0.99
CGA BCL H . 5.61 -14.20 0.29
O1A BCL H . 4.76 -14.49 -0.50
O2A BCL H . 5.88 -12.94 0.65
NB BCL H . 11.46 -15.25 2.94
C1B BCL H . 11.42 -15.38 1.55
C2B BCL H . 12.46 -14.62 0.97
C3B BCL H . 13.15 -14.00 2.01
C4B BCL H . 12.50 -14.42 3.23
CMB BCL H . 12.74 -14.55 -0.52
CAB BCL H . 14.30 -13.12 1.96
OBB BCL H . 14.57 -12.30 2.85
CBB BCL H . 15.24 -13.18 0.78
NC BCL H . 10.97 -14.93 5.83
C1C BCL H . 12.12 -14.20 5.73
C2C BCL H . 12.63 -13.77 7.05
C3C BCL H . 11.39 -13.88 7.92
C4C BCL H . 10.54 -14.85 7.14
CMC BCL H . 13.81 -14.58 7.56
CAC BCL H . 10.71 -12.52 8.17
CBC BCL H . 10.19 -11.87 6.91
ND BCL H . 8.53 -16.30 5.50
C1D BCL H . 8.41 -16.17 6.89
C2D BCL H . 7.27 -16.86 7.38
C3D BCL H . 6.66 -17.40 6.25
C4D BCL H . 7.44 -17.05 5.14
CMD BCL H . 6.85 -16.94 8.83
CAD BCL H . 5.61 -18.22 5.75
OBD BCL H . 4.70 -18.84 6.35
CBD BCL H . 5.72 -18.27 4.21
CGD BCL H . 5.67 -19.67 3.75
O1D BCL H . 4.68 -20.26 3.36
O2D BCL H . 6.85 -20.25 3.79
CED BCL H . 6.90 -21.61 3.27
C1 BCL H . 5.09 -11.88 0.05
C2 BCL H . 5.63 -11.74 -1.36
C3 BCL H . 4.87 -11.79 -2.43
C4 BCL H . 3.36 -12.00 -2.45
C5 BCL H . 5.48 -11.66 -3.81
C6 BCL H . 5.87 -12.98 -4.41
C7 BCL H . 7.17 -13.52 -3.80
C8 BCL H . 7.50 -14.96 -4.16
C9 BCL H . 6.47 -15.93 -3.52
C10 BCL H . 8.92 -15.27 -3.70
C11 BCL H . 9.42 -16.65 -4.07
C12 BCL H . 10.87 -16.86 -3.63
C13 BCL H . 11.42 -18.24 -4.03
C14 BCL H . 10.68 -19.41 -3.37
C15 BCL H . 12.89 -18.29 -3.63
C16 BCL H . 13.86 -17.70 -4.67
C17 BCL H . 14.02 -18.58 -5.91
C18 BCL H . 15.34 -18.35 -6.61
C19 BCL H . 15.13 -18.54 -8.12
C20 BCL H . 16.45 -19.29 -6.08
HHB BCL H . 10.74 -16.41 -0.18
HHC BCL H . 13.78 -13.51 4.64
HHD BCL H . 9.21 -15.35 8.70
H2A BCL H . 6.68 -18.63 1.27
H3A BCL H . 8.17 -17.08 -0.47
HMA1 BCL H . 9.00 -19.54 1.10
HMA2 BCL H . 9.95 -18.86 -0.24
HMA3 BCL H . 8.31 -19.47 -0.53
HAA1 BCL H . 5.74 -16.83 -0.13
HAA2 BCL H . 5.16 -16.75 1.53
HBA1 BCL H . 6.57 -14.88 2.03
HBA2 BCL H . 7.50 -15.08 0.55
HMB1 BCL H . 13.73 -14.95 -0.73
HMB2 BCL H . 11.99 -15.13 -1.06
HMB3 BCL H . 12.69 -13.51 -0.84
HBB1 BCL H . 14.74 -12.80 -0.10
HBB2 BCL H . 16.12 -12.56 0.99
HBB3 BCL H . 15.56 -14.20 0.62
H2C BCL H . 12.94 -12.73 6.99
H3C BCL H . 11.65 -14.33 8.88
HMC1 BCL H . 13.52 -15.62 7.66
HMC2 BCL H . 14.14 -14.20 8.52
HMC3 BCL H . 14.63 -14.51 6.85
HAC1 BCL H . 11.42 -11.86 8.65
HAC2 BCL H . 9.88 -12.67 8.87
HBC1 BCL H . 9.52 -12.57 6.39
HBC2 BCL H . 9.64 -10.97 7.16
HBC3 BCL H . 11.02 -11.63 6.26
HMD1 BCL H . 6.56 -17.96 9.06
HMD2 BCL H . 7.68 -16.65 9.47
HMD3 BCL H . 6.01 -16.27 9.00
HBD BCL H . 4.88 -17.73 3.77
HED1 BCL H . 6.63 -21.61 2.22
HED2 BCL H . 6.20 -22.24 3.83
HED3 BCL H . 7.91 -22.01 3.39
H11 BCL H . 4.04 -12.12 0.05
H12 BCL H . 5.22 -10.94 0.61
H2 BCL H . 6.69 -11.53 -1.49
H41 BCL H . 2.87 -11.19 -1.92
H42 BCL H . 3.12 -12.95 -1.98
H43 BCL H . 3.02 -12.02 -3.48
H51 BCL H . 4.75 -11.17 -4.47
H52 BCL H . 6.35 -11.01 -3.75
H61 BCL H . 6.01 -12.86 -5.49
H62 BCL H . 5.08 -13.70 -4.25
H71 BCL H . 7.09 -13.45 -2.71
H72 BCL H . 8.00 -12.88 -4.11
H8 BCL H . 7.43 -15.10 -5.24
H91 BCL H . 5.47 -15.70 -3.89
H92 BCL H . 6.73 -16.96 -3.78
H93 BCL H . 6.50 -15.82 -2.44
H101 BCL H . 8.97 -15.16 -2.62
H102 BCL H . 9.60 -14.53 -4.14
H111 BCL H . 8.80 -17.40 -3.60
H112 BCL H . 9.36 -16.78 -5.15
H121 BCL H . 10.93 -16.76 -2.54
H122 BCL H . 11.50 -16.10 -4.07
H13 BCL H . 11.33 -18.35 -5.11
H141 BCL H . 9.63 -19.40 -3.70
H142 BCL H . 11.15 -20.35 -3.65
H143 BCL H . 10.72 -19.29 -2.28
H151 BCL H . 13.18 -19.33 -3.45
H152 BCL H . 13.02 -17.74 -2.69
H161 BCL H . 14.84 -17.57 -4.21
H162 BCL H . 13.50 -16.72 -4.97
H171 BCL H . 13.20 -18.36 -6.61
H172 BCL H . 13.92 -19.63 -5.63
H18 BCL H . 15.63 -17.31 -6.47
H191 BCL H . 14.45 -17.78 -8.50
H192 BCL H . 14.73 -19.53 -8.31
H193 BCL H . 16.09 -18.45 -8.63
H201 BCL H . 16.15 -20.32 -6.24
H202 BCL H . 17.38 -19.09 -6.61
H203 BCL H . 16.59 -19.11 -5.01
MG BCL I . 7.27 -12.24 14.43
CHA BCL I . 9.79 -11.04 12.35
CHB BCL I . 5.02 -10.47 12.55
CHC BCL I . 4.75 -14.08 15.79
CHD BCL I . 9.57 -14.52 15.79
NA BCL I . 7.42 -10.97 12.67
C1A BCL I . 8.57 -10.52 12.03
C2A BCL I . 8.22 -9.52 10.96
C3A BCL I . 6.82 -9.09 11.37
C4A BCL I . 6.33 -10.26 12.16
CMA BCL I . 6.82 -7.81 12.20
CAA BCL I . 8.28 -10.13 9.55
CBA BCL I . 8.23 -9.09 8.43
CGA BCL I . 9.58 -8.57 8.05
O1A BCL I . 10.47 -8.40 8.77
O2A BCL I . 9.69 -8.35 6.76
NB BCL I . 5.22 -12.30 14.20
C1B BCL I . 4.46 -11.47 13.38
C2B BCL I . 3.08 -11.74 13.57
C3B BCL I . 2.97 -12.78 14.50
C4B BCL I . 4.33 -13.11 14.87
CMB BCL I . 1.98 -10.98 12.83
CAB BCL I . 1.80 -13.45 15.06
OBB BCL I . 1.88 -14.29 15.96
CBB BCL I . 0.41 -13.13 14.57
NC BCL I . 7.19 -14.02 15.60
C1C BCL I . 6.03 -14.59 16.08
C2C BCL I . 6.29 -15.70 17.03
C3C BCL I . 7.76 -16.02 16.75
C4C BCL I . 8.24 -14.77 16.07
CMC BCL I . 5.97 -15.33 18.48
CAC BCL I . 8.00 -17.28 15.90
CBC BCL I . 7.59 -18.57 16.59
ND BCL I . 9.23 -12.74 14.13
C1D BCL I . 10.08 -13.62 14.80
C2D BCL I . 11.42 -13.49 14.36
C3D BCL I . 11.37 -12.48 13.38
C4D BCL I . 10.06 -12.06 13.28
CMD BCL I . 12.60 -14.30 14.85
CAD BCL I . 12.07 -11.90 12.30
OBD BCL I . 13.24 -12.08 11.89
CBD BCL I . 11.12 -10.90 11.59
CGD BCL I . 11.70 -9.55 11.54
O1D BCL I . 11.43 -8.63 12.30
O2D BCL I . 12.60 -9.41 10.58
CED BCL I . 13.27 -8.13 10.41
C1 BCL I . 10.97 -7.84 6.26
C2 BCL I . 11.00 -8.23 4.79
C3 BCL I . 11.92 -8.99 4.25
C4 BCL I . 13.11 -9.58 4.99
C5 BCL I . 11.89 -9.33 2.75
C6 BCL I . 13.08 -8.81 1.94
C7 BCL I . 13.01 -9.22 0.47
C8 BCL I . 14.25 -8.90 -0.35
C9 BCL I . 14.67 -7.41 -0.22
C10 BCL I . 14.00 -9.23 -1.83
C11 BCL I . 13.73 -10.68 -2.08
C12 BCL I . 13.76 -10.98 -3.57
C13 BCL I . 13.44 -12.44 -3.92
C14 BCL I . 14.48 -13.45 -3.42
C15 BCL I . 13.39 -12.52 -5.44
C16 BCL I . 12.49 -13.57 -5.95
C17 BCL I . 12.34 -13.40 -7.47
C18 BCL I . 11.31 -14.33 -8.08
C19 BCL I . 11.19 -13.87 -9.54
C20 BCL I . 9.92 -14.32 -7.42
HHB BCL I . 4.31 -9.76 12.14
HHC BCL I . 3.94 -14.53 16.38
HHD BCL I . 10.31 -15.01 16.42
H2A BCL I . 8.90 -8.66 11.00
H3A BCL I . 6.20 -8.94 10.48
HMA1 BCL I . 7.58 -7.88 12.97
HMA2 BCL I . 7.03 -6.96 11.55
HMA3 BCL I . 5.84 -7.68 12.66
HAA1 BCL I . 7.44 -10.81 9.43
HAA2 BCL I . 9.20 -10.71 9.45
HBA1 BCL I . 7.61 -8.25 8.75
HBA2 BCL I . 7.76 -9.54 7.56
HMB1 BCL I . 1.69 -11.53 11.94
HMB2 BCL I . 2.33 -9.99 12.55
HMB3 BCL I . 1.11 -10.88 13.50
HBB1 BCL I . 0.40 -13.14 13.48
HBB2 BCL I . -0.28 -13.87 14.94
HBB3 BCL I . 0.11 -12.14 14.92
H2C BCL I . 5.69 -16.57 16.76
H3C BCL I . 8.24 -16.15 17.72
HMC1 BCL I . 6.47 -14.40 18.73
HMC2 BCL I . 6.32 -16.12 19.14
HMC3 BCL I . 4.89 -15.21 18.60
HAC1 BCL I . 9.06 -17.34 15.65
HAC2 BCL I . 7.44 -17.19 14.96
HBC1 BCL I . 6.51 -18.57 16.73
HBC2 BCL I . 7.89 -19.42 15.98
HBC3 BCL I . 8.09 -18.63 17.56
HMD1 BCL I . 13.35 -13.62 15.26
HMD2 BCL I . 12.27 -14.98 15.63
HMD3 BCL I . 13.02 -14.85 14.02
HBD BCL I . 10.97 -11.23 10.56
HED1 BCL I . 13.73 -7.84 11.37
HED2 BCL I . 14.05 -8.21 9.65
HED3 BCL I . 12.56 -7.36 10.11
H11 BCL I . 11.04 -6.77 6.38
H12 BCL I . 11.80 -8.30 6.79
H2 BCL I . 10.15 -7.91 4.16
H41 BCL I . 12.75 -10.16 5.85
H42 BCL I . 13.67 -10.23 4.32
H43 BCL I . 13.76 -8.78 5.34
H51 BCL I . 10.97 -8.92 2.33
H52 BCL I . 11.84 -10.41 2.65
H61 BCL I . 13.11 -7.72 2.01
H62 BCL I . 14.00 -9.20 2.37
H71 BCL I . 12.83 -10.29 0.42
H72 BCL I . 12.14 -8.72 0.02
H8 BCL I . 15.06 -9.50 0.04
H91 BCL I . 15.00 -7.22 0.80
H92 BCL I . 15.48 -7.20 -0.92
H93 BCL I . 13.82 -6.77 -0.46
H101 BCL I . 13.16 -8.63 -2.18
H102 BCL I . 14.89 -8.93 -2.40
H111 BCL I . 14.48 -11.28 -1.58
H112 BCL I . 12.76 -10.94 -1.67
H121 BCL I . 13.04 -10.33 -4.07
H122 BCL I . 14.75 -10.74 -3.95
H13 BCL I . 12.47 -12.71 -3.49
H141 BCL I . 14.53 -13.40 -2.33
H142 BCL I . 14.18 -14.45 -3.72
H143 BCL I . 15.44 -13.21 -3.85
H151 BCL I . 14.40 -12.71 -5.82
H152 BCL I . 13.06 -11.55 -5.83
H161 BCL I . 11.52 -13.50 -5.47
H162 BCL I . 12.90 -14.56 -5.74
H171 BCL I . 12.05 -12.37 -7.68
H172 BCL I . 13.30 -13.58 -7.94
H18 BCL I . 11.70 -15.35 -8.04
H191 BCL I . 12.19 -13.84 -9.99
H192 BCL I . 10.75 -12.87 -9.57
H193 BCL I . 10.56 -14.55 -10.10
H201 BCL I . 9.58 -13.29 -7.29
H202 BCL I . 9.99 -14.81 -6.45
H203 BCL I . 9.22 -14.86 -8.05
C18 OLC J . -12.57 11.42 13.46
C10 OLC J . -9.03 3.71 11.34
C9 OLC J . -8.41 2.93 10.47
C17 OLC J . -12.03 10.12 13.97
C11 OLC J . -10.04 4.75 11.02
C8 OLC J . -8.59 2.99 8.98
C24 OLC J . -11.33 8.80 -0.35
C16 OLC J . -10.79 9.63 13.23
C12 OLC J . -11.05 4.93 12.14
C7 OLC J . -7.75 4.10 8.35
C15 OLC J . -11.06 8.45 12.31
C13 OLC J . -10.71 6.05 13.12
C6 OLC J . -8.51 5.02 7.39
C14 OLC J . -11.63 7.24 13.04
C5 OLC J . -7.91 5.09 6.01
C4 OLC J . -8.71 4.38 4.93
C3 OLC J . -9.22 5.32 3.84
C2 OLC J . -9.59 4.60 2.55
C21 OLC J . -9.29 7.76 0.68
C1 OLC J . -9.51 5.48 1.33
C22 OLC J . -10.24 8.93 0.68
O19 OLC J . -9.20 5.10 0.24
O25 OLC J . -11.51 10.01 -1.05
O23 OLC J . -10.82 9.10 1.98
O20 OLC J . -9.77 6.77 1.62
H18 OLC J . -11.93 12.26 13.72
H18A OLC J . -13.56 11.65 13.86
H18B OLC J . -12.67 11.43 12.38
H10 OLC J . -8.82 3.59 12.41
H9 OLC J . -7.70 2.19 10.81
H17 OLC J . -11.80 10.21 15.03
H17A OLC J . -12.80 9.36 13.93
H11 OLC J . -10.54 4.49 10.09
H11A OLC J . -9.52 5.69 10.81
H8 OLC J . -8.35 2.02 8.56
H8A OLC J . -9.65 3.12 8.76
H24 OLC J . -12.27 8.49 0.13
H24A OLC J . -11.09 7.98 -1.04
H16 OLC J . -10.36 10.45 12.65
H16A OLC J . -10.01 9.37 13.94
H12 OLC J . -11.16 4.00 12.67
H12A OLC J . -12.04 5.12 11.71
H7 OLC J . -7.31 4.70 9.15
H7A OLC J . -6.91 3.66 7.84
H15 OLC J . -11.74 8.75 11.52
H15A OLC J . -10.14 8.16 11.80
H13 OLC J . -9.67 6.37 12.95
H13A OLC J . -10.70 5.65 14.12
H6 OLC J . -9.55 4.70 7.33
H6A OLC J . -8.56 6.02 7.83
H14 OLC J . -11.93 7.53 14.05
H14A OLC J . -12.57 6.94 12.57
H5 OLC J . -7.77 6.14 5.72
H5A OLC J . -6.90 4.68 6.02
H4 OLC J . -8.12 3.58 4.48
H4A OLC J . -9.56 3.86 5.38
H3 OLC J . -10.08 5.88 4.19
H3A OLC J . -8.47 6.08 3.63
H2 OLC J . -8.95 3.73 2.38
H2A OLC J . -10.60 4.18 2.61
H21 OLC J . -9.22 7.30 -0.30
H21A OLC J . -8.28 8.05 0.97
H22 OLC J . -9.71 9.87 0.58
HO25 OLC J . -11.66 9.75 -2.01
HO23 OLC J . -10.11 8.95 2.66
N1 LDA K . 16.23 12.20 -5.00
O1 LDA K . 15.28 11.83 -4.05
CM1 LDA K . 17.25 13.05 -4.35
CM2 LDA K . 15.54 12.98 -6.06
C1 LDA K . 16.85 10.97 -5.63
C2 LDA K . 17.24 9.90 -4.62
C3 LDA K . 17.20 8.51 -5.25
C4 LDA K . 16.63 7.45 -4.31
C5 LDA K . 16.83 6.03 -4.79
C6 LDA K . 17.44 5.11 -3.75
C7 LDA K . 17.90 3.77 -4.28
C8 LDA K . 18.42 2.85 -3.18
C9 LDA K . 19.36 1.75 -3.69
C10 LDA K . 20.38 1.31 -2.66
C11 LDA K . 19.90 0.27 -1.67
C12 LDA K . 20.77 0.18 -0.42
HM11 LDA K . 16.84 13.74 -3.62
HM12 LDA K . 18.01 12.48 -3.81
HM13 LDA K . 17.81 13.67 -5.06
HM21 LDA K . 15.57 14.05 -5.85
HM22 LDA K . 14.49 12.70 -6.15
HM23 LDA K . 16.01 12.83 -7.04
H11 LDA K . 17.72 11.29 -6.20
H12 LDA K . 16.14 10.56 -6.35
H21 LDA K . 16.60 9.93 -3.75
H22 LDA K . 18.25 10.09 -4.23
H31 LDA K . 18.19 8.21 -5.56
H32 LDA K . 16.61 8.53 -6.16
H41 LDA K . 15.58 7.64 -4.15
H42 LDA K . 17.08 7.56 -3.32
H51 LDA K . 17.45 6.03 -5.69
H52 LDA K . 15.87 5.63 -5.13
H61 LDA K . 16.73 4.96 -2.94
H62 LDA K . 18.28 5.62 -3.28
H71 LDA K . 18.66 3.91 -5.04
H72 LDA K . 17.08 3.29 -4.81
H81 LDA K . 17.58 2.39 -2.67
H82 LDA K . 18.93 3.43 -2.43
H91 LDA K . 19.86 2.09 -4.60
H92 LDA K . 18.77 0.89 -4.01
H101 LDA K . 20.74 2.19 -2.12
H102 LDA K . 21.27 0.94 -3.18
H111 LDA K . 19.86 -0.71 -2.15
H112 LDA K . 18.87 0.48 -1.39
H121 LDA K . 20.79 1.13 0.13
H122 LDA K . 21.80 -0.06 -0.67
H123 LDA K . 20.42 -0.59 0.27
N1 LDA L . 32.86 -12.88 3.65
O1 LDA L . 33.20 -13.62 4.77
CM1 LDA L . 33.62 -13.40 2.48
CM2 LDA L . 33.21 -11.46 3.88
C1 LDA L . 31.38 -13.05 3.33
C2 LDA L . 30.44 -12.43 4.35
C3 LDA L . 29.07 -12.24 3.73
C4 LDA L . 28.56 -10.81 3.83
C5 LDA L . 27.29 -10.55 3.02
C6 LDA L . 26.95 -9.07 2.91
C7 LDA L . 27.41 -8.42 1.61
C8 LDA L . 27.31 -6.89 1.60
C9 LDA L . 28.31 -6.22 0.68
C10 LDA L . 28.24 -6.67 -0.78
C11 LDA L . 27.84 -5.57 -1.75
C12 LDA L . 27.86 -6.02 -3.20
HM11 LDA L . 33.63 -14.49 2.43
HM12 LDA L . 33.23 -13.05 1.52
HM13 LDA L . 34.66 -13.08 2.49
HM21 LDA L . 33.02 -11.16 4.91
HM22 LDA L . 32.66 -10.79 3.23
HM23 LDA L . 34.28 -11.28 3.70
H11 LDA L . 31.20 -12.61 2.35
H12 LDA L . 31.19 -14.11 3.24
H21 LDA L . 30.82 -11.48 4.71
H22 LDA L . 30.36 -13.06 5.24
H31 LDA L . 28.35 -12.91 4.20
H32 LDA L . 29.08 -12.55 2.68
H41 LDA L . 28.37 -10.57 4.87
H42 LDA L . 29.34 -10.13 3.51
H51 LDA L . 26.46 -11.09 3.45
H52 LDA L . 27.41 -10.96 2.01
H61 LDA L . 27.37 -8.53 3.76
H62 LDA L . 25.87 -8.94 3.02
H71 LDA L . 28.43 -8.72 1.40
H72 LDA L . 26.83 -8.82 0.77
H81 LDA L . 26.30 -6.61 1.32
H82 LDA L . 27.43 -6.52 2.61
H91 LDA L . 28.18 -5.14 0.73
H92 LDA L . 29.33 -6.38 1.05
H101 LDA L . 29.20 -7.08 -1.08
H102 LDA L . 27.55 -7.50 -0.87
H111 LDA L . 28.48 -4.70 -1.62
H112 LDA L . 26.83 -5.21 -1.50
H121 LDA L . 27.27 -6.92 -3.36
H122 LDA L . 27.46 -5.25 -3.87
H123 LDA L . 28.87 -6.24 -3.54
N1 LDA M . 29.55 -6.22 -18.67
O1 LDA M . 30.67 -5.41 -18.80
CM1 LDA M . 29.52 -7.18 -19.82
CM2 LDA M . 28.34 -5.37 -18.71
C1 LDA M . 29.62 -7.03 -17.39
C2 LDA M . 29.54 -6.22 -16.11
C3 LDA M . 29.05 -7.11 -14.97
C4 LDA M . 29.79 -6.91 -13.65
C5 LDA M . 28.96 -6.20 -12.57
C6 LDA M . 29.81 -5.46 -11.54
C7 LDA M . 29.26 -4.11 -11.14
C8 LDA M . 28.42 -4.13 -9.87
C9 LDA M . 27.35 -3.06 -9.81
C10 LDA M . 26.40 -3.18 -8.64
C11 LDA M . 26.87 -2.51 -7.35
C12 LDA M . 27.07 -3.48 -6.18
HM11 LDA M . 30.45 -7.72 -19.95
HM12 LDA M . 29.32 -6.69 -20.77
HM13 LDA M . 28.74 -7.95 -19.70
HM21 LDA M . 27.92 -5.32 -19.72
HM22 LDA M . 27.55 -5.75 -18.06
HM23 LDA M . 28.55 -4.35 -18.40
H11 LDA M . 28.81 -7.76 -17.41
H12 LDA M . 30.55 -7.61 -17.40
H21 LDA M . 28.88 -5.35 -16.22
H22 LDA M . 30.51 -5.79 -15.85
H31 LDA M . 27.98 -6.94 -14.81
H32 LDA M . 29.12 -8.15 -15.26
H41 LDA M . 30.12 -7.87 -13.28
H42 LDA M . 30.70 -6.35 -13.82
H51 LDA M . 28.27 -5.51 -13.04
H52 LDA M . 28.33 -6.93 -12.07
H61 LDA M . 30.83 -5.34 -11.93
H62 LDA M . 29.94 -6.09 -10.65
H71 LDA M . 28.65 -3.71 -11.95
H72 LDA M . 30.07 -3.39 -11.03
H81 LDA M . 27.97 -5.11 -9.74
H82 LDA M . 29.08 -4.03 -9.01
H91 LDA M . 26.78 -3.07 -10.74
H92 LDA M . 27.82 -2.07 -9.79
H101 LDA M . 25.42 -2.77 -8.92
H102 LDA M . 26.20 -4.23 -8.45
H111 LDA M . 26.16 -1.75 -7.06
H112 LDA M . 27.79 -1.97 -7.54
H121 LDA M . 26.58 -4.43 -6.35
H122 LDA M . 28.13 -3.69 -6.02
H123 LDA M . 26.68 -3.07 -5.25
O1D BPH N . -15.35 0.68 9.25
CGD BPH N . -14.46 -0.09 8.99
O2D BPH N . -13.20 0.29 8.79
CED BPH N . -12.94 1.71 8.83
CBD BPH N . -14.61 -1.59 8.86
CHA BPH N . -13.46 -2.29 9.61
C4D BPH N . -12.78 -3.04 8.63
C3D BPH N . -13.29 -2.92 7.34
CAD BPH N . -14.43 -2.02 7.41
OBD BPH N . -15.15 -1.63 6.51
C2D BPH N . -12.50 -3.73 6.48
CMD BPH N . -12.69 -3.91 5.00
C1D BPH N . -11.51 -4.33 7.28
ND BPH N . -11.71 -3.90 8.58
CHD BPH N . -10.47 -5.20 6.87
C4C BPH N . -9.49 -5.73 7.71
C3C BPH N . -8.38 -6.65 7.25
CAC BPH N . -8.80 -7.87 6.42
CBC BPH N . -8.97 -7.56 4.96
C2C BPH N . -7.78 -7.09 8.61
CMC BPH N . -6.26 -6.96 8.71
C1C BPH N . -8.45 -6.21 9.62
NC BPH N . -9.44 -5.49 9.07
CHC BPH N . -8.06 -6.20 10.91
C4B BPH N . -8.54 -5.46 11.95
C3B BPH N . -8.00 -5.42 13.28
CAB BPH N . -6.87 -6.24 13.72
CBB BPH N . -6.84 -6.81 15.11
OBB BPH N . -5.95 -6.48 12.95
C2B BPH N . -8.72 -4.50 14.01
CMB BPH N . -8.54 -4.10 15.45
C1B BPH N . -9.74 -3.94 13.14
NB BPH N . -9.59 -4.57 11.92
CHB BPH N . -10.65 -2.99 13.44
C4A BPH N . -11.66 -2.46 12.62
C3A BPH N . -12.61 -1.39 13.09
CMA BPH N . -11.87 -0.07 13.20
C2A BPH N . -13.71 -1.40 12.02
C1A BPH N . -13.06 -2.22 10.92
NA BPH N . -11.93 -2.84 11.37
CAA BPH N . -15.01 -2.04 12.54
CBA BPH N . -15.77 -1.18 13.56
CGA BPH N . -16.70 -1.96 14.44
O1A BPH N . -17.04 -3.10 14.24
O2A BPH N . -17.09 -1.24 15.49
C1 BPH N . -17.99 -1.87 16.45
C2 BPH N . -17.46 -1.46 17.77
C3 BPH N . -17.64 -0.25 18.27
C4 BPH N . -18.41 0.83 17.58
C5 BPH N . -17.02 0.13 19.59
HED1 BPH N . -13.33 2.00 9.80
HED2 BPH N . -11.85 1.77 8.73
HED3 BPH N . -13.49 2.09 7.98
HBD BPH N . -15.57 -1.93 9.22
HMD1 BPH N . -12.07 -3.20 4.45
HMD2 BPH N . -12.39 -4.91 4.69
HMD3 BPH N . -13.72 -3.75 4.72
HD BPH N . -11.14 -4.17 9.37
HHD BPH N . -10.45 -5.45 5.81
H3C BPH N . -7.71 -6.04 6.66
HAC1 BPH N . -9.73 -8.27 6.81
HAC2 BPH N . -8.07 -8.66 6.53
HBC1 BPH N . -8.65 -6.55 4.71
HBC2 BPH N . -10.00 -7.63 4.63
HBC3 BPH N . -8.39 -8.22 4.32
H2C BPH N . -8.03 -8.13 8.84
HMC1 BPH N . -5.94 -5.91 8.68
HMC2 BPH N . -5.75 -7.46 7.87
HMC3 BPH N . -5.85 -7.39 9.62
HHC BPH N . -7.25 -6.89 11.15
HBB1 BPH N . -7.85 -6.96 15.49
HBB2 BPH N . -6.32 -6.12 15.79
HBB3 BPH N . -6.31 -7.76 15.12
HMB1 BPH N . -7.52 -4.28 15.78
HMB2 BPH N . -9.21 -4.66 16.10
HMB3 BPH N . -8.77 -3.04 15.59
HB BPH N . -10.16 -4.39 11.10
HHB BPH N . -10.60 -2.56 14.45
H3A BPH N . -13.02 -1.67 14.07
HMA1 BPH N . -11.31 0.16 12.29
HMA2 BPH N . -12.54 0.77 13.39
HMA3 BPH N . -11.13 -0.08 14.02
H2A BPH N . -13.92 -0.40 11.65
HAA1 BPH N . -14.78 -3.01 12.99
HAA2 BPH N . -15.66 -2.27 11.70
HBA1 BPH N . -16.34 -0.41 13.04
HBA2 BPH N . -15.07 -0.63 14.19
H1C1 BPH N . -19.02 -1.53 16.33
H1C2 BPH N . -17.99 -2.95 16.35
H2 BPH N . -16.91 -2.24 18.31
H4C1 BPH N . -18.36 1.77 18.14
H4C2 BPH N . -19.47 0.57 17.49
H4C3 BPH N . -18.04 1.02 16.58
H5C1 BPH N . -16.09 0.67 19.42
H5C2 BPH N . -17.65 0.86 20.11
C1 UQ7 O . 0.92 -1.09 -12.04
C2 UQ7 O . 0.34 0.27 -12.13
C3 UQ7 O . 0.16 1.01 -11.02
C4 UQ7 O . 0.54 0.49 -9.70
C5 UQ7 O . 1.23 -0.81 -9.61
C6 UQ7 O . 1.41 -1.57 -10.73
CM2 UQ7 O . -1.21 1.36 -13.60
CM3 UQ7 O . -1.61 2.59 -10.59
CM5 UQ7 O . 1.72 -1.20 -8.25
C7 UQ7 O . 2.13 -2.88 -10.74
C8 UQ7 O . 1.38 -3.96 -9.99
C9 UQ7 O . 0.81 -5.04 -10.51
C10 UQ7 O . 0.84 -5.39 -11.97
C11 UQ7 O . 0.08 -6.02 -9.62
C12 UQ7 O . 0.69 -7.43 -9.64
C13 UQ7 O . 1.99 -7.47 -8.91
C14 UQ7 O . 2.25 -8.01 -7.73
C15 UQ7 O . 1.20 -8.69 -6.88
C16 UQ7 O . 3.63 -7.96 -7.12
O1 UQ7 O . 1.00 -1.80 -13.05
O2 UQ7 O . 0.03 0.67 -13.40
O3 UQ7 O . -0.28 2.30 -11.03
O4 UQ7 O . 0.27 1.13 -8.69
C17 UQ7 O . 4.32 -9.32 -7.14
C18 UQ7 O . 5.04 -9.60 -8.43
C19 UQ7 O . 5.69 -10.70 -8.78
C20 UQ7 O . 5.78 -11.92 -7.89
C21 UQ7 O . 6.43 -10.80 -10.08
C22 UQ7 O . 7.89 -10.35 -9.94
C23 UQ7 O . 8.65 -10.51 -11.22
C24 UQ7 O . 9.87 -10.07 -11.49
C25 UQ7 O . 10.72 -9.30 -10.51
C26 UQ7 O . 10.49 -10.29 -12.85
C27 UQ7 O . 11.52 -11.42 -12.87
C28 UQ7 O . 12.88 -10.92 -13.28
C29 UQ7 O . 13.47 -11.06 -14.46
C30 UQ7 O . 12.83 -11.75 -15.64
C31 UQ7 O . 14.86 -10.52 -14.71
C32 UQ7 O . 14.89 -9.08 -15.25
C33 UQ7 O . 15.22 -9.03 -16.72
C34 UQ7 O . 16.19 -8.34 -17.31
C35 UQ7 O . 17.15 -7.45 -16.57
C36 UQ7 O . 16.36 -8.38 -18.80
C37 UQ7 O . 17.25 -9.54 -19.30
C38 UQ7 O . 18.71 -9.20 -19.23
C39 UQ7 O . 19.71 -9.74 -19.93
C40 UQ7 O . 21.14 -9.33 -19.79
C41 UQ7 O . 19.45 -10.83 -20.94
HM21 UQ7 O . -0.96 2.39 -13.33
HM22 UQ7 O . -1.88 0.84 -12.92
HM23 UQ7 O . -1.41 1.19 -14.66
HM31 UQ7 O . -2.07 1.60 -10.59
HM32 UQ7 O . -1.96 3.28 -11.35
HM33 UQ7 O . -1.44 3.02 -9.60
HM51 UQ7 O . 1.83 -0.35 -7.57
HM52 UQ7 O . 2.70 -1.69 -8.27
HM53 UQ7 O . 1.07 -1.89 -7.73
H71 UQ7 O . 3.13 -2.77 -10.31
H72 UQ7 O . 2.31 -3.21 -11.76
H8 UQ7 O . 1.31 -3.77 -8.92
H101 UQ7 O . 1.85 -5.56 -12.34
H102 UQ7 O . 0.42 -4.59 -12.60
H103 UQ7 O . 0.27 -6.28 -12.20
H111 UQ7 O . -0.97 -6.07 -9.92
H112 UQ7 O . 0.05 -5.64 -8.61
H121 UQ7 O . 0.81 -7.76 -10.66
H122 UQ7 O . -0.02 -8.13 -9.19
H13 UQ7 O . 2.81 -7.01 -9.46
H151 UQ7 O . 0.64 -9.45 -7.43
H152 UQ7 O . 0.46 -8.00 -6.48
H153 UQ7 O . 1.63 -9.20 -6.02
H161 UQ7 O . 3.58 -7.58 -6.10
H162 UQ7 O . 4.24 -7.22 -7.65
H171 UQ7 O . 3.59 -10.10 -6.94
H172 UQ7 O . 5.03 -9.38 -6.30
H18 UQ7 O . 4.99 -8.77 -9.13
H201 UQ7 O . 4.84 -12.15 -7.40
H202 UQ7 O . 6.52 -11.82 -7.11
H203 UQ7 O . 6.06 -12.82 -8.45
H211 UQ7 O . 5.93 -10.20 -10.84
H212 UQ7 O . 6.40 -11.82 -10.47
H221 UQ7 O . 8.36 -10.90 -9.13
H222 UQ7 O . 7.92 -9.30 -9.61
H23 UQ7 O . 8.10 -11.06 -11.98
H251 UQ7 O . 10.70 -9.75 -9.52
H252 UQ7 O . 10.40 -8.28 -10.39
H253 UQ7 O . 11.77 -9.27 -10.80
H261 UQ7 O . 10.94 -9.36 -13.19
H262 UQ7 O . 9.70 -10.49 -13.58
H271 UQ7 O . 11.19 -12.21 -13.54
H272 UQ7 O . 11.57 -11.88 -11.89
H28 UQ7 O . 13.41 -10.40 -12.49
H301 UQ7 O . 12.45 -12.74 -15.40
H302 UQ7 O . 13.53 -11.90 -16.47
H303 UQ7 O . 11.99 -11.20 -16.06
H311 UQ7 O . 15.39 -11.16 -15.40
H312 UQ7 O . 15.45 -10.56 -13.79
H321 UQ7 O . 15.59 -8.49 -14.68
H322 UQ7 O . 13.91 -8.61 -15.07
H33 UQ7 O . 14.57 -9.67 -17.32
H351 UQ7 O . 16.65 -6.65 -16.02
H352 UQ7 O . 17.85 -6.95 -17.23
H353 UQ7 O . 17.75 -8.00 -15.84
H361 UQ7 O . 16.78 -7.44 -19.15
H362 UQ7 O . 15.39 -8.44 -19.28
H371 UQ7 O . 16.96 -9.81 -20.32
H372 UQ7 O . 17.04 -10.43 -18.71
H38 UQ7 O . 18.93 -8.43 -18.51
H401 UQ7 O . 21.41 -9.06 -18.76
H402 UQ7 O . 21.39 -8.45 -20.39
H403 UQ7 O . 21.84 -10.10 -20.09
H411 UQ7 O . 18.72 -10.50 -21.68
H412 UQ7 O . 20.35 -11.04 -21.51
MG BCL P . 0.64 -16.40 12.84
CHA BCL P . -2.71 -15.66 12.61
CHB BCL P . 1.28 -13.87 10.64
CHC BCL P . 3.96 -16.79 13.44
CHD BCL P . -0.02 -18.27 15.73
NA BCL P . -0.58 -14.96 11.82
C1A BCL P . -1.96 -14.92 11.74
C2A BCL P . -2.43 -14.04 10.64
C3A BCL P . -1.13 -13.44 10.05
C4A BCL P . -0.07 -14.09 10.87
CMA BCL P . -0.93 -13.73 8.57
CAA BCL P . -3.36 -12.94 11.15
CBA BCL P . -4.18 -12.31 10.06
CGA BCL P . -4.70 -10.97 10.42
O1A BCL P . -4.76 -10.07 9.69
O2A BCL P . -5.08 -10.87 11.69
NB BCL P . 2.34 -15.47 12.18
C1B BCL P . 2.40 -14.47 11.21
C2B BCL P . 3.74 -14.15 10.92
C3B BCL P . 4.56 -14.99 11.70
C4B BCL P . 3.63 -15.80 12.48
CMB BCL P . 4.15 -13.06 9.93
CAB BCL P . 6.01 -15.10 11.75
OBB BCL P . 6.59 -16.12 12.17
CBB BCL P . 6.89 -13.96 11.30
NC BCL P . 1.77 -17.33 14.38
C1C BCL P . 3.12 -17.47 14.33
C2C BCL P . 3.60 -18.52 15.27
C3C BCL P . 2.44 -18.57 16.25
C4C BCL P . 1.30 -18.13 15.39
CMC BCL P . 3.92 -19.84 14.60
CAC BCL P . 2.61 -17.67 17.47
CBC BCL P . 3.27 -18.41 18.60
ND BCL P . -0.98 -16.84 14.00
C1D BCL P . -1.16 -17.70 15.08
C2D BCL P . -2.55 -17.86 15.40
C3D BCL P . -3.22 -17.09 14.43
C4D BCL P . -2.25 -16.50 13.64
CMD BCL P . -3.12 -18.67 16.54
CAD BCL P . -4.47 -16.75 13.85
OBD BCL P . -5.64 -16.93 14.25
CBD BCL P . -4.20 -16.02 12.52
CGD BCL P . -4.51 -16.88 11.37
O1D BCL P . -5.36 -16.66 10.55
O2D BCL P . -3.76 -17.98 11.28
CED BCL P . -3.86 -18.79 10.09
C1 BCL P . -5.60 -9.59 12.13
C2 BCL P . -7.07 -9.55 11.80
C3 BCL P . -8.00 -10.01 12.59
C4 BCL P . -7.76 -10.64 13.95
C5 BCL P . -9.47 -9.93 12.19
C6 BCL P . -10.36 -9.24 13.22
C7 BCL P . -11.47 -8.46 12.54
C8 BCL P . -12.55 -7.99 13.50
C9 BCL P . -13.91 -7.94 12.80
C10 BCL P . -12.21 -6.59 14.02
C11 BCL P . -12.88 -6.32 15.34
C12 BCL P . -12.91 -4.84 15.65
C13 BCL P . -13.07 -4.58 17.16
C14 BCL P . -14.49 -4.12 17.48
C15 BCL P . -12.03 -3.54 17.65
C16 BCL P . -12.50 -2.12 17.85
C17 BCL P . -11.35 -1.07 17.90
C18 BCL P . -11.79 0.25 17.24
C19 BCL P . -10.53 1.03 16.82
C20 BCL P . -12.70 1.10 18.14
HHB BCL P . 1.48 -13.07 9.92
HHC BCL P . 5.02 -17.03 13.54
HHD BCL P . -0.22 -18.85 16.64
H2A BCL P . -2.92 -14.64 9.87
H3A BCL P . -1.16 -12.37 10.22
HMA1 BCL P . -0.91 -14.80 8.41
HMA2 BCL P . -1.75 -13.29 8.00
HMA3 BCL P . 0.01 -13.29 8.24
HAA1 BCL P . -2.77 -12.17 11.65
HAA2 BCL P . -4.04 -13.37 11.91
HBA1 BCL P . -5.03 -12.97 9.82
HBA2 BCL P . -3.57 -12.23 9.15
HMB1 BCL P . 3.29 -12.41 9.75
HMB2 BCL P . 4.97 -12.48 10.34
HMB3 BCL P . 4.47 -13.52 8.99
HBB1 BCL P . 6.69 -13.74 10.26
HBB2 BCL P . 7.93 -14.25 11.41
HBB3 BCL P . 6.68 -13.08 11.91
H2C BCL P . 4.50 -18.18 15.79
H3C BCL P . 2.30 -19.60 16.57
HMC1 BCL P . 3.04 -20.20 14.07
HMC2 BCL P . 4.73 -19.69 13.88
HMC3 BCL P . 4.22 -20.57 15.35
HAC1 BCL P . 1.64 -17.30 17.80
HAC2 BCL P . 3.23 -16.81 17.21
HBC1 BCL P . 4.29 -18.68 18.32
HBC2 BCL P . 2.71 -19.32 18.82
HBC3 BCL P . 3.30 -17.77 19.49
HMD1 BCL P . -3.78 -19.44 16.14
HMD2 BCL P . -3.68 -18.02 17.20
HMD3 BCL P . -2.31 -19.15 17.09
HBD BCL P . -4.82 -15.13 12.48
HED1 BCL P . -3.51 -18.21 9.22
HED2 BCL P . -3.25 -19.69 10.20
HED3 BCL P . -4.90 -19.08 9.93
H11 BCL P . -5.44 -9.46 13.20
H12 BCL P . -5.07 -8.77 11.63
H2 BCL P . -7.37 -9.16 10.82
H41 BCL P . -7.30 -9.92 14.61
H42 BCL P . -8.71 -10.97 14.37
H43 BCL P . -7.09 -11.51 13.83
H51 BCL P . -9.85 -10.94 12.01
H52 BCL P . -9.54 -9.37 11.24
H61 BCL P . -10.79 -9.99 13.87
H62 BCL P . -9.76 -8.57 13.83
H71 BCL P . -11.93 -9.09 11.78
H72 BCL P . -11.04 -7.59 12.03
H8 BCL P . -12.59 -8.69 14.33
H91 BCL P . -14.15 -8.93 12.41
H92 BCL P . -14.68 -7.63 13.51
H93 BCL P . -13.87 -7.22 11.98
H101 BCL P . -12.54 -5.85 13.30
H102 BCL P . -11.14 -6.51 14.15
H111 BCL P . -13.90 -6.70 15.32
H112 BCL P . -12.34 -6.83 16.14
H121 BCL P . -11.99 -4.37 15.30
H122 BCL P . -13.74 -4.38 15.12
H13 BCL P . -12.83 -5.48 17.71
H141 BCL P . -15.19 -4.94 17.32
H142 BCL P . -14.54 -3.80 18.52
H143 BCL P . -14.76 -3.28 16.83
H151 BCL P . -11.21 -3.52 16.94
H152 BCL P . -11.63 -3.89 18.60
H161 BCL P . -13.19 -1.85 17.05
H162 BCL P . -13.07 -2.06 18.79
H171 BCL P . -11.07 -0.88 18.94
H172 BCL P . -10.48 -1.47 17.39
H18 BCL P . -12.28 0.00 16.30
H191 BCL P . -9.76 0.34 16.49
H192 BCL P . -10.79 1.68 15.98
H201 BCL P . -12.12 1.51 18.95
H202 BCL P . -13.50 0.46 18.55
H203 BCL P . -13.14 1.91 17.55
MG BCL Q . -4.50 -9.02 18.60
CHA BCL Q . -1.80 -6.85 18.41
CHB BCL Q . -6.50 -6.33 19.17
CHC BCL Q . -7.16 -10.86 17.51
CHD BCL Q . -2.40 -11.66 17.77
NA BCL Q . -4.16 -6.89 18.73
C1A BCL Q . -2.97 -6.19 18.71
C2A BCL Q . -3.20 -4.72 18.87
C3A BCL Q . -4.59 -4.70 19.54
C4A BCL Q . -5.17 -5.99 19.07
CMA BCL Q . -4.52 -4.60 21.06
CAA BCL Q . -3.15 -3.94 17.54
CBA BCL Q . -4.27 -4.32 16.56
CGA BCL Q . -4.15 -3.65 15.25
O1A BCL Q . -3.16 -3.51 14.66
O2A BCL Q . -5.33 -3.20 14.79
NB BCL Q . -6.50 -8.67 18.33
C1B BCL Q . -7.16 -7.49 18.68
C2B BCL Q . -8.55 -7.65 18.47
C3B BCL Q . -8.75 -8.93 17.98
C4B BCL Q . -7.45 -9.56 17.92
CMB BCL Q . -9.55 -6.55 18.76
CAB BCL Q . -9.95 -9.62 17.55
OBB BCL Q . -10.01 -10.85 17.32
CBB BCL Q . -11.21 -8.85 17.36
NC BCL Q . -4.74 -10.96 17.74
C1C BCL Q . -5.93 -11.55 17.45
C2C BCL Q . -5.83 -13.01 17.24
C3C BCL Q . -4.33 -13.27 17.29
C4C BCL Q . -3.75 -11.90 17.57
CMC BCL Q . -6.60 -13.83 18.27
CAC BCL Q . -3.76 -13.94 16.01
CBC BCL Q . -4.05 -13.16 14.75
ND BCL Q . -2.55 -9.23 18.09
C1D BCL Q . -1.77 -10.38 17.93
C2D BCL Q . -0.39 -10.08 17.99
C3D BCL Q . -0.32 -8.70 18.18
C4D BCL Q . -1.64 -8.23 18.23
CMD BCL Q . 0.74 -11.06 17.87
CAD BCL Q . 0.51 -7.63 18.57
OBD BCL Q . 1.73 -7.59 18.81
CBD BCL Q . -0.36 -6.35 18.64
CGD BCL Q . -0.17 -5.66 19.92
O1D BCL Q . 0.26 -4.53 20.05
O2D BCL Q . -0.49 -6.40 20.97
CED BCL Q . -0.39 -5.77 22.27
C1 BCL Q . -5.41 -2.52 13.50
C2 BCL Q . -6.50 -1.46 13.64
C3 BCL Q . -6.25 -0.21 13.96
C4 BCL Q . -4.86 0.37 14.22
C5 BCL Q . -7.38 0.81 14.09
HHB BCL Q . -7.15 -5.60 19.67
HHC BCL Q . -8.02 -11.45 17.20
HHD BCL Q . -1.74 -12.52 17.80
H2A BCL Q . -2.46 -4.28 19.55
H3A BCL Q . -5.16 -3.85 19.17
HMA1 BCL Q . -3.88 -5.40 21.44
HMA2 BCL Q . -4.10 -3.64 21.35
HMA3 BCL Q . -5.51 -4.71 21.48
HAA1 BCL Q . -2.19 -4.13 17.06
HAA2 BCL Q . -3.22 -2.88 17.76
HBA1 BCL Q . -5.23 -4.07 17.01
HBA2 BCL Q . -4.25 -5.41 16.40
HMB1 BCL Q . -9.73 -5.97 17.87
HMB2 BCL Q . -10.49 -6.99 19.11
HMB3 BCL Q . -9.16 -5.89 19.54
HBB1 BCL Q . -10.99 -7.91 16.86
HBB2 BCL Q . -11.91 -9.43 16.78
HBB3 BCL Q . -11.64 -8.62 18.34
H2C BCL Q . -6.21 -13.25 16.24
H3C BCL Q . -4.12 -13.92 18.15
HMC1 BCL Q . -6.25 -13.59 19.27
HMC2 BCL Q . -7.67 -13.60 18.20
HMC3 BCL Q . -6.45 -14.89 18.08
HAC1 BCL Q . -2.69 -14.06 16.13
HAC2 BCL Q . -4.21 -14.93 15.92
HBC1 BCL Q . -4.00 -12.09 14.96
HBC2 BCL Q . -5.04 -13.41 14.38
HBC3 BCL Q . -3.30 -13.41 13.99
HMD1 BCL Q . 1.43 -10.94 18.71
HMD2 BCL Q . 1.28 -10.89 16.94
HMD3 BCL Q . 0.34 -12.08 17.88
HBD BCL Q . -0.07 -5.69 17.82
HED1 BCL Q . -1.06 -4.93 22.33
HED2 BCL Q . 0.64 -5.43 22.43
HED3 BCL Q . -0.64 -6.50 23.05
H11 BCL Q . -5.65 -3.22 12.70
H12 BCL Q . -4.45 -2.05 13.26
H2 BCL Q . -7.53 -1.76 13.54
H41 BCL Q . -4.34 0.52 13.27
H42 BCL Q . -4.28 -0.33 14.84
H43 BCL Q . -4.95 1.32 14.75
H51 BCL Q . -8.00 0.77 13.19
H52 BCL Q . -6.97 1.82 14.16
FE FE R . -5.07 4.02 -5.59
N1 LDA S . 2.35 -22.87 1.05
O1 LDA S . 2.54 -22.93 2.42
CM1 LDA S . 3.47 -23.59 0.38
CM2 LDA S . 1.08 -23.55 0.70
C1 LDA S . 2.22 -21.42 0.59
C2 LDA S . 3.44 -20.85 -0.09
C3 LDA S . 3.22 -19.38 -0.41
C4 LDA S . 3.01 -19.10 -1.90
C5 LDA S . 2.79 -17.62 -2.21
C6 LDA S . 1.83 -17.37 -3.36
C7 LDA S . 1.54 -15.90 -3.61
C8 LDA S . 0.34 -15.64 -4.50
C9 LDA S . -0.02 -14.17 -4.64
C10 LDA S . -1.37 -13.93 -5.30
C11 LDA S . -1.76 -12.46 -5.42
C12 LDA S . -3.26 -12.25 -5.53
HM11 LDA S . 4.45 -23.21 0.67
HM12 LDA S . 3.45 -23.52 -0.70
HM13 LDA S . 3.49 -24.65 0.61
HM21 LDA S . 0.24 -23.11 1.25
HM22 LDA S . 1.11 -24.61 0.95
HM23 LDA S . 0.85 -23.47 -0.36
H11 LDA S . 1.96 -20.83 1.46
H12 LDA S . 1.36 -21.37 -0.08
H21 LDA S . 3.69 -21.39 -1.00
H22 LDA S . 4.33 -20.95 0.54
H31 LDA S . 4.05 -18.79 -0.04
H32 LDA S . 2.36 -19.01 0.14
H41 LDA S . 3.86 -19.46 -2.46
H42 LDA S . 2.17 -19.68 -2.27
H51 LDA S . 3.75 -17.15 -2.42
H52 LDA S . 2.43 -17.12 -1.32
H61 LDA S . 0.89 -17.91 -3.18
H62 LDA S . 2.22 -17.82 -4.27
H71 LDA S . 2.42 -15.42 -4.04
H72 LDA S . 1.40 -15.39 -2.66
H81 LDA S . 0.50 -16.08 -5.48
H82 LDA S . -0.52 -16.19 -4.10
H91 LDA S . 0.01 -13.68 -3.67
H92 LDA S . 0.76 -13.66 -5.21
H101 LDA S . -2.14 -14.45 -4.74
H102 LDA S . -1.38 -14.38 -6.28
H111 LDA S . -1.38 -11.90 -4.57
H112 LDA S . -1.26 -12.02 -6.28
H121 LDA S . -3.73 -13.04 -6.10
H122 LDA S . -3.50 -11.31 -6.03
H123 LDA S . -3.74 -12.23 -4.55
N1 LDA T . -21.84 -5.18 -6.02
O1 LDA T . -21.44 -3.88 -5.72
CM1 LDA T . -22.42 -5.79 -4.79
CM2 LDA T . -22.88 -5.14 -7.09
C1 LDA T . -20.65 -5.99 -6.50
C2 LDA T . -19.66 -6.32 -5.40
C3 LDA T . -18.29 -6.69 -5.96
C4 LDA T . -17.79 -8.06 -5.50
C5 LDA T . -16.28 -8.16 -5.31
C6 LDA T . -15.85 -8.06 -3.85
C7 LDA T . -14.42 -8.49 -3.58
C8 LDA T . -14.24 -9.13 -2.21
C9 LDA T . -14.84 -10.51 -2.09
C10 LDA T . -15.41 -10.85 -0.71
C11 LDA T . -14.68 -11.98 0.01
C12 LDA T . -15.42 -12.49 1.23
HM11 LDA T . -21.86 -5.55 -3.90
HM12 LDA T . -23.44 -5.46 -4.61
HM13 LDA T . -22.46 -6.87 -4.84
HM21 LDA T . -23.12 -4.11 -7.36
HM22 LDA T . -22.53 -5.64 -7.99
HM23 LDA T . -23.79 -5.63 -6.77
H11 LDA T . -20.16 -5.43 -7.30
H12 LDA T . -21.03 -6.91 -6.96
H21 LDA T . -19.54 -5.48 -4.72
H22 LDA T . -20.02 -7.13 -4.78
H31 LDA T . -18.31 -6.67 -7.04
H32 LDA T . -17.56 -5.94 -5.68
H41 LDA T . -18.11 -8.82 -6.22
H42 LDA T . -18.30 -8.34 -4.58
H51 LDA T . -15.92 -9.08 -5.74
H52 LDA T . -15.78 -7.38 -5.89
H61 LDA T . -16.53 -8.65 -3.24
H62 LDA T . -15.99 -7.04 -3.50
H71 LDA T . -14.09 -9.19 -4.35
H72 LDA T . -13.75 -7.64 -3.68
H81 LDA T . -14.65 -8.47 -1.44
H82 LDA T . -13.17 -9.17 -1.96
H91 LDA T . -14.10 -11.26 -2.37
H92 LDA T . -15.64 -10.62 -2.83
H101 LDA T . -16.46 -11.10 -0.81
H102 LDA T . -15.39 -9.96 -0.09
H111 LDA T . -13.69 -11.64 0.31
H112 LDA T . -14.50 -12.79 -0.68
H121 LDA T . -16.41 -12.02 1.34
H122 LDA T . -14.89 -12.30 2.15
H123 LDA T . -15.60 -13.57 1.18
P PO4 U . -17.34 -5.14 -9.83
O1 PO4 U . -17.27 -5.06 -11.33
O2 PO4 U . -18.75 -4.84 -9.37
O3 PO4 U . -16.39 -4.15 -9.22
O4 PO4 U . -16.98 -6.54 -9.41
C18 OLC V . -11.81 3.00 33.40
C10 OLC V . -10.85 -2.13 27.80
C9 OLC V . -10.80 -2.96 26.78
C17 OLC V . -13.17 2.39 33.11
C11 OLC V . -9.94 -2.12 28.99
C8 OLC V . -9.84 -4.10 26.62
C24 OLC V . -13.51 -12.69 20.33
C16 OLC V . -13.33 1.98 31.65
C12 OLC V . -9.73 -0.74 29.62
C7 OLC V . -9.74 -4.66 25.21
C15 OLC V . -13.00 0.53 31.36
C13 OLC V . -10.70 -0.39 30.73
C6 OLC V . -8.90 -5.92 25.15
C14 OLC V . -11.97 0.30 30.26
C5 OLC V . -8.59 -6.42 23.75
C4 OLC V . -8.67 -7.92 23.62
C3 OLC V . -7.96 -8.49 22.41
C2 OLC V . -8.49 -9.86 21.99
C21 OLC V . -11.67 -10.98 20.47
C1 OLC V . -9.90 -9.78 21.46
C22 OLC V . -12.01 -12.46 20.37
O19 OLC V . -10.57 -8.78 21.47
O25 OLC V . -13.81 -14.07 20.45
O23 OLC V . -11.40 -13.01 19.21
O20 OLC V . -10.31 -10.95 20.98
H18 OLC V . -10.99 2.30 33.20
H18A OLC V . -11.71 3.29 34.43
H18B OLC V . -11.62 3.88 32.80
H10 OLC V . -11.60 -1.34 27.82
H9 OLC V . -11.50 -2.86 25.95
H17 OLC V . -13.33 1.53 33.76
H17A OLC V . -13.95 3.10 33.38
H11 OLC V . -8.99 -2.56 28.70
H11A OLC V . -10.35 -2.81 29.73
H8 OLC V . -8.86 -3.77 26.98
H8A OLC V . -10.13 -4.88 27.32
H24 OLC V . -13.91 -12.28 19.39
H24A OLC V . -13.99 -12.12 21.12
H16 OLC V . -14.35 2.19 31.33
H16A OLC V . -12.72 2.63 31.02
H12 OLC V . -9.76 0.02 28.84
H12A OLC V . -8.70 -0.69 30.01
H7 OLC V . -10.73 -4.85 24.82
H7A OLC V . -9.32 -3.89 24.55
H15 OLC V . -12.64 0.06 32.28
H15A OLC V . -13.91 -0.01 31.12
H13 OLC V . -10.20 0.25 31.47
H13A OLC V . -10.96 -1.29 31.29
H6 OLC V . -7.96 -5.76 25.69
H6A OLC V . -9.40 -6.72 25.71
H14 OLC V . -12.42 -0.28 29.46
H14A OLC V . -11.73 1.26 29.80
H5 OLC V . -9.27 -5.95 23.04
H5A OLC V . -7.60 -6.07 23.45
H4 OLC V . -8.28 -8.39 24.53
H4A OLC V . -9.72 -8.23 23.60
H3 OLC V . -8.04 -7.79 21.57
H3A OLC V . -6.89 -8.57 22.60
H2 OLC V . -7.85 -10.31 21.23
H2A OLC V . -8.46 -10.56 22.82
H21 OLC V . -11.71 -10.48 19.51
H21A OLC V . -12.32 -10.45 21.14
H22 OLC V . -11.55 -13.03 21.16
HO25 OLC V . -13.08 -14.46 20.99
HO23 OLC V . -11.84 -13.88 19.01
CMA SPN W . -11.95 3.36 33.79
O1 SPN W . -11.93 2.37 32.74
CM1 SPN W . -13.68 0.77 33.35
CM2 SPN W . -14.24 2.89 32.14
C1 SPN W . -13.19 1.82 32.37
C2 SPN W . -12.90 1.13 31.03
O2 SPN W . -13.74 1.14 30.16
C3 SPN W . -11.57 0.43 30.83
C4 SPN W . -11.67 -0.68 29.80
C5 SPN W . -10.66 -1.25 29.15
CM3 SPN W . -9.22 -0.87 29.33
C6 SPN W . -10.93 -2.35 28.16
C7 SPN W . -9.68 -2.98 27.52
C8 SPN W . -10.05 -3.98 26.45
C9 SPN W . -9.36 -5.05 26.04
CM4 SPN W . -8.04 -5.46 26.62
C10 SPN W . -9.90 -5.93 24.93
C11 SPN W . -8.83 -6.82 24.27
C12 SPN W . -9.41 -7.65 23.16
C13 SPN W . -8.76 -8.45 22.32
CM5 SPN W . -7.27 -8.64 22.35
C14 SPN W . -9.49 -9.22 21.25
C15 SPN W . -10.33 -10.38 21.77
C16 SPN W . -11.49 -10.71 20.83
C17 SPN W . -11.58 -12.19 20.43
C18 SPN W . -12.89 -12.83 20.75
CM6 SPN W . -12.83 -13.98 21.71
C19 SPN W . -14.02 -12.40 20.20
C20 SPN W . -15.41 -12.95 20.40
C21 SPN W . -16.31 -12.67 19.20
C22 SPN W . -17.33 -13.76 18.88
CM7 SPN W . -17.51 -13.92 17.38
C23 SPN W . -18.67 -13.53 19.60
C24 SPN W . -19.02 -14.81 20.37
C25 SPN W . -20.44 -14.83 20.87
C26 SPN W . -20.92 -15.52 21.89
CM8 SPN W . -20.07 -16.44 22.73
C27 SPN W . -22.38 -15.47 22.28
C28 SPN W . -23.10 -14.12 22.09
C29 SPN W . -24.42 -14.32 21.40
C30 SPN W . -24.63 -14.71 20.15
CM9 SPN W . -23.50 -15.00 19.20
CMB SPN W . -26.00 -14.89 19.56
HMA1 SPN W . -12.81 3.29 34.44
HMA2 SPN W . -11.95 4.38 33.42
HMA3 SPN W . -11.08 3.30 34.45
HM11 SPN W . -12.93 0.01 33.55
HM12 SPN W . -14.56 0.24 32.99
HM13 SPN W . -13.95 1.20 34.31
HM21 SPN W . -15.13 2.49 31.65
HM22 SPN W . -13.88 3.70 31.52
HM23 SPN W . -14.58 3.33 33.08
H31 SPN W . -10.82 1.16 30.50
H32 SPN W . -11.21 0.03 31.77
H4 SPN W . -12.69 -1.00 29.62
HM31 SPN W . -9.06 -0.18 30.16
HM32 SPN W . -8.58 -1.73 29.54
HM33 SPN W . -8.80 -0.38 28.46
H61 SPN W . -11.58 -1.96 27.37
H62 SPN W . -11.51 -3.13 28.65
H71 SPN W . -9.05 -2.20 27.11
H72 SPN W . -9.08 -3.46 28.29
H8 SPN W . -11.01 -3.76 25.97
HM41 SPN W . -7.26 -5.56 25.87
HM42 SPN W . -7.67 -4.77 27.37
HM43 SPN W . -8.08 -6.43 27.12
H101 SPN W . -10.38 -5.32 24.19
H102 SPN W . -10.70 -6.56 25.33
H111 SPN W . -8.03 -6.19 23.90
H112 SPN W . -8.38 -7.45 25.03
H12 SPN W . -10.49 -7.55 23.07
HM51 SPN W . -6.91 -9.04 23.30
HM52 SPN W . -6.92 -9.32 21.58
HM53 SPN W . -6.73 -7.71 22.19
H141 SPN W . -8.76 -9.58 20.52
H142 SPN W . -10.12 -8.53 20.68
H151 SPN W . -10.70 -10.14 22.76
H152 SPN W . -9.70 -11.25 21.90
H161 SPN W . -11.44 -10.11 19.93
H162 SPN W . -12.43 -10.43 21.30
H171 SPN W . -10.76 -12.73 20.91
H172 SPN W . -11.35 -12.28 19.36
HM61 SPN W . -13.75 -14.06 22.30
HM62 SPN W . -12.00 -13.87 22.41
HM63 SPN W . -12.70 -14.93 21.19
H19 SPN W . -14.00 -11.55 19.52
H201 SPN W . -15.81 -12.52 21.32
H202 SPN W . -15.33 -14.01 20.61
H211 SPN W . -15.66 -12.50 18.33
H212 SPN W . -16.80 -11.71 19.36
H22 SPN W . -16.92 -14.69 19.29
HM71 SPN W . -17.63 -12.96 16.88
HM72 SPN W . -16.67 -14.42 16.91
HM73 SPN W . -18.39 -14.51 17.14
H231 SPN W . -18.63 -12.68 20.28
H232 SPN W . -19.47 -13.29 18.90
H241 SPN W . -18.88 -15.70 19.76
H242 SPN W . -18.37 -14.95 21.22
H25 SPN W . -21.11 -14.19 20.30
HM81 SPN W . -19.37 -17.02 22.14
HM82 SPN W . -20.66 -17.17 23.28
HM83 SPN W . -19.48 -15.90 23.46
H271 SPN W . -22.48 -15.77 23.32
H272 SPN W . -22.92 -16.24 21.72
H281 SPN W . -22.46 -13.45 21.52
H282 SPN W . -23.23 -13.65 23.06
H29 SPN W . -25.28 -14.11 22.04
HM91 SPN W . -22.92 -14.12 18.94
HM92 SPN W . -23.84 -15.43 18.26
HM93 SPN W . -22.79 -15.73 19.60
HMB1 SPN W . -26.41 -13.97 19.16
HMB2 SPN W . -26.73 -15.23 20.30
HMB3 SPN W . -26.02 -15.62 18.76
N1 LDA X . 7.20 -12.30 -21.59
O1 LDA X . 8.27 -12.81 -22.30
CM1 LDA X . 6.48 -11.32 -22.46
CM2 LDA X . 6.27 -13.43 -21.26
C1 LDA X . 7.68 -11.62 -20.32
C2 LDA X . 6.59 -11.01 -19.46
C3 LDA X . 5.97 -12.00 -18.49
C4 LDA X . 6.16 -11.65 -17.02
C5 LDA X . 7.31 -12.38 -16.35
C6 LDA X . 6.87 -13.44 -15.36
C7 LDA X . 6.00 -12.91 -14.23
C8 LDA X . 6.37 -13.44 -12.86
C9 LDA X . 6.19 -14.93 -12.67
C10 LDA X . 6.82 -15.47 -11.40
C11 LDA X . 5.90 -15.52 -10.19
C12 LDA X . 5.13 -16.81 -10.08
HM11 LDA X . 5.45 -11.16 -22.15
HM12 LDA X . 6.44 -11.63 -23.50
HM13 LDA X . 6.95 -10.34 -22.46
HM21 LDA X . 5.31 -13.06 -20.91
HM22 LDA X . 6.08 -14.05 -22.14
HM23 LDA X . 6.68 -14.07 -20.49
H11 LDA X . 8.24 -12.36 -19.74
H12 LDA X . 8.40 -10.86 -20.61
H21 LDA X . 6.98 -10.16 -18.89
H22 LDA X . 5.80 -10.59 -20.08
H31 LDA X . 4.90 -12.10 -18.70
H32 LDA X . 6.37 -13.00 -18.66
H41 LDA X . 5.24 -11.84 -16.47
H42 LDA X . 6.31 -10.57 -16.92
H51 LDA X . 7.96 -11.65 -15.85
H52 LDA X . 7.95 -12.83 -17.12
H61 LDA X . 6.35 -14.23 -15.88
H62 LDA X . 7.75 -13.93 -14.94
H71 LDA X . 6.04 -11.82 -14.23
H72 LDA X . 4.96 -13.14 -14.44
H81 LDA X . 7.41 -13.17 -12.63
H82 LDA X . 5.79 -12.91 -12.10
H91 LDA X . 6.60 -15.45 -13.54
H92 LDA X . 5.13 -15.17 -12.69
H101 LDA X . 7.22 -16.47 -11.58
H102 LDA X . 7.71 -14.87 -11.15
H111 LDA X . 5.21 -14.68 -10.22
H112 LDA X . 6.48 -15.35 -9.27
H121 LDA X . 4.81 -17.18 -11.05
H122 LDA X . 5.73 -17.61 -9.62
H123 LDA X . 4.23 -16.71 -9.47
P PO4 Y . 8.84 16.42 1.24
O1 PO4 Y . 9.59 16.80 -0.01
O2 PO4 Y . 7.37 16.24 0.92
O3 PO4 Y . 8.99 17.53 2.27
O4 PO4 Y . 9.39 15.13 1.82
CL CL Z . -25.91 4.36 10.84
C1 CIT AA . -33.36 5.99 10.21
O1 CIT AA . -34.52 5.58 9.80
O2 CIT AA . -33.04 6.07 11.38
C2 CIT AA . -32.41 6.38 9.10
C3 CIT AA . -31.44 5.29 8.66
O7 CIT AA . -30.25 5.89 8.16
C4 CIT AA . -31.08 4.44 9.89
C5 CIT AA . -29.80 3.65 9.73
O3 CIT AA . -29.43 3.50 8.48
O4 CIT AA . -29.18 3.19 10.67
C6 CIT AA . -32.05 4.41 7.57
O5 CIT AA . -33.36 4.53 7.48
O6 CIT AA . -31.39 3.68 6.85
H21 CIT AA . -33.00 6.71 8.23
H22 CIT AA . -31.85 7.27 9.39
HO7 CIT AA . -30.31 5.87 7.17
H41 CIT AA . -31.90 3.77 10.12
H42 CIT AA . -31.00 5.09 10.76
#